data_7AYQ
#
_entry.id   7AYQ
#
_cell.length_a   149.505
_cell.length_b   149.505
_cell.length_c   269.331
_cell.angle_alpha   90.000
_cell.angle_beta   90.000
_cell.angle_gamma   120.000
#
_symmetry.space_group_name_H-M   'P 61'
#
loop_
_entity.id
_entity.type
_entity.pdbx_description
1 polymer 'Dipeptidyl peptidase 8'
2 non-polymer 'trimethylamine oxide'
3 non-polymer 'PHOSPHATE ION'
4 non-polymer GLYCEROL
5 non-polymer ~{N}-[3-[4-[(4-bromophenyl)methyl]piperazin-1-yl]carbonylphenyl]-2-ethyl-2-methanoyl-butanamide
6 water water
#
_entity_poly.entity_id   1
_entity_poly.type   'polypeptide(L)'
_entity_poly.pdbx_seq_one_letter_code
;MWKRSEQMKIKSGKCNMAAAMETEQLGVEIFETADCEENIESQDRPKLEPFYVERYSWSQLKKLLADTRKYHGYMMAKAP
HDFMFVKRNDPDGPHSDRIYYLAMSGENRENTLFYSEIPKTINRAAVLMLSWKPLLDLFQATLDYGMYSREEELLRERKR
IGTVGIASYDYHQGSGTFLFQAGSGIYHVKDGGPQGFTQQPLRPNLVETSCPNIRMDPKLCPADPDWIAFIHSNDIWISN
IVTREERRLTYVHNELANMEEDARSAGVATFVLQEEFDRYSGYWWCPKAETTPSGGKILRILYEENDESEVEIIHVTSPM
LETRRADSFRYPKTGTANPKVTFKMSEIMIDAEGRIIDVIDKELIQPFEILFEGVEYIARAGWTPEGKYAWSILLDRSQT
RLQIVLISPELFIPVEDDVMERQRLIESVPDSVTPLIIYEETTDIWINIHDIFHVFPQSHEEEIEFIFASECKTGFRHLY
KITSILKESKYKRSSGGLPAPSDFKCPIKEEIAITSGEWEVLGRHGSNIQVDEVRRLVYFEGTKDSPLEHHLYVVSYVNP
GEVTRLTDRGYSHSCCISQHCDFFISKYSNQKNPHCVSLYKLSSPEDDPTCKTKEFWATILDSAGPLPDYTPPEIFSFES
TTGFTLYGMLYKPHDLQPGKKYPTVLFIYGGPQVQLVNNRFKGVKYFRLNTLASLGYVVVVIDNRGSCHRGLKFEGAFKY
KMGQIEIDDQVEGLQYLASRYDFIDLDRVGIHGWSYGGYLSLMALMQRSDIFRVAIAGAPVTLWIFYDTGYTERYMGHPD
QNEQGYYLGSVAMQAEKFPSEPNRLLLLHGFLDENVHFAHTSILLSFLVRAGKPYDLQIYPQERHSIRVPESGEHYELHL
LHYLQENLGSRIAALKVI
;
_entity_poly.pdbx_strand_id   A,B
#
# COMPACT_ATOMS: atom_id res chain seq x y z
N LEU A 48 -36.54 23.25 27.41
CA LEU A 48 -36.00 22.64 26.16
C LEU A 48 -35.42 21.25 26.48
N GLU A 49 -36.18 20.20 26.22
CA GLU A 49 -35.82 18.80 26.61
C GLU A 49 -35.19 18.08 25.42
N PRO A 50 -33.94 17.56 25.52
CA PRO A 50 -33.27 16.95 24.37
C PRO A 50 -33.95 15.68 23.81
N PHE A 51 -34.16 15.65 22.48
CA PHE A 51 -34.54 14.41 21.73
C PHE A 51 -33.30 13.53 21.60
N TYR A 52 -33.51 12.23 21.80
CA TYR A 52 -32.49 11.15 21.69
C TYR A 52 -32.99 10.21 20.59
N VAL A 53 -32.16 9.88 19.60
CA VAL A 53 -32.67 9.08 18.45
C VAL A 53 -32.85 7.65 18.97
N GLU A 54 -33.81 6.91 18.41
CA GLU A 54 -34.04 5.48 18.72
C GLU A 54 -32.69 4.77 18.52
N ARG A 55 -32.24 4.04 19.54
CA ARG A 55 -30.93 3.36 19.54
C ARG A 55 -31.10 1.99 18.87
N TYR A 56 -30.98 1.94 17.54
CA TYR A 56 -31.09 0.72 16.72
C TYR A 56 -29.83 -0.16 16.88
N SER A 57 -29.99 -1.46 16.75
CA SER A 57 -28.88 -2.43 16.61
C SER A 57 -28.28 -2.26 15.22
N TRP A 58 -27.05 -2.72 15.03
CA TRP A 58 -26.40 -2.80 13.70
C TRP A 58 -27.35 -3.49 12.72
N SER A 59 -27.91 -4.64 13.10
CA SER A 59 -28.80 -5.43 12.20
C SER A 59 -30.04 -4.61 11.86
N GLN A 60 -30.58 -3.85 12.82
CA GLN A 60 -31.81 -3.03 12.61
C GLN A 60 -31.48 -1.92 11.60
N LEU A 61 -30.39 -1.17 11.84
CA LEU A 61 -29.93 -0.11 10.92
C LEU A 61 -29.69 -0.67 9.51
N LYS A 62 -29.09 -1.86 9.38
CA LYS A 62 -28.81 -2.43 8.04
C LYS A 62 -30.12 -2.64 7.28
N LYS A 63 -31.10 -3.29 7.92
CA LYS A 63 -32.48 -3.51 7.42
C LYS A 63 -33.12 -2.18 7.02
N LEU A 64 -33.16 -1.22 7.95
CA LEU A 64 -33.71 0.14 7.68
C LEU A 64 -33.10 0.69 6.38
N LEU A 65 -31.78 0.80 6.28
CA LEU A 65 -31.11 1.32 5.05
C LEU A 65 -31.59 0.54 3.83
N ALA A 66 -31.61 -0.79 3.89
CA ALA A 66 -31.90 -1.66 2.72
C ALA A 66 -33.37 -1.49 2.29
N ASP A 67 -34.31 -1.35 3.24
CA ASP A 67 -35.76 -1.15 2.97
C ASP A 67 -35.94 0.17 2.23
N THR A 68 -35.32 1.23 2.74
CA THR A 68 -35.45 2.61 2.20
C THR A 68 -34.56 2.80 0.98
N ARG A 69 -33.63 1.88 0.69
CA ARG A 69 -32.64 2.10 -0.40
C ARG A 69 -33.43 2.13 -1.70
N LYS A 70 -33.37 3.27 -2.37
CA LYS A 70 -34.04 3.53 -3.67
C LYS A 70 -33.01 3.57 -4.80
N TYR A 71 -31.74 3.92 -4.54
CA TYR A 71 -30.65 4.03 -5.57
C TYR A 71 -29.36 3.31 -5.15
N HIS A 72 -28.48 3.11 -6.14
CA HIS A 72 -27.15 2.44 -6.02
C HIS A 72 -26.02 3.36 -6.50
N GLY A 73 -24.99 3.54 -5.65
CA GLY A 73 -23.78 4.35 -5.94
C GLY A 73 -24.10 5.80 -6.30
N TYR A 74 -25.14 6.38 -5.67
CA TYR A 74 -25.52 7.81 -5.74
C TYR A 74 -25.70 8.19 -7.22
N ALA A 77 -29.70 5.97 -13.47
CA ALA A 77 -29.51 5.81 -14.94
C ALA A 77 -29.24 7.18 -15.57
N LYS A 78 -28.21 7.26 -16.42
CA LYS A 78 -27.82 8.49 -17.17
C LYS A 78 -29.03 9.00 -17.97
N ALA A 79 -29.46 10.23 -17.68
CA ALA A 79 -30.53 10.89 -18.44
C ALA A 79 -30.00 11.17 -19.84
N PRO A 80 -30.90 11.21 -20.85
CA PRO A 80 -30.45 11.53 -22.21
C PRO A 80 -29.51 12.74 -22.20
N HIS A 81 -28.43 12.67 -23.01
CA HIS A 81 -27.31 13.65 -23.06
C HIS A 81 -26.59 13.55 -24.40
N ASP A 82 -25.77 14.54 -24.73
CA ASP A 82 -24.95 14.56 -25.96
C ASP A 82 -25.94 14.43 -27.13
N PHE A 83 -26.93 15.31 -27.11
CA PHE A 83 -27.96 15.44 -28.16
C PHE A 83 -27.35 15.96 -29.44
N MET A 84 -27.85 15.49 -30.57
CA MET A 84 -27.53 16.09 -31.86
C MET A 84 -28.80 16.13 -32.71
N PHE A 85 -28.99 17.22 -33.47
CA PHE A 85 -30.20 17.48 -34.31
C PHE A 85 -29.79 17.32 -35.78
N VAL A 86 -30.48 16.42 -36.47
CA VAL A 86 -30.24 16.25 -37.94
C VAL A 86 -31.55 16.48 -38.64
N LYS A 87 -31.53 17.32 -39.67
CA LYS A 87 -32.74 17.72 -40.43
C LYS A 87 -33.12 16.55 -41.35
N ARG A 88 -34.41 16.28 -41.50
CA ARG A 88 -34.91 15.24 -42.42
C ARG A 88 -34.89 15.73 -43.87
N ASN A 89 -35.21 17.00 -44.14
CA ASN A 89 -35.24 17.56 -45.52
C ASN A 89 -36.18 16.73 -46.43
N ASP A 90 -37.33 16.31 -45.92
CA ASP A 90 -38.35 15.54 -46.70
C ASP A 90 -39.68 16.31 -46.70
N PRO A 91 -40.04 17.04 -47.78
CA PRO A 91 -41.29 17.81 -47.79
C PRO A 91 -42.57 16.99 -47.55
N ASP A 92 -42.58 15.69 -47.84
CA ASP A 92 -43.80 14.85 -47.76
C ASP A 92 -43.92 14.19 -46.37
N GLY A 93 -42.81 14.02 -45.65
CA GLY A 93 -42.76 13.26 -44.38
C GLY A 93 -43.26 14.10 -43.20
N PRO A 94 -43.65 13.47 -42.08
CA PRO A 94 -44.15 14.20 -40.91
C PRO A 94 -43.12 14.88 -39.98
N HIS A 95 -41.82 14.67 -40.18
CA HIS A 95 -40.76 14.98 -39.19
C HIS A 95 -39.78 15.99 -39.77
N SER A 96 -39.34 16.97 -38.95
CA SER A 96 -38.37 18.03 -39.35
C SER A 96 -36.93 17.55 -39.11
N ASP A 97 -36.77 16.74 -38.06
CA ASP A 97 -35.49 16.49 -37.35
C ASP A 97 -35.54 15.07 -36.77
N ARG A 98 -34.40 14.37 -36.83
CA ARG A 98 -34.13 13.23 -35.91
C ARG A 98 -33.15 13.74 -34.87
N ILE A 99 -33.39 13.47 -33.59
CA ILE A 99 -32.40 13.73 -32.52
C ILE A 99 -31.71 12.42 -32.16
N TYR A 100 -30.38 12.46 -32.05
CA TYR A 100 -29.57 11.35 -31.52
C TYR A 100 -29.04 11.77 -30.15
N TYR A 101 -28.99 10.84 -29.21
CA TYR A 101 -28.44 11.08 -27.87
C TYR A 101 -28.02 9.73 -27.28
N LEU A 102 -27.21 9.81 -26.23
CA LEU A 102 -26.81 8.69 -25.37
C LEU A 102 -27.75 8.65 -24.17
N ALA A 103 -28.04 7.46 -23.68
CA ALA A 103 -28.83 7.21 -22.44
C ALA A 103 -28.79 5.72 -22.05
N MET A 104 -29.10 5.44 -20.81
CA MET A 104 -29.42 4.09 -20.31
C MET A 104 -30.95 3.96 -20.30
N SER A 105 -31.48 2.89 -20.89
CA SER A 105 -32.93 2.57 -21.02
C SER A 105 -33.48 1.96 -19.71
N GLY A 106 -33.31 2.64 -18.57
CA GLY A 106 -33.50 2.05 -17.22
C GLY A 106 -32.18 1.63 -16.57
N GLU A 107 -32.18 1.33 -15.26
CA GLU A 107 -30.93 1.10 -14.47
C GLU A 107 -30.31 -0.25 -14.83
N ASN A 108 -29.10 -0.51 -14.33
CA ASN A 108 -28.30 -1.74 -14.61
C ASN A 108 -28.34 -2.01 -16.13
N ARG A 109 -27.97 -1.02 -16.93
CA ARG A 109 -28.06 -1.07 -18.41
C ARG A 109 -26.92 -0.21 -19.01
N GLU A 110 -26.50 -0.56 -20.22
CA GLU A 110 -25.33 0.08 -20.89
C GLU A 110 -25.78 1.43 -21.48
N ASN A 111 -25.02 2.48 -21.22
CA ASN A 111 -25.11 3.75 -21.97
C ASN A 111 -24.92 3.47 -23.47
N THR A 112 -25.93 3.77 -24.30
CA THR A 112 -25.88 3.56 -25.78
C THR A 112 -26.65 4.66 -26.52
N LEU A 113 -26.59 4.61 -27.86
CA LEU A 113 -27.13 5.61 -28.81
C LEU A 113 -28.61 5.33 -29.11
N PHE A 114 -29.44 6.35 -28.91
CA PHE A 114 -30.87 6.35 -29.30
C PHE A 114 -31.14 7.51 -30.24
N TYR A 115 -32.25 7.39 -30.94
CA TYR A 115 -32.81 8.50 -31.74
C TYR A 115 -34.29 8.65 -31.39
N SER A 116 -34.80 9.84 -31.69
CA SER A 116 -36.24 10.18 -31.62
C SER A 116 -36.58 11.06 -32.81
N GLU A 117 -37.85 11.01 -33.21
CA GLU A 117 -38.40 11.75 -34.38
C GLU A 117 -39.09 13.00 -33.86
N ILE A 118 -38.70 14.17 -34.39
CA ILE A 118 -39.35 15.47 -34.09
C ILE A 118 -40.41 15.71 -35.17
N PRO A 119 -41.70 15.66 -34.80
CA PRO A 119 -42.75 15.99 -35.75
C PRO A 119 -42.79 17.50 -36.10
N LYS A 120 -43.00 17.79 -37.40
CA LYS A 120 -43.36 19.10 -38.00
C LYS A 120 -44.50 19.79 -37.25
N THR A 121 -45.45 19.02 -36.69
CA THR A 121 -46.59 19.59 -35.92
C THR A 121 -46.95 18.67 -34.77
N ILE A 122 -47.62 19.22 -33.76
CA ILE A 122 -48.09 18.48 -32.57
C ILE A 122 -49.55 18.82 -32.34
N ASN A 123 -50.27 17.92 -31.68
CA ASN A 123 -51.60 18.25 -31.16
C ASN A 123 -51.34 19.07 -29.88
N ARG A 124 -51.49 20.40 -29.95
CA ARG A 124 -51.20 21.32 -28.82
C ARG A 124 -52.18 21.14 -27.65
N ALA A 125 -53.22 20.32 -27.79
CA ALA A 125 -54.11 19.88 -26.68
C ALA A 125 -53.37 18.86 -25.82
N ALA A 126 -52.66 17.92 -26.43
CA ALA A 126 -52.03 16.74 -25.76
C ALA A 126 -50.57 17.04 -25.39
N VAL A 127 -49.92 16.09 -24.71
CA VAL A 127 -48.46 16.09 -24.38
C VAL A 127 -47.80 14.90 -25.11
N LEU A 128 -46.96 15.18 -26.12
CA LEU A 128 -46.21 14.17 -26.91
C LEU A 128 -45.03 13.61 -26.08
N MET A 129 -45.00 12.30 -25.84
CA MET A 129 -43.83 11.60 -25.23
C MET A 129 -43.02 11.00 -26.37
N LEU A 130 -41.82 11.50 -26.65
CA LEU A 130 -41.00 10.92 -27.74
C LEU A 130 -40.68 9.44 -27.40
N SER A 131 -40.61 8.59 -28.41
CA SER A 131 -40.14 7.18 -28.28
C SER A 131 -38.62 7.15 -28.37
N TRP A 132 -37.98 6.37 -27.51
CA TRP A 132 -36.54 6.04 -27.65
C TRP A 132 -36.37 4.85 -28.59
N LYS A 133 -35.85 5.09 -29.80
CA LYS A 133 -35.57 4.05 -30.81
C LYS A 133 -34.09 3.71 -30.69
N PRO A 134 -33.69 2.44 -30.43
CA PRO A 134 -32.26 2.11 -30.37
C PRO A 134 -31.63 2.23 -31.75
N LEU A 135 -30.44 2.82 -31.81
CA LEU A 135 -29.70 3.03 -33.07
C LEU A 135 -28.80 1.82 -33.34
N LEU A 136 -28.36 1.14 -32.28
CA LEU A 136 -27.36 0.04 -32.38
C LEU A 136 -28.04 -1.28 -32.06
N ASP A 137 -27.68 -2.31 -32.81
CA ASP A 137 -27.90 -3.73 -32.48
C ASP A 137 -26.91 -4.19 -31.39
N LEU A 138 -27.38 -5.07 -30.51
CA LEU A 138 -26.56 -5.82 -29.49
C LEU A 138 -25.36 -6.45 -30.21
N PHE A 139 -24.17 -6.46 -29.58
CA PHE A 139 -22.85 -6.70 -30.24
C PHE A 139 -22.60 -8.22 -30.38
N GLN A 140 -21.59 -8.60 -31.16
CA GLN A 140 -21.39 -9.98 -31.70
C GLN A 140 -21.18 -11.02 -30.58
N ILE A 166 -20.82 2.90 -24.13
CA ILE A 166 -20.54 4.10 -24.98
C ILE A 166 -20.64 5.38 -24.13
N ALA A 167 -19.55 6.12 -23.99
CA ALA A 167 -19.45 7.31 -23.11
C ALA A 167 -19.52 8.59 -23.93
N SER A 168 -19.11 8.57 -25.19
CA SER A 168 -19.16 9.71 -26.11
C SER A 168 -19.20 9.17 -27.54
N TYR A 169 -19.39 10.07 -28.52
CA TYR A 169 -19.46 9.72 -29.94
C TYR A 169 -19.09 10.94 -30.76
N ASP A 170 -18.60 10.69 -31.97
CA ASP A 170 -18.22 11.71 -32.97
C ASP A 170 -19.15 11.50 -34.16
N TYR A 171 -19.39 12.54 -34.97
CA TYR A 171 -20.36 12.52 -36.09
C TYR A 171 -19.84 13.42 -37.20
N HIS A 172 -20.07 13.02 -38.44
CA HIS A 172 -19.67 13.80 -39.62
C HIS A 172 -20.91 13.98 -40.47
N GLN A 173 -21.46 15.21 -40.39
CA GLN A 173 -22.77 15.69 -40.92
C GLN A 173 -22.90 15.24 -42.36
N GLY A 174 -21.89 15.55 -43.17
CA GLY A 174 -21.90 15.38 -44.64
C GLY A 174 -22.02 13.93 -45.10
N SER A 175 -21.56 12.95 -44.31
CA SER A 175 -21.55 11.52 -44.69
C SER A 175 -22.50 10.71 -43.80
N GLY A 176 -22.95 11.28 -42.68
CA GLY A 176 -23.77 10.57 -41.67
C GLY A 176 -23.01 9.53 -40.85
N THR A 177 -21.68 9.61 -40.79
CA THR A 177 -20.81 8.63 -40.09
C THR A 177 -20.79 8.93 -38.58
N PHE A 178 -21.19 7.97 -37.75
CA PHE A 178 -20.86 7.88 -36.31
C PHE A 178 -19.59 7.05 -36.03
N LEU A 179 -18.79 7.51 -35.07
CA LEU A 179 -17.58 6.84 -34.58
C LEU A 179 -17.65 6.81 -33.08
N PHE A 180 -17.44 5.67 -32.46
CA PHE A 180 -17.45 5.58 -30.99
C PHE A 180 -16.68 4.35 -30.53
N GLN A 181 -16.12 4.45 -29.33
CA GLN A 181 -15.55 3.32 -28.60
C GLN A 181 -16.65 2.68 -27.76
N ALA A 182 -16.75 1.34 -27.77
CA ALA A 182 -17.60 0.51 -26.88
C ALA A 182 -16.80 -0.71 -26.43
N GLY A 183 -16.34 -0.73 -25.18
CA GLY A 183 -15.36 -1.74 -24.72
C GLY A 183 -14.02 -1.53 -25.36
N SER A 184 -13.39 -2.61 -25.82
CA SER A 184 -12.05 -2.59 -26.47
C SER A 184 -12.17 -2.16 -27.93
N GLY A 185 -13.38 -2.11 -28.46
CA GLY A 185 -13.61 -1.88 -29.90
C GLY A 185 -13.87 -0.43 -30.23
N ILE A 186 -13.38 -0.02 -31.40
CA ILE A 186 -13.86 1.19 -32.09
C ILE A 186 -14.80 0.75 -33.20
N TYR A 187 -15.98 1.35 -33.23
CA TYR A 187 -17.03 1.02 -34.21
C TYR A 187 -17.52 2.27 -34.91
N HIS A 188 -18.14 2.05 -36.07
CA HIS A 188 -18.78 3.10 -36.88
C HIS A 188 -20.10 2.60 -37.45
N VAL A 189 -21.07 3.50 -37.58
CA VAL A 189 -22.31 3.27 -38.37
C VAL A 189 -22.63 4.56 -39.15
N LYS A 190 -23.58 4.49 -40.07
CA LYS A 190 -24.04 5.62 -40.91
C LYS A 190 -25.52 5.83 -40.64
N ASP A 191 -25.95 7.08 -40.42
CA ASP A 191 -27.38 7.49 -40.39
C ASP A 191 -27.45 9.00 -40.64
N GLY A 192 -28.38 9.43 -41.49
CA GLY A 192 -28.78 10.84 -41.65
C GLY A 192 -28.00 11.57 -42.74
N GLY A 193 -26.97 10.95 -43.30
CA GLY A 193 -26.24 11.53 -44.44
C GLY A 193 -26.98 11.28 -45.75
N PRO A 194 -26.30 11.43 -46.90
CA PRO A 194 -26.87 11.05 -48.19
C PRO A 194 -27.64 9.72 -48.19
N GLN A 195 -27.17 8.69 -47.49
CA GLN A 195 -27.77 7.34 -47.62
C GLN A 195 -29.02 7.23 -46.76
N GLY A 196 -29.50 8.34 -46.18
CA GLY A 196 -30.86 8.38 -45.59
C GLY A 196 -30.91 7.88 -44.15
N PHE A 197 -32.13 7.60 -43.70
CA PHE A 197 -32.54 7.40 -42.28
C PHE A 197 -33.04 5.95 -42.08
N THR A 198 -32.40 5.21 -41.17
CA THR A 198 -32.73 3.80 -40.85
C THR A 198 -34.09 3.82 -40.16
N GLN A 199 -34.82 2.71 -40.20
CA GLN A 199 -36.05 2.52 -39.39
C GLN A 199 -35.80 1.36 -38.43
N GLN A 200 -34.56 0.91 -38.31
CA GLN A 200 -34.24 -0.23 -37.39
C GLN A 200 -32.80 -0.14 -36.91
N PRO A 201 -32.47 -0.85 -35.82
CA PRO A 201 -31.12 -0.78 -35.27
C PRO A 201 -30.11 -1.13 -36.37
N LEU A 202 -28.95 -0.49 -36.28
CA LEU A 202 -27.85 -0.66 -37.25
C LEU A 202 -26.81 -1.56 -36.61
N ARG A 203 -26.08 -2.30 -37.45
CA ARG A 203 -24.98 -3.17 -36.99
CA ARG A 203 -24.98 -3.18 -37.00
C ARG A 203 -23.70 -2.33 -36.91
N PRO A 204 -23.12 -2.25 -35.68
CA PRO A 204 -21.84 -1.59 -35.47
C PRO A 204 -20.74 -2.34 -36.25
N ASN A 205 -20.01 -1.61 -37.09
CA ASN A 205 -18.86 -2.13 -37.86
C ASN A 205 -17.58 -1.85 -37.08
N LEU A 206 -16.86 -2.92 -36.72
CA LEU A 206 -15.55 -2.84 -36.04
C LEU A 206 -14.55 -2.21 -36.98
N VAL A 207 -13.74 -1.28 -36.47
CA VAL A 207 -12.49 -0.81 -37.10
C VAL A 207 -11.41 -1.82 -36.75
N GLU A 208 -11.01 -2.64 -37.72
CA GLU A 208 -10.04 -3.75 -37.55
C GLU A 208 -8.66 -3.13 -37.31
N THR A 209 -7.83 -3.83 -36.57
CA THR A 209 -6.54 -3.31 -36.09
C THR A 209 -5.53 -4.46 -35.94
N SER A 210 -4.23 -4.12 -35.94
CA SER A 210 -3.05 -4.96 -35.59
C SER A 210 -2.50 -4.58 -34.22
N CYS A 211 -2.89 -3.41 -33.73
CA CYS A 211 -2.51 -2.91 -32.40
C CYS A 211 -2.86 -3.95 -31.34
N PRO A 212 -1.88 -4.37 -30.52
CA PRO A 212 -2.15 -5.29 -29.41
C PRO A 212 -3.03 -4.72 -28.29
N ASN A 213 -2.85 -3.47 -27.88
CA ASN A 213 -3.48 -2.93 -26.64
C ASN A 213 -4.75 -2.15 -27.01
N ILE A 214 -5.47 -1.67 -25.99
CA ILE A 214 -6.75 -0.94 -26.14
C ILE A 214 -6.47 0.39 -26.85
N ARG A 215 -7.27 0.69 -27.87
CA ARG A 215 -7.27 2.01 -28.56
C ARG A 215 -8.18 2.97 -27.79
N MET A 216 -7.74 4.23 -27.67
CA MET A 216 -8.45 5.29 -26.91
C MET A 216 -8.71 6.52 -27.80
N ASP A 217 -9.75 7.29 -27.43
CA ASP A 217 -9.99 8.66 -27.90
C ASP A 217 -10.03 8.67 -29.43
N PRO A 218 -10.91 7.87 -30.04
CA PRO A 218 -11.04 7.85 -31.50
C PRO A 218 -11.75 9.11 -32.01
N LYS A 219 -11.30 9.69 -33.16
CA LYS A 219 -11.96 10.88 -33.77
C LYS A 219 -11.94 10.82 -35.29
N LEU A 220 -13.08 11.16 -35.90
CA LEU A 220 -13.21 11.30 -37.37
C LEU A 220 -12.45 12.54 -37.82
N CYS A 221 -11.71 12.42 -38.92
CA CYS A 221 -11.18 13.57 -39.68
C CYS A 221 -12.35 14.33 -40.27
N PRO A 222 -12.71 15.55 -39.80
CA PRO A 222 -13.80 16.30 -40.40
C PRO A 222 -13.65 16.53 -41.91
N ALA A 223 -12.41 16.61 -42.40
CA ALA A 223 -12.08 16.79 -43.83
C ALA A 223 -12.39 15.55 -44.68
N ASP A 224 -12.46 14.34 -44.09
CA ASP A 224 -12.57 13.04 -44.80
C ASP A 224 -13.01 11.95 -43.82
N PRO A 225 -14.30 11.60 -43.80
CA PRO A 225 -14.80 10.68 -42.78
C PRO A 225 -14.40 9.20 -43.01
N ASP A 226 -13.55 8.93 -44.01
CA ASP A 226 -12.95 7.57 -44.10
C ASP A 226 -11.80 7.43 -43.09
N TRP A 227 -11.24 8.55 -42.61
CA TRP A 227 -10.03 8.53 -41.77
C TRP A 227 -10.39 8.80 -40.30
N ILE A 228 -9.93 7.95 -39.39
CA ILE A 228 -9.99 8.15 -37.92
C ILE A 228 -8.58 8.28 -37.36
N ALA A 229 -8.45 8.86 -36.16
CA ALA A 229 -7.23 8.82 -35.33
C ALA A 229 -7.64 8.21 -34.01
N PHE A 230 -6.65 7.71 -33.30
CA PHE A 230 -6.83 7.11 -31.97
C PHE A 230 -5.46 7.08 -31.30
N ILE A 231 -5.47 6.82 -30.01
CA ILE A 231 -4.24 6.65 -29.21
C ILE A 231 -4.08 5.16 -28.91
N HIS A 232 -2.84 4.70 -28.98
CA HIS A 232 -2.40 3.32 -28.66
C HIS A 232 -1.06 3.44 -27.96
N SER A 233 -0.97 3.00 -26.71
CA SER A 233 0.28 3.03 -25.92
C SER A 233 0.93 4.42 -26.08
N ASN A 234 0.15 5.47 -25.83
CA ASN A 234 0.59 6.89 -25.75
C ASN A 234 1.21 7.36 -27.05
N ASP A 235 0.80 6.82 -28.19
CA ASP A 235 1.20 7.40 -29.49
C ASP A 235 -0.04 7.59 -30.35
N ILE A 236 0.03 8.50 -31.29
CA ILE A 236 -1.14 8.74 -32.18
C ILE A 236 -1.04 7.74 -33.36
N TRP A 237 -2.15 7.09 -33.70
CA TRP A 237 -2.31 6.26 -34.91
C TRP A 237 -3.47 6.82 -35.74
N ILE A 238 -3.46 6.56 -37.05
CA ILE A 238 -4.62 6.76 -37.97
C ILE A 238 -4.97 5.44 -38.65
N SER A 239 -6.22 5.35 -39.10
CA SER A 239 -6.82 4.12 -39.66
C SER A 239 -7.95 4.51 -40.60
N ASN A 240 -8.00 3.89 -41.78
CA ASN A 240 -9.01 4.18 -42.83
C ASN A 240 -10.10 3.13 -42.72
N ILE A 241 -11.35 3.51 -42.45
CA ILE A 241 -12.47 2.55 -42.19
C ILE A 241 -12.96 1.96 -43.51
N VAL A 242 -12.39 2.35 -44.64
CA VAL A 242 -12.81 1.80 -45.97
C VAL A 242 -11.66 0.93 -46.50
N THR A 243 -10.46 1.48 -46.68
CA THR A 243 -9.27 0.74 -47.20
C THR A 243 -8.70 -0.25 -46.16
N ARG A 244 -8.96 -0.03 -44.88
CA ARG A 244 -8.41 -0.76 -43.68
C ARG A 244 -6.94 -0.48 -43.48
N GLU A 245 -6.39 0.52 -44.16
CA GLU A 245 -4.98 0.88 -43.90
C GLU A 245 -4.86 1.44 -42.45
N GLU A 246 -3.85 1.02 -41.74
CA GLU A 246 -3.54 1.45 -40.36
C GLU A 246 -2.12 1.97 -40.37
N ARG A 247 -1.81 2.95 -39.54
CA ARG A 247 -0.52 3.65 -39.61
C ARG A 247 -0.29 4.45 -38.33
N ARG A 248 0.86 4.22 -37.73
CA ARG A 248 1.34 4.83 -36.48
C ARG A 248 2.01 6.13 -36.87
N LEU A 249 1.63 7.26 -36.26
CA LEU A 249 2.06 8.61 -36.67
C LEU A 249 3.24 9.06 -35.81
N THR A 250 3.33 8.61 -34.55
CA THR A 250 4.29 9.13 -33.54
C THR A 250 4.98 7.96 -32.86
N TYR A 251 6.24 8.18 -32.43
CA TYR A 251 7.17 7.09 -32.03
C TYR A 251 7.85 7.42 -30.71
N VAL A 252 7.07 7.94 -29.77
CA VAL A 252 7.58 8.66 -28.57
C VAL A 252 7.62 7.71 -27.38
N HIS A 253 6.81 6.65 -27.41
CA HIS A 253 6.67 5.65 -26.32
C HIS A 253 6.96 4.23 -26.85
N ASN A 254 7.76 3.47 -26.10
CA ASN A 254 7.94 2.00 -26.26
C ASN A 254 7.12 1.30 -25.17
N GLU A 255 6.06 0.57 -25.54
CA GLU A 255 5.11 -0.07 -24.57
C GLU A 255 5.85 -1.06 -23.66
N LEU A 256 6.93 -1.69 -24.15
CA LEU A 256 7.71 -2.73 -23.41
C LEU A 256 8.47 -2.09 -22.24
N ALA A 257 9.12 -0.94 -22.44
CA ALA A 257 9.92 -0.21 -21.43
C ALA A 257 9.04 0.20 -20.22
N ASN A 258 9.67 0.37 -19.05
CA ASN A 258 9.03 0.69 -17.74
C ASN A 258 8.77 2.20 -17.61
N MET A 259 7.91 2.59 -16.67
CA MET A 259 7.38 3.98 -16.53
C MET A 259 8.45 4.92 -15.97
N GLU A 260 9.56 4.41 -15.42
CA GLU A 260 10.69 5.23 -14.89
C GLU A 260 11.59 5.71 -16.04
N GLU A 261 11.71 4.88 -17.08
CA GLU A 261 12.58 5.11 -18.27
C GLU A 261 11.78 5.84 -19.38
N ASP A 262 10.55 5.38 -19.70
CA ASP A 262 9.74 5.95 -20.81
C ASP A 262 8.56 6.77 -20.25
N ALA A 263 8.68 8.11 -20.30
CA ALA A 263 7.73 9.10 -19.72
C ALA A 263 7.29 10.12 -20.77
N ARG A 264 7.31 9.73 -22.05
CA ARG A 264 6.93 10.60 -23.18
C ARG A 264 5.60 10.11 -23.73
N SER A 265 4.77 11.01 -24.22
CA SER A 265 3.46 10.63 -24.82
C SER A 265 3.07 11.67 -25.84
N ALA A 266 2.16 11.34 -26.74
CA ALA A 266 1.73 12.25 -27.81
C ALA A 266 0.22 12.12 -27.96
N GLY A 267 -0.47 13.25 -28.09
CA GLY A 267 -1.92 13.31 -28.32
C GLY A 267 -2.72 12.93 -27.09
N VAL A 268 -2.09 12.89 -25.91
CA VAL A 268 -2.73 12.41 -24.65
C VAL A 268 -2.57 13.50 -23.60
N ALA A 269 -3.68 13.96 -23.03
CA ALA A 269 -3.69 14.89 -21.89
C ALA A 269 -3.20 14.17 -20.62
N THR A 270 -2.23 14.75 -19.94
CA THR A 270 -1.61 14.19 -18.71
C THR A 270 -2.56 14.39 -17.51
N PHE A 271 -2.23 13.78 -16.38
CA PHE A 271 -3.09 13.72 -15.18
C PHE A 271 -3.66 15.11 -14.81
N VAL A 272 -2.83 16.13 -14.63
CA VAL A 272 -3.29 17.44 -14.09
C VAL A 272 -4.24 18.10 -15.08
N LEU A 273 -4.04 17.90 -16.37
CA LEU A 273 -4.98 18.53 -17.33
C LEU A 273 -6.33 17.85 -17.39
N GLN A 274 -6.36 16.56 -17.15
CA GLN A 274 -7.65 15.81 -17.14
C GLN A 274 -8.33 16.13 -15.81
N GLU A 275 -7.60 16.00 -14.70
CA GLU A 275 -8.15 16.11 -13.34
C GLU A 275 -8.47 17.58 -12.98
N GLU A 276 -7.69 18.56 -13.40
CA GLU A 276 -7.84 19.90 -12.82
C GLU A 276 -8.33 20.90 -13.87
N PHE A 277 -8.33 20.56 -15.16
CA PHE A 277 -8.72 21.50 -16.24
C PHE A 277 -9.72 20.88 -17.21
N ASP A 278 -10.21 19.67 -16.90
CA ASP A 278 -11.16 18.89 -17.74
C ASP A 278 -10.76 18.99 -19.22
N ARG A 279 -9.49 18.79 -19.56
CA ARG A 279 -9.10 18.55 -20.96
C ARG A 279 -8.74 17.06 -21.06
N TYR A 280 -9.47 16.30 -21.88
CA TYR A 280 -9.35 14.82 -21.95
C TYR A 280 -8.59 14.41 -23.22
N SER A 281 -8.71 15.18 -24.29
CA SER A 281 -8.02 14.94 -25.57
C SER A 281 -6.76 15.79 -25.69
N GLY A 282 -5.72 15.27 -26.34
CA GLY A 282 -4.46 15.98 -26.63
C GLY A 282 -4.08 16.05 -28.10
N TYR A 283 -5.00 15.86 -29.03
CA TYR A 283 -4.73 16.07 -30.48
C TYR A 283 -6.02 16.54 -31.15
N TRP A 284 -5.89 17.22 -32.27
CA TRP A 284 -7.04 17.88 -32.96
C TRP A 284 -6.81 17.81 -34.47
N TRP A 285 -7.70 17.11 -35.14
CA TRP A 285 -7.76 17.06 -36.62
C TRP A 285 -7.95 18.49 -37.13
N CYS A 286 -7.11 18.92 -38.06
CA CYS A 286 -7.38 20.11 -38.90
C CYS A 286 -8.69 19.85 -39.65
N PRO A 287 -9.68 20.77 -39.65
CA PRO A 287 -10.97 20.46 -40.28
C PRO A 287 -10.97 20.52 -41.81
N LYS A 288 -9.84 20.93 -42.41
CA LYS A 288 -9.68 21.01 -43.89
C LYS A 288 -8.46 20.25 -44.41
N ALA A 289 -8.69 19.56 -45.52
CA ALA A 289 -7.66 19.05 -46.45
C ALA A 289 -7.24 20.20 -47.35
N GLU A 290 -5.93 20.37 -47.52
CA GLU A 290 -5.27 21.07 -48.66
C GLU A 290 -5.07 20.08 -49.83
N THR A 291 -5.56 20.38 -51.03
CA THR A 291 -5.31 19.57 -52.27
C THR A 291 -3.85 19.70 -52.74
N THR A 292 -3.31 18.66 -53.39
CA THR A 292 -1.92 18.62 -53.97
C THR A 292 -1.98 18.80 -55.50
N PRO A 293 -0.84 19.11 -56.15
CA PRO A 293 -0.71 18.96 -57.60
C PRO A 293 -1.31 17.62 -58.11
N SER A 294 -0.83 16.49 -57.59
CA SER A 294 -1.16 15.10 -58.01
C SER A 294 -2.67 14.80 -57.99
N GLY A 295 -3.52 15.62 -57.37
CA GLY A 295 -4.93 15.24 -57.10
C GLY A 295 -5.06 14.36 -55.88
N GLY A 296 -4.10 14.44 -54.96
CA GLY A 296 -4.22 13.89 -53.60
C GLY A 296 -4.64 14.96 -52.60
N LYS A 297 -4.34 14.74 -51.32
CA LYS A 297 -4.46 15.80 -50.29
C LYS A 297 -3.51 15.62 -49.10
N ILE A 298 -3.34 16.71 -48.35
CA ILE A 298 -2.65 16.75 -47.04
C ILE A 298 -3.72 16.94 -45.93
N LEU A 299 -3.77 15.96 -45.03
CA LEU A 299 -4.52 15.98 -43.74
C LEU A 299 -3.56 16.36 -42.62
N ARG A 300 -4.03 17.06 -41.60
CA ARG A 300 -3.15 17.49 -40.49
C ARG A 300 -3.79 17.19 -39.14
N ILE A 301 -2.92 16.87 -38.19
CA ILE A 301 -3.23 16.69 -36.75
C ILE A 301 -2.27 17.57 -35.96
N LEU A 302 -2.80 18.57 -35.28
CA LEU A 302 -2.10 19.27 -34.18
C LEU A 302 -2.11 18.33 -32.97
N TYR A 303 -1.00 18.23 -32.28
CA TYR A 303 -0.97 17.40 -31.07
C TYR A 303 0.02 17.97 -30.07
N GLU A 304 -0.23 17.69 -28.80
CA GLU A 304 0.69 18.14 -27.74
C GLU A 304 1.61 16.95 -27.43
N GLU A 305 2.89 17.22 -27.22
CA GLU A 305 3.85 16.15 -26.86
C GLU A 305 4.30 16.43 -25.43
N ASN A 306 4.28 15.42 -24.58
CA ASN A 306 4.59 15.59 -23.14
C ASN A 306 5.79 14.71 -22.78
N ASP A 307 6.68 15.29 -21.99
CA ASP A 307 7.83 14.60 -21.35
C ASP A 307 7.65 14.77 -19.85
N GLU A 308 7.20 13.72 -19.19
CA GLU A 308 6.96 13.61 -17.74
C GLU A 308 8.19 13.06 -16.97
N SER A 309 9.39 13.09 -17.55
CA SER A 309 10.60 12.44 -16.95
C SER A 309 10.92 13.03 -15.56
N GLU A 310 10.84 14.35 -15.40
CA GLU A 310 11.17 15.09 -14.15
C GLU A 310 10.01 15.07 -13.14
N VAL A 311 8.89 14.44 -13.46
CA VAL A 311 7.66 14.57 -12.64
C VAL A 311 7.70 13.49 -11.58
N GLU A 312 7.39 13.85 -10.34
CA GLU A 312 7.28 12.91 -9.19
C GLU A 312 6.48 11.69 -9.65
N ILE A 313 6.86 10.51 -9.15
CA ILE A 313 6.10 9.24 -9.36
C ILE A 313 5.47 8.85 -8.02
N ILE A 314 4.25 8.31 -8.05
CA ILE A 314 3.59 7.78 -6.83
C ILE A 314 3.12 6.37 -7.15
N HIS A 315 2.97 5.53 -6.12
CA HIS A 315 2.59 4.10 -6.22
C HIS A 315 1.24 3.85 -5.54
N VAL A 316 0.42 2.96 -6.13
CA VAL A 316 -0.84 2.42 -5.53
C VAL A 316 -0.86 0.90 -5.79
N THR A 317 -1.34 0.09 -4.81
CA THR A 317 -1.41 -1.41 -4.87
C THR A 317 -1.93 -1.84 -6.25
N ASP A 327 -0.63 0.43 -10.88
CA ASP A 327 0.85 0.38 -10.93
C ASP A 327 1.42 1.64 -10.25
N SER A 328 2.13 2.47 -11.03
CA SER A 328 2.70 3.79 -10.68
C SER A 328 2.05 4.85 -11.57
N PHE A 329 2.13 6.14 -11.22
CA PHE A 329 1.81 7.23 -12.19
C PHE A 329 2.49 8.55 -11.81
N ARG A 330 2.58 9.41 -12.83
CA ARG A 330 3.24 10.73 -12.81
C ARG A 330 2.26 11.77 -12.25
N TYR A 331 2.53 12.24 -11.05
CA TYR A 331 1.68 13.16 -10.26
C TYR A 331 2.53 14.37 -9.86
N PRO A 332 2.36 15.56 -10.48
CA PRO A 332 3.12 16.74 -10.07
C PRO A 332 2.58 17.24 -8.72
N LYS A 333 3.28 16.93 -7.63
CA LYS A 333 2.99 17.43 -6.26
C LYS A 333 3.20 18.95 -6.29
N THR A 334 2.34 19.71 -5.60
CA THR A 334 2.41 21.20 -5.56
C THR A 334 3.87 21.62 -5.31
N GLY A 335 4.31 22.65 -6.02
CA GLY A 335 5.70 23.14 -5.93
C GLY A 335 6.73 22.31 -6.70
N THR A 336 6.37 21.16 -7.29
CA THR A 336 7.35 20.32 -8.08
C THR A 336 7.10 20.52 -9.58
N ALA A 337 7.81 19.80 -10.41
CA ALA A 337 7.77 20.05 -11.87
C ALA A 337 6.49 19.45 -12.48
N ASN A 338 5.93 20.22 -13.40
CA ASN A 338 4.86 19.81 -14.33
C ASN A 338 5.59 19.22 -15.52
N PRO A 339 4.93 18.45 -16.39
CA PRO A 339 5.59 17.92 -17.58
C PRO A 339 6.22 18.99 -18.48
N LYS A 340 7.27 18.68 -19.24
CA LYS A 340 7.73 19.52 -20.39
C LYS A 340 6.76 19.27 -21.55
N VAL A 341 6.29 20.32 -22.18
CA VAL A 341 5.16 20.26 -23.15
C VAL A 341 5.58 21.04 -24.39
N THR A 342 5.10 20.61 -25.53
CA THR A 342 5.29 21.36 -26.80
C THR A 342 4.11 21.02 -27.73
N PHE A 343 3.96 21.79 -28.80
CA PHE A 343 3.05 21.45 -29.92
C PHE A 343 3.85 20.75 -31.02
N LYS A 344 3.18 19.82 -31.69
CA LYS A 344 3.69 19.12 -32.89
C LYS A 344 2.57 19.09 -33.92
N MET A 345 2.94 18.90 -35.18
CA MET A 345 1.99 18.82 -36.30
C MET A 345 2.36 17.55 -37.08
N SER A 346 1.39 16.70 -37.38
CA SER A 346 1.59 15.53 -38.24
C SER A 346 0.99 15.86 -39.60
N GLU A 347 1.80 15.72 -40.65
CA GLU A 347 1.42 16.05 -42.04
C GLU A 347 1.32 14.74 -42.81
N ILE A 348 0.11 14.39 -43.23
CA ILE A 348 -0.25 13.07 -43.81
C ILE A 348 -0.62 13.33 -45.27
N MET A 349 0.17 12.83 -46.22
CA MET A 349 -0.07 12.98 -47.68
C MET A 349 -0.88 11.76 -48.15
N ILE A 350 -2.01 11.98 -48.81
CA ILE A 350 -2.92 10.90 -49.29
C ILE A 350 -3.04 11.07 -50.81
N ASP A 351 -2.99 9.97 -51.56
CA ASP A 351 -3.05 10.00 -53.05
C ASP A 351 -4.52 9.99 -53.45
N ALA A 352 -4.81 10.11 -54.74
CA ALA A 352 -6.19 10.25 -55.26
C ALA A 352 -7.00 8.99 -54.90
N GLU A 353 -6.35 7.85 -54.59
CA GLU A 353 -7.09 6.58 -54.29
C GLU A 353 -7.31 6.46 -52.76
N GLY A 354 -6.70 7.35 -51.96
CA GLY A 354 -6.92 7.40 -50.51
C GLY A 354 -5.92 6.53 -49.75
N ARG A 355 -4.72 6.31 -50.32
CA ARG A 355 -3.64 5.55 -49.64
C ARG A 355 -2.65 6.56 -49.09
N ILE A 356 -2.01 6.22 -47.98
CA ILE A 356 -0.92 7.08 -47.45
C ILE A 356 0.24 6.99 -48.43
N ILE A 357 0.69 8.14 -48.94
CA ILE A 357 2.00 8.31 -49.62
C ILE A 357 3.04 8.50 -48.52
N ASP A 358 2.80 9.41 -47.58
CA ASP A 358 3.85 9.80 -46.62
C ASP A 358 3.25 10.48 -45.40
N VAL A 359 3.99 10.41 -44.29
CA VAL A 359 3.71 11.04 -42.96
C VAL A 359 4.96 11.85 -42.60
N ILE A 360 4.82 13.15 -42.41
CA ILE A 360 5.95 14.04 -42.01
C ILE A 360 5.61 14.60 -40.62
N ASP A 361 6.37 14.17 -39.62
CA ASP A 361 6.28 14.71 -38.25
C ASP A 361 6.91 16.10 -38.25
N LYS A 362 6.21 17.13 -37.73
CA LYS A 362 6.74 18.52 -37.73
C LYS A 362 6.81 19.07 -36.30
N GLU A 363 7.82 19.90 -36.06
CA GLU A 363 8.10 20.54 -34.76
C GLU A 363 8.09 22.07 -34.93
N LEU A 364 8.00 22.79 -33.83
CA LEU A 364 7.95 24.26 -33.81
C LEU A 364 9.30 24.80 -34.24
N ILE A 365 9.28 25.82 -35.09
CA ILE A 365 10.52 26.43 -35.66
C ILE A 365 11.47 26.80 -34.52
N GLN A 366 10.95 27.34 -33.42
CA GLN A 366 11.74 27.64 -32.19
C GLN A 366 11.04 26.92 -31.05
N PRO A 367 11.74 26.65 -29.93
CA PRO A 367 11.11 25.90 -28.85
C PRO A 367 9.86 26.57 -28.28
N PHE A 368 9.01 25.74 -27.66
CA PHE A 368 7.80 26.17 -26.94
C PHE A 368 8.13 27.29 -25.93
N GLU A 369 9.19 27.14 -25.13
CA GLU A 369 9.58 28.15 -24.09
C GLU A 369 9.96 29.50 -24.72
N ILE A 370 10.52 29.53 -25.95
CA ILE A 370 10.91 30.78 -26.67
C ILE A 370 9.65 31.41 -27.29
N LEU A 371 8.82 30.61 -27.97
CA LEU A 371 7.60 31.09 -28.70
C LEU A 371 6.49 31.56 -27.73
N PHE A 372 6.37 30.96 -26.55
CA PHE A 372 5.31 31.24 -25.56
C PHE A 372 5.87 31.40 -24.15
N GLU A 373 6.62 32.47 -23.89
CA GLU A 373 7.36 32.60 -22.62
C GLU A 373 6.33 32.62 -21.47
N GLY A 374 6.68 31.99 -20.36
CA GLY A 374 5.90 32.00 -19.11
C GLY A 374 4.74 31.03 -19.13
N VAL A 375 4.47 30.35 -20.26
CA VAL A 375 3.31 29.44 -20.43
C VAL A 375 3.66 28.11 -19.75
N GLU A 376 2.88 27.69 -18.77
CA GLU A 376 3.07 26.39 -18.10
C GLU A 376 2.09 25.35 -18.66
N TYR A 377 0.83 25.74 -18.90
CA TYR A 377 -0.25 24.77 -19.21
C TYR A 377 -0.91 25.12 -20.54
N ILE A 378 -1.11 24.10 -21.37
CA ILE A 378 -1.97 24.15 -22.59
C ILE A 378 -3.37 23.82 -22.12
N ALA A 379 -4.21 24.82 -21.82
CA ALA A 379 -5.52 24.60 -21.20
C ALA A 379 -6.50 24.05 -22.25
N ARG A 380 -6.56 24.67 -23.42
CA ARG A 380 -7.45 24.27 -24.54
C ARG A 380 -6.70 24.52 -25.85
N ALA A 381 -7.13 23.83 -26.91
CA ALA A 381 -6.59 23.93 -28.27
C ALA A 381 -7.66 23.46 -29.24
N GLY A 382 -7.53 23.88 -30.50
CA GLY A 382 -8.38 23.46 -31.61
C GLY A 382 -7.94 24.13 -32.89
N TRP A 383 -8.88 24.32 -33.82
CA TRP A 383 -8.59 24.99 -35.11
C TRP A 383 -9.62 26.09 -35.36
N THR A 384 -9.25 27.12 -36.13
CA THR A 384 -10.23 28.05 -36.75
C THR A 384 -11.08 27.25 -37.72
N PRO A 385 -12.33 27.67 -37.95
CA PRO A 385 -13.29 26.83 -38.66
C PRO A 385 -12.84 26.42 -40.08
N GLU A 386 -12.04 27.24 -40.75
CA GLU A 386 -11.53 26.96 -42.12
C GLU A 386 -10.16 26.26 -42.06
N GLY A 387 -9.55 26.13 -40.90
CA GLY A 387 -8.29 25.37 -40.77
C GLY A 387 -7.07 26.18 -41.09
N LYS A 388 -7.19 27.51 -41.16
CA LYS A 388 -6.03 28.40 -41.48
C LYS A 388 -5.09 28.46 -40.27
N TYR A 389 -5.63 28.45 -39.05
CA TYR A 389 -4.79 28.51 -37.82
C TYR A 389 -5.24 27.44 -36.82
N ALA A 390 -4.25 26.89 -36.14
CA ALA A 390 -4.48 26.23 -34.85
C ALA A 390 -4.69 27.35 -33.82
N TRP A 391 -5.52 27.12 -32.81
CA TRP A 391 -5.63 28.08 -31.68
C TRP A 391 -5.33 27.37 -30.37
N SER A 392 -5.00 28.17 -29.37
CA SER A 392 -4.66 27.62 -28.05
C SER A 392 -4.94 28.64 -26.96
N ILE A 393 -5.37 28.16 -25.80
CA ILE A 393 -5.49 28.97 -24.58
C ILE A 393 -4.38 28.50 -23.64
N LEU A 394 -3.47 29.43 -23.32
CA LEU A 394 -2.22 29.20 -22.55
C LEU A 394 -2.28 29.97 -21.24
N LEU A 395 -1.94 29.27 -20.17
CA LEU A 395 -1.88 29.77 -18.77
C LEU A 395 -0.42 29.77 -18.34
N ASP A 396 -0.06 30.76 -17.53
CA ASP A 396 1.22 30.80 -16.77
C ASP A 396 1.09 29.86 -15.57
N ARG A 397 2.19 29.59 -14.86
CA ARG A 397 2.16 28.62 -13.74
C ARG A 397 1.25 29.12 -12.62
N SER A 398 1.20 30.43 -12.40
CA SER A 398 0.40 31.05 -11.30
C SER A 398 -1.07 31.04 -11.70
N GLN A 399 -1.36 30.80 -12.97
CA GLN A 399 -2.75 30.74 -13.50
C GLN A 399 -3.43 32.10 -13.24
N THR A 400 -2.68 33.18 -13.38
CA THR A 400 -3.20 34.56 -13.31
C THR A 400 -3.01 35.27 -14.65
N ARG A 401 -2.37 34.64 -15.63
CA ARG A 401 -2.32 35.18 -17.00
C ARG A 401 -2.91 34.15 -17.98
N LEU A 402 -3.90 34.55 -18.76
CA LEU A 402 -4.41 33.72 -19.87
C LEU A 402 -4.06 34.40 -21.19
N GLN A 403 -3.63 33.60 -22.17
CA GLN A 403 -3.46 34.08 -23.57
C GLN A 403 -4.22 33.16 -24.55
N ILE A 404 -4.84 33.75 -25.56
CA ILE A 404 -5.39 33.03 -26.71
C ILE A 404 -4.42 33.28 -27.85
N VAL A 405 -3.84 32.20 -28.37
CA VAL A 405 -2.81 32.29 -29.44
C VAL A 405 -3.25 31.50 -30.67
N LEU A 406 -3.12 32.15 -31.83
CA LEU A 406 -3.18 31.52 -33.18
C LEU A 406 -1.78 31.03 -33.57
N ILE A 407 -1.74 29.84 -34.15
CA ILE A 407 -0.49 29.13 -34.52
C ILE A 407 -0.69 28.63 -35.94
N SER A 408 -0.14 29.35 -36.91
CA SER A 408 -0.13 28.95 -38.33
C SER A 408 0.58 27.61 -38.46
N PRO A 409 0.10 26.67 -39.31
CA PRO A 409 0.84 25.45 -39.60
C PRO A 409 2.24 25.74 -40.16
N GLU A 410 2.46 26.93 -40.74
CA GLU A 410 3.77 27.35 -41.32
C GLU A 410 4.81 27.54 -40.22
N LEU A 411 4.43 27.59 -38.93
CA LEU A 411 5.40 27.66 -37.80
C LEU A 411 6.07 26.30 -37.56
N PHE A 412 5.62 25.23 -38.22
CA PHE A 412 6.18 23.87 -37.98
C PHE A 412 7.12 23.51 -39.15
N ILE A 413 8.22 22.81 -38.84
CA ILE A 413 9.17 22.29 -39.86
C ILE A 413 9.38 20.79 -39.65
N PRO A 414 9.79 20.05 -40.70
CA PRO A 414 10.06 18.63 -40.55
C PRO A 414 11.06 18.43 -39.41
N VAL A 415 10.93 17.35 -38.66
CA VAL A 415 11.94 16.97 -37.64
C VAL A 415 13.14 16.47 -38.42
N GLU A 416 14.28 17.15 -38.36
CA GLU A 416 15.49 16.73 -39.14
C GLU A 416 16.70 16.76 -38.21
N ASP A 417 17.32 15.60 -37.98
CA ASP A 417 18.53 15.49 -37.13
C ASP A 417 19.77 15.91 -37.94
N ASP A 418 19.68 16.01 -39.28
CA ASP A 418 20.77 16.55 -40.16
C ASP A 418 20.95 18.06 -39.93
N VAL A 419 21.96 18.43 -39.15
CA VAL A 419 22.17 19.83 -38.65
C VAL A 419 22.10 20.84 -39.80
N MET A 420 22.68 20.52 -40.96
CA MET A 420 22.78 21.47 -42.09
C MET A 420 21.40 21.59 -42.76
N GLU A 421 20.75 20.47 -43.05
CA GLU A 421 19.44 20.45 -43.74
C GLU A 421 18.41 21.23 -42.89
N ARG A 422 18.44 21.04 -41.56
CA ARG A 422 17.53 21.69 -40.58
C ARG A 422 17.63 23.20 -40.70
N GLN A 423 18.87 23.69 -40.64
CA GLN A 423 19.20 25.14 -40.81
C GLN A 423 18.50 25.66 -42.08
N ARG A 424 18.70 24.99 -43.22
CA ARG A 424 18.05 25.34 -44.51
C ARG A 424 16.54 25.48 -44.30
N LEU A 425 15.92 24.49 -43.64
CA LEU A 425 14.46 24.45 -43.33
C LEU A 425 14.09 25.66 -42.49
N ILE A 426 14.87 25.99 -41.47
CA ILE A 426 14.62 27.20 -40.63
C ILE A 426 14.60 28.47 -41.50
N GLU A 427 15.51 28.57 -42.47
CA GLU A 427 15.69 29.78 -43.33
C GLU A 427 14.52 29.90 -44.31
N SER A 428 13.90 28.78 -44.69
CA SER A 428 12.78 28.72 -45.68
C SER A 428 11.50 29.32 -45.07
N VAL A 429 11.43 29.43 -43.74
CA VAL A 429 10.25 29.97 -43.01
C VAL A 429 10.39 31.48 -42.86
N PRO A 430 9.49 32.26 -43.50
CA PRO A 430 9.55 33.72 -43.44
C PRO A 430 9.52 34.29 -42.02
N ASP A 431 10.11 35.47 -41.85
CA ASP A 431 10.17 36.19 -40.55
C ASP A 431 8.75 36.67 -40.20
N SER A 432 7.93 36.91 -41.22
CA SER A 432 6.54 37.41 -41.09
C SER A 432 5.63 36.36 -40.41
N VAL A 433 6.00 35.07 -40.48
CA VAL A 433 5.20 33.96 -39.87
C VAL A 433 5.56 33.83 -38.39
N THR A 434 4.59 33.98 -37.50
CA THR A 434 4.86 34.30 -36.08
C THR A 434 3.64 33.93 -35.23
N PRO A 435 3.81 33.47 -33.98
CA PRO A 435 2.64 33.25 -33.12
C PRO A 435 1.84 34.56 -33.04
N LEU A 436 0.50 34.46 -32.94
CA LEU A 436 -0.36 35.66 -32.85
C LEU A 436 -1.17 35.62 -31.55
N ILE A 437 -0.75 36.38 -30.55
CA ILE A 437 -1.52 36.50 -29.28
C ILE A 437 -2.69 37.44 -29.54
N ILE A 438 -3.88 36.89 -29.77
CA ILE A 438 -5.09 37.69 -30.17
C ILE A 438 -5.80 38.17 -28.91
N TYR A 439 -5.45 37.64 -27.75
CA TYR A 439 -6.10 38.01 -26.48
C TYR A 439 -5.16 37.66 -25.32
N GLU A 440 -5.07 38.55 -24.32
CA GLU A 440 -4.27 38.37 -23.09
C GLU A 440 -5.00 39.05 -21.93
N GLU A 441 -5.08 38.41 -20.78
CA GLU A 441 -5.81 38.95 -19.60
C GLU A 441 -5.05 38.49 -18.36
N THR A 442 -5.18 39.23 -17.26
CA THR A 442 -4.48 39.02 -15.96
C THR A 442 -5.46 39.31 -14.84
N THR A 443 -5.23 38.74 -13.66
CA THR A 443 -6.13 38.88 -12.49
C THR A 443 -5.27 38.65 -11.25
N ASP A 444 -5.69 39.19 -10.12
CA ASP A 444 -4.97 39.01 -8.83
C ASP A 444 -5.70 37.89 -8.08
N ILE A 445 -6.77 37.35 -8.65
CA ILE A 445 -7.45 36.18 -8.00
C ILE A 445 -6.98 34.93 -8.75
N TRP A 446 -7.77 34.39 -9.67
CA TRP A 446 -7.24 33.32 -10.55
C TRP A 446 -8.04 33.29 -11.85
N ILE A 447 -7.44 32.73 -12.89
CA ILE A 447 -8.13 32.35 -14.15
C ILE A 447 -8.90 31.03 -13.95
N ASN A 448 -10.19 31.05 -14.27
CA ASN A 448 -11.05 29.87 -14.33
C ASN A 448 -11.18 29.50 -15.80
N ILE A 449 -10.56 28.39 -16.24
CA ILE A 449 -10.66 27.85 -17.64
C ILE A 449 -12.11 27.42 -17.90
N HIS A 450 -12.64 27.74 -19.08
CA HIS A 450 -14.00 27.33 -19.49
C HIS A 450 -13.96 26.85 -20.95
N ASP A 451 -15.09 26.40 -21.48
CA ASP A 451 -15.14 25.79 -22.82
C ASP A 451 -15.73 26.78 -23.83
N ILE A 452 -15.89 28.06 -23.48
CA ILE A 452 -16.53 29.04 -24.41
C ILE A 452 -15.45 29.68 -25.29
N PHE A 453 -15.52 29.49 -26.60
CA PHE A 453 -14.60 30.15 -27.55
C PHE A 453 -15.14 29.95 -28.96
N HIS A 454 -15.75 30.99 -29.51
CA HIS A 454 -16.38 30.93 -30.85
C HIS A 454 -15.62 31.81 -31.82
N VAL A 455 -15.13 31.24 -32.91
CA VAL A 455 -14.39 31.99 -33.95
C VAL A 455 -15.31 32.18 -35.17
N PHE A 456 -15.66 33.42 -35.51
CA PHE A 456 -16.51 33.72 -36.70
C PHE A 456 -15.64 33.51 -37.94
N PRO A 457 -16.22 33.22 -39.14
CA PRO A 457 -15.46 33.15 -40.39
C PRO A 457 -14.58 34.38 -40.66
N GLN A 458 -13.35 34.23 -41.18
CA GLN A 458 -12.48 35.40 -41.51
C GLN A 458 -13.07 36.11 -42.73
N SER A 459 -13.17 37.45 -42.72
CA SER A 459 -13.57 38.24 -43.93
C SER A 459 -12.52 39.30 -44.25
N HIS A 460 -11.31 39.10 -43.75
CA HIS A 460 -10.14 40.00 -43.93
C HIS A 460 -8.92 39.23 -43.38
N GLU A 461 -7.83 39.10 -44.13
CA GLU A 461 -6.60 38.39 -43.66
C GLU A 461 -5.97 39.11 -42.46
N GLU A 462 -6.33 40.38 -42.22
CA GLU A 462 -5.68 41.26 -41.22
C GLU A 462 -6.41 41.20 -39.88
N GLU A 463 -7.51 40.45 -39.81
CA GLU A 463 -8.42 40.49 -38.64
C GLU A 463 -9.06 39.12 -38.34
N ILE A 464 -9.36 38.90 -37.07
CA ILE A 464 -10.09 37.71 -36.56
C ILE A 464 -11.08 38.22 -35.55
N GLU A 465 -12.34 37.82 -35.72
CA GLU A 465 -13.44 38.20 -34.84
C GLU A 465 -13.86 36.96 -34.06
N PHE A 466 -14.10 37.08 -32.76
CA PHE A 466 -14.45 35.92 -31.93
C PHE A 466 -15.22 36.34 -30.66
N ILE A 467 -15.88 35.36 -30.06
CA ILE A 467 -16.57 35.55 -28.77
C ILE A 467 -15.80 34.76 -27.73
N PHE A 468 -15.42 35.41 -26.64
CA PHE A 468 -14.73 34.75 -25.52
C PHE A 468 -15.50 35.13 -24.25
N ALA A 469 -15.19 34.50 -23.13
CA ALA A 469 -15.83 34.77 -21.84
C ALA A 469 -14.74 35.05 -20.82
N SER A 470 -15.00 35.95 -19.88
CA SER A 470 -13.98 36.44 -18.90
C SER A 470 -14.62 37.08 -17.67
N GLU A 471 -13.98 36.84 -16.51
CA GLU A 471 -14.26 37.40 -15.17
C GLU A 471 -13.31 38.57 -14.91
N CYS A 472 -12.30 38.75 -15.76
CA CYS A 472 -11.14 39.65 -15.54
C CYS A 472 -11.54 41.13 -15.59
N LYS A 473 -12.62 41.50 -16.28
CA LYS A 473 -13.01 42.93 -16.44
C LYS A 473 -13.87 43.38 -15.25
N THR A 474 -14.84 42.59 -14.81
CA THR A 474 -15.85 42.98 -13.80
C THR A 474 -15.85 42.05 -12.56
N GLY A 475 -15.25 40.86 -12.65
CA GLY A 475 -15.36 39.84 -11.57
C GLY A 475 -16.56 38.91 -11.69
N PHE A 476 -17.40 39.07 -12.72
CA PHE A 476 -18.38 38.03 -13.12
C PHE A 476 -18.07 37.65 -14.57
N ARG A 477 -18.31 36.39 -14.92
CA ARG A 477 -18.01 35.85 -16.27
C ARG A 477 -19.05 36.41 -17.25
N HIS A 478 -18.61 37.17 -18.24
CA HIS A 478 -19.50 37.71 -19.29
C HIS A 478 -18.91 37.38 -20.67
N LEU A 479 -19.74 37.48 -21.68
CA LEU A 479 -19.35 37.27 -23.08
C LEU A 479 -18.86 38.60 -23.65
N TYR A 480 -17.73 38.56 -24.34
CA TYR A 480 -17.16 39.70 -25.09
C TYR A 480 -17.00 39.30 -26.56
N LYS A 481 -17.36 40.21 -27.48
CA LYS A 481 -17.05 40.04 -28.93
C LYS A 481 -15.81 40.87 -29.24
N ILE A 482 -14.76 40.24 -29.73
CA ILE A 482 -13.44 40.91 -29.87
C ILE A 482 -13.04 40.81 -31.33
N THR A 483 -12.42 41.86 -31.86
CA THR A 483 -11.71 41.81 -33.16
C THR A 483 -10.25 42.15 -32.89
N SER A 484 -9.32 41.27 -33.27
CA SER A 484 -7.86 41.49 -33.08
C SER A 484 -7.22 41.70 -34.44
N ILE A 485 -6.20 42.56 -34.50
CA ILE A 485 -5.51 42.85 -35.78
C ILE A 485 -4.29 41.94 -35.86
N LEU A 486 -4.23 41.14 -36.93
CA LEU A 486 -3.13 40.19 -37.20
C LEU A 486 -2.04 40.92 -37.99
N LYS A 487 -1.14 41.60 -37.29
CA LYS A 487 -0.11 42.47 -37.93
C LYS A 487 1.22 41.71 -37.94
N GLU A 488 2.12 42.12 -38.83
CA GLU A 488 3.53 41.67 -38.79
C GLU A 488 4.11 42.09 -37.42
N SER A 489 4.89 41.21 -36.81
CA SER A 489 5.60 41.43 -35.53
C SER A 489 6.91 42.19 -35.77
N LYS A 490 7.39 42.98 -34.81
CA LYS A 490 8.75 43.61 -34.86
C LYS A 490 9.83 42.52 -34.83
N TYR A 491 9.68 41.53 -33.96
CA TYR A 491 10.62 40.38 -33.88
C TYR A 491 10.80 39.77 -35.27
N LYS A 492 12.01 39.81 -35.81
CA LYS A 492 12.41 39.10 -37.04
C LYS A 492 13.42 38.03 -36.64
N ARG A 493 13.08 36.77 -36.93
CA ARG A 493 13.77 35.55 -36.44
C ARG A 493 15.23 35.51 -36.92
N SER A 494 15.46 35.92 -38.17
CA SER A 494 16.77 35.84 -38.88
C SER A 494 17.86 36.65 -38.14
N SER A 495 17.52 37.71 -37.40
CA SER A 495 18.47 38.58 -36.63
C SER A 495 19.05 37.84 -35.42
N GLY A 496 18.76 36.54 -35.26
CA GLY A 496 19.46 35.65 -34.31
C GLY A 496 19.18 36.00 -32.86
N GLY A 497 18.25 36.93 -32.59
CA GLY A 497 17.81 37.29 -31.22
C GLY A 497 16.70 36.38 -30.70
N LEU A 498 16.31 36.60 -29.44
CA LEU A 498 15.11 35.98 -28.84
C LEU A 498 14.00 37.02 -28.79
N PRO A 499 12.72 36.64 -28.95
CA PRO A 499 11.63 37.59 -28.86
C PRO A 499 11.45 38.15 -27.44
N ALA A 500 10.83 39.32 -27.34
CA ALA A 500 10.51 40.04 -26.09
C ALA A 500 9.08 39.69 -25.69
N PRO A 501 8.65 39.96 -24.45
CA PRO A 501 7.35 39.48 -23.98
C PRO A 501 6.13 39.93 -24.82
N SER A 502 6.15 41.11 -25.45
CA SER A 502 4.96 41.67 -26.16
C SER A 502 5.12 41.63 -27.69
N ASP A 503 6.18 40.99 -28.19
CA ASP A 503 6.49 41.01 -29.65
C ASP A 503 5.32 40.42 -30.45
N PHE A 504 4.61 39.41 -29.92
CA PHE A 504 3.55 38.69 -30.67
C PHE A 504 2.15 39.16 -30.28
N LYS A 505 2.02 40.14 -29.36
CA LYS A 505 0.70 40.70 -28.92
C LYS A 505 0.05 41.41 -30.11
N CYS A 506 -1.19 41.05 -30.42
CA CYS A 506 -2.02 41.68 -31.46
C CYS A 506 -2.73 42.88 -30.83
N PRO A 507 -2.90 43.98 -31.57
CA PRO A 507 -3.75 45.08 -31.11
C PRO A 507 -5.20 44.59 -31.08
N ILE A 508 -6.02 45.22 -30.23
CA ILE A 508 -7.47 44.96 -30.12
C ILE A 508 -8.22 46.07 -30.87
N LYS A 509 -8.67 45.79 -32.10
CA LYS A 509 -9.51 46.72 -32.86
C LYS A 509 -10.80 47.02 -32.10
N GLU A 510 -11.36 46.05 -31.37
CA GLU A 510 -12.69 46.22 -30.71
C GLU A 510 -12.92 45.13 -29.66
N GLU A 511 -13.49 45.53 -28.54
CA GLU A 511 -13.91 44.69 -27.40
C GLU A 511 -15.28 45.20 -26.93
N ILE A 512 -16.33 44.44 -27.16
CA ILE A 512 -17.70 44.86 -26.80
C ILE A 512 -18.27 43.84 -25.82
N ALA A 513 -18.79 44.32 -24.70
CA ALA A 513 -19.50 43.49 -23.72
C ALA A 513 -20.85 43.12 -24.33
N ILE A 514 -21.21 41.83 -24.28
CA ILE A 514 -22.48 41.29 -24.82
C ILE A 514 -23.42 41.13 -23.64
N THR A 515 -22.87 40.77 -22.51
CA THR A 515 -23.62 40.63 -21.23
C THR A 515 -22.85 41.40 -20.15
N SER A 516 -23.55 41.74 -19.07
CA SER A 516 -22.95 42.48 -17.93
C SER A 516 -23.92 42.36 -16.77
N GLY A 517 -23.43 42.57 -15.56
CA GLY A 517 -24.28 42.49 -14.37
C GLY A 517 -23.66 41.64 -13.29
N GLU A 518 -24.36 41.55 -12.15
CA GLU A 518 -23.94 40.87 -10.90
C GLU A 518 -24.40 39.40 -10.96
N TRP A 519 -24.02 38.72 -12.03
CA TRP A 519 -24.43 37.32 -12.31
C TRP A 519 -23.48 36.81 -13.38
N GLU A 520 -23.43 35.49 -13.62
CA GLU A 520 -22.39 34.94 -14.53
C GLU A 520 -22.96 34.10 -15.66
N VAL A 521 -22.22 34.07 -16.76
CA VAL A 521 -22.42 33.08 -17.86
C VAL A 521 -21.74 31.79 -17.41
N LEU A 522 -22.39 30.65 -17.58
CA LEU A 522 -21.77 29.34 -17.26
C LEU A 522 -20.98 28.81 -18.47
N GLY A 523 -19.82 28.23 -18.23
CA GLY A 523 -18.99 27.71 -19.32
C GLY A 523 -18.27 26.40 -19.01
N ARG A 524 -18.65 25.68 -17.97
CA ARG A 524 -17.98 24.44 -17.51
C ARG A 524 -19.00 23.29 -17.41
N HIS A 525 -18.55 22.03 -17.44
CA HIS A 525 -19.41 20.84 -17.18
C HIS A 525 -20.53 20.72 -18.22
N GLY A 526 -20.33 21.13 -19.47
CA GLY A 526 -21.35 21.04 -20.52
C GLY A 526 -21.99 22.39 -20.85
N SER A 527 -21.94 23.35 -19.93
CA SER A 527 -22.45 24.72 -20.24
C SER A 527 -21.55 25.37 -21.30
N ASN A 528 -22.18 25.91 -22.34
CA ASN A 528 -21.49 26.58 -23.48
C ASN A 528 -22.46 27.56 -24.14
N ILE A 529 -22.09 28.05 -25.30
CA ILE A 529 -22.91 28.97 -26.13
C ILE A 529 -23.22 28.29 -27.47
N GLN A 530 -24.34 28.68 -28.07
CA GLN A 530 -24.62 28.43 -29.49
C GLN A 530 -24.83 29.78 -30.16
N VAL A 531 -24.04 30.02 -31.17
CA VAL A 531 -24.07 31.29 -31.95
C VAL A 531 -24.92 31.08 -33.20
N ASP A 532 -25.98 31.87 -33.36
CA ASP A 532 -26.79 31.94 -34.60
C ASP A 532 -26.19 33.04 -35.49
N GLU A 533 -25.46 32.67 -36.55
CA GLU A 533 -24.71 33.66 -37.39
C GLU A 533 -25.63 34.29 -38.43
N VAL A 534 -26.86 33.78 -38.62
CA VAL A 534 -27.88 34.40 -39.52
C VAL A 534 -28.55 35.54 -38.76
N ARG A 535 -29.14 35.24 -37.60
CA ARG A 535 -29.91 36.23 -36.80
CA ARG A 535 -29.92 36.22 -36.80
C ARG A 535 -28.97 37.01 -35.88
N ARG A 536 -27.69 36.62 -35.82
CA ARG A 536 -26.66 37.33 -35.02
C ARG A 536 -27.06 37.31 -33.54
N LEU A 537 -27.43 36.12 -33.06
CA LEU A 537 -27.79 35.87 -31.64
C LEU A 537 -26.77 34.91 -31.02
N VAL A 538 -26.59 35.00 -29.71
CA VAL A 538 -25.88 33.96 -28.94
C VAL A 538 -26.81 33.47 -27.82
N TYR A 539 -26.97 32.13 -27.75
CA TYR A 539 -27.64 31.42 -26.65
C TYR A 539 -26.57 31.03 -25.62
N PHE A 540 -26.87 31.16 -24.33
CA PHE A 540 -25.91 30.97 -23.23
C PHE A 540 -26.73 30.62 -22.01
N GLU A 541 -26.11 30.05 -20.98
CA GLU A 541 -26.77 29.79 -19.69
C GLU A 541 -26.15 30.67 -18.60
N GLY A 542 -26.93 30.98 -17.56
CA GLY A 542 -26.53 32.00 -16.58
C GLY A 542 -27.37 31.99 -15.31
N THR A 543 -26.87 32.73 -14.33
CA THR A 543 -27.47 32.92 -13.00
C THR A 543 -28.16 34.29 -12.92
N LYS A 544 -28.47 34.92 -14.05
CA LYS A 544 -28.98 36.30 -14.04
C LYS A 544 -30.24 36.40 -13.18
N ASP A 545 -31.13 35.42 -13.30
CA ASP A 545 -32.40 35.41 -12.55
C ASP A 545 -32.12 35.12 -11.07
N SER A 546 -31.21 34.21 -10.78
CA SER A 546 -30.94 33.80 -9.37
C SER A 546 -29.67 32.97 -9.29
N PRO A 547 -28.94 33.04 -8.16
CA PRO A 547 -27.73 32.24 -7.98
C PRO A 547 -28.05 30.76 -7.73
N LEU A 548 -29.31 30.44 -7.41
CA LEU A 548 -29.79 29.08 -7.11
C LEU A 548 -30.38 28.42 -8.35
N GLU A 549 -30.44 29.08 -9.49
CA GLU A 549 -31.02 28.43 -10.69
C GLU A 549 -30.21 28.83 -11.91
N HIS A 550 -29.93 27.86 -12.75
CA HIS A 550 -29.33 28.10 -14.09
C HIS A 550 -30.50 28.25 -15.05
N HIS A 551 -30.40 29.19 -15.99
CA HIS A 551 -31.43 29.44 -17.03
C HIS A 551 -30.77 29.62 -18.39
N LEU A 552 -31.53 29.34 -19.46
CA LEU A 552 -31.10 29.59 -20.83
C LEU A 552 -31.51 31.02 -21.20
N TYR A 553 -30.66 31.70 -21.95
CA TYR A 553 -30.85 33.11 -22.33
C TYR A 553 -30.43 33.25 -23.79
N VAL A 554 -30.96 34.27 -24.46
CA VAL A 554 -30.49 34.69 -25.82
C VAL A 554 -30.35 36.21 -25.83
N VAL A 555 -29.39 36.68 -26.61
CA VAL A 555 -29.11 38.12 -26.76
C VAL A 555 -28.41 38.30 -28.11
N SER A 556 -28.55 39.47 -28.72
CA SER A 556 -27.84 39.83 -29.97
C SER A 556 -26.37 40.05 -29.58
N TYR A 557 -25.44 39.62 -30.44
CA TYR A 557 -23.99 39.89 -30.27
C TYR A 557 -23.63 41.13 -31.11
N VAL A 558 -24.60 41.80 -31.74
CA VAL A 558 -24.30 43.00 -32.59
C VAL A 558 -24.69 44.26 -31.81
N ASN A 559 -25.94 44.42 -31.42
CA ASN A 559 -26.29 45.58 -30.58
C ASN A 559 -26.79 45.01 -29.28
N PRO A 560 -25.89 44.49 -28.42
CA PRO A 560 -26.33 43.77 -27.23
C PRO A 560 -27.20 44.73 -26.41
N GLY A 561 -28.36 44.24 -25.98
CA GLY A 561 -29.21 44.97 -25.03
C GLY A 561 -30.06 44.00 -24.25
N GLU A 562 -31.32 43.87 -24.64
CA GLU A 562 -32.32 42.98 -24.02
C GLU A 562 -31.77 41.54 -23.97
N VAL A 563 -31.75 40.95 -22.79
CA VAL A 563 -31.45 39.51 -22.58
C VAL A 563 -32.77 38.80 -22.29
N THR A 564 -33.16 37.83 -23.12
CA THR A 564 -34.44 37.10 -23.00
C THR A 564 -34.19 35.74 -22.32
N ARG A 565 -34.82 35.51 -21.17
CA ARG A 565 -34.81 34.21 -20.48
C ARG A 565 -35.71 33.28 -21.30
N LEU A 566 -35.26 32.08 -21.64
CA LEU A 566 -36.05 31.13 -22.46
C LEU A 566 -36.61 30.00 -21.57
N THR A 567 -35.99 29.70 -20.43
CA THR A 567 -36.45 28.60 -19.57
C THR A 567 -37.39 29.20 -18.53
N ASP A 568 -38.25 28.41 -17.89
CA ASP A 568 -39.22 28.92 -16.89
C ASP A 568 -38.65 28.91 -15.46
N ARG A 569 -38.99 29.94 -14.68
CA ARG A 569 -38.52 30.10 -13.29
C ARG A 569 -39.14 29.01 -12.43
N GLY A 570 -38.51 28.75 -11.27
CA GLY A 570 -38.94 27.71 -10.31
C GLY A 570 -38.30 26.37 -10.61
N TYR A 571 -37.41 26.31 -11.60
CA TYR A 571 -36.52 25.15 -11.84
C TYR A 571 -35.09 25.62 -12.12
N SER A 572 -34.13 24.73 -11.89
CA SER A 572 -32.75 24.87 -12.43
C SER A 572 -32.66 24.04 -13.69
N HIS A 573 -32.10 24.65 -14.76
CA HIS A 573 -32.06 24.09 -16.12
C HIS A 573 -30.61 23.77 -16.51
N SER A 574 -30.46 22.72 -17.29
CA SER A 574 -29.23 22.37 -18.02
C SER A 574 -29.62 22.08 -19.46
N CYS A 575 -29.08 22.81 -20.42
CA CYS A 575 -29.70 22.86 -21.78
C CYS A 575 -28.69 22.57 -22.87
N CYS A 576 -29.19 22.16 -24.02
CA CYS A 576 -28.46 22.42 -25.25
C CYS A 576 -29.43 22.86 -26.34
N ILE A 577 -28.81 23.50 -27.35
CA ILE A 577 -29.47 24.13 -28.52
C ILE A 577 -29.06 23.30 -29.74
N SER A 578 -30.04 22.92 -30.56
CA SER A 578 -29.82 22.46 -31.94
C SER A 578 -28.79 23.35 -32.63
N GLN A 579 -27.98 22.76 -33.49
CA GLN A 579 -27.02 23.50 -34.37
C GLN A 579 -27.81 24.40 -35.32
N HIS A 580 -29.08 24.09 -35.59
CA HIS A 580 -29.96 24.89 -36.48
C HIS A 580 -30.66 26.04 -35.72
N CYS A 581 -30.58 26.09 -34.39
CA CYS A 581 -30.98 27.28 -33.59
C CYS A 581 -32.50 27.48 -33.62
N ASP A 582 -33.24 26.40 -33.86
CA ASP A 582 -34.72 26.39 -33.93
C ASP A 582 -35.29 25.48 -32.83
N PHE A 583 -34.45 24.81 -32.04
CA PHE A 583 -34.92 24.01 -30.87
C PHE A 583 -33.90 24.01 -29.74
N PHE A 584 -34.38 23.76 -28.54
CA PHE A 584 -33.53 23.52 -27.36
C PHE A 584 -34.17 22.45 -26.49
N ILE A 585 -33.30 21.70 -25.82
CA ILE A 585 -33.69 20.68 -24.82
C ILE A 585 -33.26 21.22 -23.47
N SER A 586 -34.02 20.97 -22.43
CA SER A 586 -33.66 21.28 -21.04
C SER A 586 -33.84 20.02 -20.18
N LYS A 587 -32.85 19.77 -19.34
CA LYS A 587 -32.93 18.83 -18.21
C LYS A 587 -33.06 19.72 -16.99
N TYR A 588 -34.15 19.58 -16.25
CA TYR A 588 -34.53 20.59 -15.24
C TYR A 588 -35.12 19.87 -14.05
N SER A 589 -35.01 20.48 -12.88
CA SER A 589 -35.59 19.92 -11.64
C SER A 589 -35.75 21.03 -10.63
N ASN A 590 -36.42 20.77 -9.49
CA ASN A 590 -36.35 21.69 -8.33
C ASN A 590 -36.34 20.83 -7.07
N GLN A 591 -36.25 21.44 -5.91
CA GLN A 591 -36.22 20.71 -4.61
C GLN A 591 -37.35 19.69 -4.56
N LYS A 592 -38.55 20.00 -5.07
CA LYS A 592 -39.75 19.16 -4.88
C LYS A 592 -39.85 18.12 -6.01
N ASN A 593 -39.26 18.38 -7.18
CA ASN A 593 -39.53 17.60 -8.42
C ASN A 593 -38.27 16.98 -9.03
N PRO A 594 -38.25 15.64 -9.21
CA PRO A 594 -37.13 14.97 -9.89
C PRO A 594 -36.95 15.43 -11.33
N HIS A 595 -35.75 15.23 -11.84
CA HIS A 595 -35.24 15.62 -13.18
C HIS A 595 -36.23 15.16 -14.25
N CYS A 596 -36.50 16.06 -15.20
CA CYS A 596 -37.26 15.80 -16.44
C CYS A 596 -36.39 16.30 -17.60
N VAL A 597 -36.63 15.79 -18.80
CA VAL A 597 -35.97 16.34 -20.01
C VAL A 597 -37.05 16.61 -21.04
N SER A 598 -37.10 17.85 -21.55
CA SER A 598 -38.16 18.33 -22.47
C SER A 598 -37.53 19.07 -23.64
N LEU A 599 -38.15 18.93 -24.82
CA LEU A 599 -37.79 19.62 -26.08
C LEU A 599 -38.69 20.84 -26.26
N TYR A 600 -38.10 21.98 -26.66
CA TYR A 600 -38.81 23.27 -26.86
C TYR A 600 -38.53 23.79 -28.25
N LYS A 601 -39.57 24.15 -29.02
CA LYS A 601 -39.38 24.77 -30.34
C LYS A 601 -39.16 26.28 -30.15
N LEU A 602 -38.17 26.84 -30.86
CA LEU A 602 -37.82 28.28 -30.83
C LEU A 602 -38.41 28.92 -32.08
N SER A 603 -39.00 30.10 -31.94
CA SER A 603 -39.37 30.89 -33.14
C SER A 603 -39.44 32.37 -32.82
N SER A 604 -39.75 33.13 -33.87
CA SER A 604 -39.63 34.60 -34.00
C SER A 604 -40.95 35.17 -34.49
N PRO A 605 -41.41 36.32 -33.97
CA PRO A 605 -42.46 37.09 -34.63
C PRO A 605 -41.98 37.44 -36.05
N GLU A 606 -42.86 37.37 -37.04
CA GLU A 606 -42.53 37.57 -38.47
C GLU A 606 -41.92 38.97 -38.64
N ASP A 607 -42.19 39.91 -37.74
CA ASP A 607 -41.73 41.32 -37.90
C ASP A 607 -40.31 41.52 -37.35
N ASP A 608 -39.81 40.64 -36.49
CA ASP A 608 -38.47 40.87 -35.86
C ASP A 608 -37.77 39.54 -35.59
N PRO A 609 -36.91 39.07 -36.52
CA PRO A 609 -36.24 37.78 -36.35
C PRO A 609 -35.26 37.70 -35.18
N THR A 610 -34.93 38.82 -34.54
CA THR A 610 -33.94 38.87 -33.44
C THR A 610 -34.66 38.66 -32.12
N CYS A 611 -35.98 38.59 -32.20
N CYS A 611 -35.98 38.59 -32.20
CA CYS A 611 -36.87 38.38 -31.05
CA CYS A 611 -36.87 38.38 -31.05
C CYS A 611 -37.22 36.89 -30.97
C CYS A 611 -37.22 36.89 -30.97
N LYS A 612 -37.04 36.27 -29.81
CA LYS A 612 -37.16 34.79 -29.70
C LYS A 612 -38.23 34.41 -28.71
N THR A 613 -39.05 33.43 -29.07
CA THR A 613 -40.04 32.80 -28.17
C THR A 613 -39.83 31.28 -28.21
N LYS A 614 -40.36 30.63 -27.20
CA LYS A 614 -40.30 29.17 -27.04
C LYS A 614 -41.72 28.61 -26.93
N GLU A 615 -41.89 27.37 -27.35
CA GLU A 615 -43.13 26.60 -27.11
C GLU A 615 -42.72 25.17 -26.78
N PHE A 616 -43.34 24.60 -25.77
CA PHE A 616 -43.19 23.17 -25.43
C PHE A 616 -43.54 22.36 -26.69
N TRP A 617 -42.71 21.36 -27.00
CA TRP A 617 -42.89 20.45 -28.16
C TRP A 617 -43.11 19.03 -27.67
N ALA A 618 -42.28 18.54 -26.75
CA ALA A 618 -42.35 17.13 -26.30
C ALA A 618 -41.48 16.87 -25.07
N THR A 619 -41.90 15.85 -24.32
CA THR A 619 -41.13 15.16 -23.27
C THR A 619 -40.23 14.06 -23.86
N ILE A 620 -38.96 14.10 -23.48
CA ILE A 620 -37.94 13.06 -23.79
C ILE A 620 -37.89 12.09 -22.61
N LEU A 621 -37.90 12.60 -21.38
CA LEU A 621 -37.83 11.81 -20.13
C LEU A 621 -38.77 12.44 -19.10
N ASP A 622 -39.84 11.71 -18.77
CA ASP A 622 -40.83 12.06 -17.74
C ASP A 622 -40.20 11.74 -16.39
N SER A 623 -40.50 12.48 -15.32
CA SER A 623 -40.09 12.06 -13.96
C SER A 623 -41.16 11.13 -13.39
N ALA A 624 -40.89 10.46 -12.27
CA ALA A 624 -41.91 9.68 -11.54
C ALA A 624 -42.78 10.60 -10.69
N GLY A 625 -42.51 11.92 -10.68
CA GLY A 625 -43.20 12.88 -9.81
C GLY A 625 -42.59 12.83 -8.42
N PRO A 626 -43.09 13.60 -7.43
CA PRO A 626 -42.49 13.64 -6.09
C PRO A 626 -42.35 12.20 -5.55
N LEU A 627 -41.19 11.89 -4.96
CA LEU A 627 -40.93 10.57 -4.31
C LEU A 627 -41.81 10.44 -3.07
N PRO A 628 -42.36 9.24 -2.79
CA PRO A 628 -43.24 9.08 -1.62
C PRO A 628 -42.42 9.15 -0.33
N ASP A 629 -41.30 8.42 -0.32
CA ASP A 629 -40.34 8.35 0.80
C ASP A 629 -39.82 9.76 1.15
N TYR A 630 -39.33 10.47 0.13
CA TYR A 630 -38.41 11.65 0.25
C TYR A 630 -39.15 12.95 0.59
N THR A 631 -38.76 13.58 1.69
CA THR A 631 -39.16 14.94 2.13
C THR A 631 -38.04 15.97 1.85
N PRO A 632 -38.20 16.88 0.87
CA PRO A 632 -37.11 17.77 0.51
C PRO A 632 -36.77 18.71 1.64
N PRO A 633 -35.57 19.36 1.61
CA PRO A 633 -35.23 20.41 2.55
C PRO A 633 -35.81 21.74 2.07
N GLU A 634 -35.64 22.74 2.92
CA GLU A 634 -35.94 24.17 2.64
C GLU A 634 -34.65 24.94 2.39
N ILE A 635 -34.63 25.77 1.36
CA ILE A 635 -33.51 26.72 1.14
C ILE A 635 -33.70 27.93 2.06
N PHE A 636 -32.63 28.37 2.72
CA PHE A 636 -32.63 29.59 3.55
C PHE A 636 -31.40 30.43 3.22
N SER A 637 -31.39 31.69 3.67
CA SER A 637 -30.28 32.67 3.55
C SER A 637 -30.21 33.56 4.79
N PHE A 638 -29.01 34.03 5.06
CA PHE A 638 -28.67 34.92 6.17
C PHE A 638 -27.70 35.94 5.61
N GLU A 639 -27.78 37.18 6.09
CA GLU A 639 -26.88 38.28 5.65
C GLU A 639 -25.63 38.20 6.53
N SER A 640 -24.53 37.70 5.98
CA SER A 640 -23.27 37.44 6.73
C SER A 640 -22.67 38.76 7.19
N THR A 641 -22.01 38.74 8.34
CA THR A 641 -21.12 39.85 8.80
C THR A 641 -20.06 40.16 7.72
N THR A 642 -19.77 39.20 6.83
CA THR A 642 -18.72 39.33 5.77
C THR A 642 -19.22 40.23 4.63
N GLY A 643 -20.52 40.50 4.56
CA GLY A 643 -21.08 41.43 3.56
C GLY A 643 -21.72 40.71 2.38
N PHE A 644 -21.78 39.36 2.41
CA PHE A 644 -22.43 38.52 1.37
C PHE A 644 -23.70 37.92 1.94
N THR A 645 -24.74 37.81 1.12
CA THR A 645 -25.83 36.82 1.41
C THR A 645 -25.21 35.42 1.30
N LEU A 646 -25.52 34.51 2.22
CA LEU A 646 -25.08 33.09 2.17
C LEU A 646 -26.31 32.22 2.17
N TYR A 647 -26.31 31.16 1.36
CA TYR A 647 -27.47 30.26 1.26
C TYR A 647 -27.16 28.94 1.93
N GLY A 648 -28.21 28.22 2.31
CA GLY A 648 -28.15 26.95 3.03
C GLY A 648 -29.36 26.07 2.73
N MET A 649 -29.31 24.82 3.14
CA MET A 649 -30.47 23.93 3.07
C MET A 649 -30.67 23.43 4.50
N LEU A 650 -31.92 23.29 4.91
CA LEU A 650 -32.31 22.81 6.26
C LEU A 650 -33.25 21.62 6.09
N TYR A 651 -32.87 20.48 6.63
CA TYR A 651 -33.77 19.31 6.77
C TYR A 651 -34.25 19.33 8.22
N LYS A 652 -35.55 19.59 8.45
CA LYS A 652 -36.13 19.58 9.82
C LYS A 652 -36.29 18.12 10.21
N PRO A 653 -36.03 17.75 11.49
CA PRO A 653 -36.31 16.40 11.96
C PRO A 653 -37.77 16.04 11.59
N HIS A 654 -38.02 14.81 11.14
CA HIS A 654 -39.39 14.33 10.82
C HIS A 654 -40.19 14.23 12.14
N ASP A 655 -41.53 14.25 12.06
CA ASP A 655 -42.48 14.20 13.22
C ASP A 655 -41.89 15.07 14.33
N LEU A 656 -41.62 16.33 14.00
CA LEU A 656 -41.06 17.34 14.91
C LEU A 656 -42.00 17.53 16.11
N GLN A 657 -41.55 17.12 17.30
CA GLN A 657 -42.24 17.26 18.61
C GLN A 657 -41.86 18.63 19.19
N PRO A 658 -42.82 19.43 19.73
CA PRO A 658 -42.49 20.74 20.27
C PRO A 658 -41.84 20.64 21.66
N GLY A 659 -41.12 21.68 22.08
CA GLY A 659 -40.41 21.75 23.39
C GLY A 659 -39.04 21.07 23.35
N LYS A 660 -38.93 19.97 22.60
CA LYS A 660 -37.69 19.16 22.42
C LYS A 660 -36.76 19.80 21.37
N LYS A 661 -35.44 19.71 21.61
CA LYS A 661 -34.32 20.12 20.71
C LYS A 661 -33.56 18.88 20.20
N TYR A 662 -33.24 18.83 18.92
CA TYR A 662 -32.69 17.61 18.27
C TYR A 662 -31.21 17.79 17.97
N PRO A 663 -30.45 16.68 17.82
CA PRO A 663 -29.04 16.76 17.45
C PRO A 663 -28.90 17.14 15.96
N THR A 664 -27.80 17.80 15.62
CA THR A 664 -27.58 18.49 14.31
C THR A 664 -26.36 17.86 13.59
N VAL A 665 -26.56 17.34 12.37
CA VAL A 665 -25.46 17.00 11.43
C VAL A 665 -25.34 18.11 10.38
N LEU A 666 -24.19 18.77 10.32
CA LEU A 666 -23.76 19.65 9.21
C LEU A 666 -23.06 18.82 8.14
N PHE A 667 -23.64 18.71 6.94
CA PHE A 667 -22.96 18.14 5.75
C PHE A 667 -22.28 19.25 4.95
N ILE A 668 -21.01 19.05 4.60
CA ILE A 668 -20.16 20.13 4.00
C ILE A 668 -19.35 19.57 2.83
N TYR A 669 -19.14 20.43 1.83
CA TYR A 669 -18.04 20.35 0.86
C TYR A 669 -17.17 21.60 1.11
N GLY A 670 -17.62 22.77 0.63
CA GLY A 670 -17.10 24.07 1.08
C GLY A 670 -15.91 24.55 0.29
N GLY A 671 -15.60 23.88 -0.81
CA GLY A 671 -14.37 24.08 -1.59
C GLY A 671 -14.70 24.77 -2.89
N PRO A 672 -13.69 25.22 -3.66
CA PRO A 672 -13.94 25.91 -4.92
C PRO A 672 -14.57 24.97 -5.96
N GLN A 673 -15.28 25.55 -6.93
CA GLN A 673 -15.79 24.93 -8.18
C GLN A 673 -17.07 24.15 -7.89
N VAL A 674 -17.60 24.19 -6.66
CA VAL A 674 -18.81 23.43 -6.28
C VAL A 674 -19.78 24.37 -5.57
N GLN A 675 -21.07 24.13 -5.80
CA GLN A 675 -22.20 24.75 -5.08
C GLN A 675 -23.18 23.63 -4.66
N LEU A 676 -23.37 23.39 -3.36
CA LEU A 676 -24.34 22.38 -2.86
C LEU A 676 -25.75 22.96 -2.80
N VAL A 677 -25.92 24.24 -2.48
CA VAL A 677 -27.25 24.85 -2.20
C VAL A 677 -27.79 25.46 -3.48
N ASN A 678 -28.81 24.86 -4.08
CA ASN A 678 -29.47 25.47 -5.26
C ASN A 678 -30.83 24.83 -5.38
N ASN A 679 -31.63 25.26 -6.36
CA ASN A 679 -33.03 24.82 -6.52
C ASN A 679 -33.01 23.64 -7.49
N ARG A 680 -32.38 22.55 -7.07
CA ARG A 680 -32.43 21.26 -7.79
C ARG A 680 -32.94 20.17 -6.87
N PHE A 681 -33.35 19.06 -7.48
CA PHE A 681 -33.75 17.85 -6.75
C PHE A 681 -32.53 17.23 -6.07
N LYS A 682 -32.54 17.14 -4.74
CA LYS A 682 -31.45 16.52 -3.93
C LYS A 682 -31.84 15.10 -3.48
N GLY A 683 -32.92 14.56 -4.03
CA GLY A 683 -33.45 13.26 -3.59
C GLY A 683 -32.70 12.06 -4.18
N VAL A 684 -31.77 12.24 -5.11
CA VAL A 684 -30.97 11.07 -5.58
C VAL A 684 -29.66 11.01 -4.78
N LYS A 685 -28.71 11.87 -5.10
CA LYS A 685 -27.36 11.88 -4.49
C LYS A 685 -27.41 12.14 -2.98
N TYR A 686 -28.28 13.05 -2.52
CA TYR A 686 -28.31 13.50 -1.10
C TYR A 686 -29.54 12.93 -0.39
N PHE A 687 -30.08 11.87 -0.95
CA PHE A 687 -31.24 11.16 -0.35
C PHE A 687 -30.99 10.92 1.14
N ARG A 688 -29.81 10.41 1.51
CA ARG A 688 -29.57 9.93 2.89
C ARG A 688 -29.61 11.12 3.86
N LEU A 689 -29.47 12.36 3.39
CA LEU A 689 -29.67 13.54 4.27
C LEU A 689 -31.12 13.50 4.81
N ASN A 690 -32.04 12.92 4.03
CA ASN A 690 -33.48 12.80 4.37
C ASN A 690 -33.65 11.63 5.35
N THR A 691 -33.05 10.47 5.07
CA THR A 691 -32.96 9.36 6.04
C THR A 691 -32.55 9.91 7.42
N LEU A 692 -31.53 10.78 7.48
CA LEU A 692 -30.99 11.29 8.77
C LEU A 692 -32.08 12.06 9.49
N ALA A 693 -32.74 12.97 8.76
CA ALA A 693 -33.89 13.76 9.24
C ALA A 693 -34.99 12.80 9.71
N SER A 694 -35.22 11.73 8.96
CA SER A 694 -36.24 10.70 9.31
C SER A 694 -35.87 10.05 10.66
N LEU A 695 -34.63 10.14 11.14
CA LEU A 695 -34.22 9.46 12.41
C LEU A 695 -34.22 10.43 13.59
N GLY A 696 -34.38 11.72 13.35
CA GLY A 696 -34.38 12.76 14.39
C GLY A 696 -33.20 13.73 14.34
N TYR A 697 -32.40 13.73 13.27
CA TYR A 697 -31.29 14.70 13.14
C TYR A 697 -31.79 15.87 12.31
N VAL A 698 -31.52 17.08 12.81
CA VAL A 698 -31.50 18.32 12.01
C VAL A 698 -30.28 18.20 11.08
N VAL A 699 -30.49 18.39 9.78
CA VAL A 699 -29.38 18.41 8.79
C VAL A 699 -29.27 19.81 8.19
N VAL A 700 -28.05 20.31 8.13
CA VAL A 700 -27.73 21.66 7.59
C VAL A 700 -26.69 21.50 6.50
N VAL A 701 -26.85 22.24 5.42
CA VAL A 701 -25.84 22.41 4.36
C VAL A 701 -25.72 23.91 4.12
N ILE A 702 -24.48 24.41 4.06
CA ILE A 702 -24.19 25.83 3.80
C ILE A 702 -23.05 25.93 2.78
N ASP A 703 -23.23 26.79 1.78
CA ASP A 703 -22.21 27.25 0.79
C ASP A 703 -21.43 28.42 1.38
N ASN A 704 -20.26 28.14 1.96
CA ASN A 704 -19.37 29.18 2.51
C ASN A 704 -18.75 29.97 1.37
N ARG A 705 -18.12 31.11 1.68
CA ARG A 705 -17.32 31.85 0.67
C ARG A 705 -16.33 30.83 0.09
N GLY A 706 -15.91 31.01 -1.17
CA GLY A 706 -15.07 30.04 -1.91
C GLY A 706 -15.87 29.18 -2.87
N SER A 707 -17.13 28.89 -2.53
CA SER A 707 -18.08 28.13 -3.38
C SER A 707 -18.40 28.94 -4.65
N CYS A 708 -19.01 28.34 -5.69
CA CYS A 708 -19.09 28.98 -7.03
C CYS A 708 -20.51 29.47 -7.32
N HIS A 709 -20.69 30.08 -8.49
CA HIS A 709 -21.93 30.67 -9.03
C HIS A 709 -22.25 31.98 -8.30
N ARG A 710 -21.25 32.63 -7.70
CA ARG A 710 -21.38 33.91 -6.98
C ARG A 710 -20.31 34.91 -7.42
N GLY A 711 -19.57 34.61 -8.48
CA GLY A 711 -18.56 35.50 -9.08
C GLY A 711 -17.20 35.33 -8.44
N LEU A 712 -16.19 35.96 -9.05
CA LEU A 712 -14.77 35.81 -8.69
C LEU A 712 -14.46 36.38 -7.30
N LYS A 713 -15.12 37.45 -6.85
CA LYS A 713 -14.69 38.15 -5.60
C LYS A 713 -15.04 37.22 -4.42
N PHE A 714 -16.22 36.65 -4.45
CA PHE A 714 -16.76 35.68 -3.48
C PHE A 714 -15.90 34.40 -3.47
N GLU A 715 -15.57 33.87 -4.65
CA GLU A 715 -14.72 32.66 -4.80
C GLU A 715 -13.34 32.98 -4.23
N GLY A 716 -12.87 34.21 -4.43
CA GLY A 716 -11.50 34.67 -4.09
C GLY A 716 -11.27 34.87 -2.60
N ALA A 717 -12.31 34.78 -1.77
CA ALA A 717 -12.22 35.03 -0.32
C ALA A 717 -11.08 34.23 0.33
N PHE A 718 -10.87 32.97 -0.04
CA PHE A 718 -9.85 32.13 0.68
C PHE A 718 -8.53 32.05 -0.11
N LYS A 719 -8.32 32.89 -1.10
CA LYS A 719 -7.02 32.92 -1.81
C LYS A 719 -5.91 33.01 -0.75
N TYR A 720 -5.03 32.01 -0.73
CA TYR A 720 -3.80 31.80 0.11
C TYR A 720 -4.18 31.34 1.51
N LYS A 721 -5.45 31.16 1.80
CA LYS A 721 -5.99 31.02 3.18
C LYS A 721 -6.96 29.84 3.21
N MET A 722 -6.77 28.84 2.35
CA MET A 722 -7.65 27.65 2.37
C MET A 722 -7.68 27.08 3.80
N GLY A 723 -8.87 26.76 4.28
CA GLY A 723 -9.10 26.21 5.63
C GLY A 723 -9.29 27.27 6.72
N GLN A 724 -9.07 28.55 6.44
CA GLN A 724 -9.01 29.60 7.50
C GLN A 724 -10.34 30.37 7.64
N ILE A 725 -11.23 30.37 6.65
CA ILE A 725 -12.51 31.18 6.67
C ILE A 725 -13.75 30.28 6.57
N GLU A 726 -13.62 29.05 6.11
CA GLU A 726 -14.81 28.30 5.65
C GLU A 726 -15.67 28.01 6.88
N ILE A 727 -15.06 27.57 7.97
CA ILE A 727 -15.82 27.11 9.18
C ILE A 727 -16.49 28.31 9.88
N ASP A 728 -15.93 29.53 9.83
CA ASP A 728 -16.59 30.74 10.37
C ASP A 728 -17.95 30.89 9.71
N ASP A 729 -18.00 30.71 8.38
CA ASP A 729 -19.27 30.88 7.63
C ASP A 729 -20.23 29.79 8.06
N GLN A 730 -19.70 28.60 8.31
CA GLN A 730 -20.53 27.41 8.63
C GLN A 730 -21.17 27.67 9.98
N VAL A 731 -20.34 27.97 10.98
CA VAL A 731 -20.79 28.26 12.37
C VAL A 731 -21.78 29.46 12.35
N GLU A 732 -21.50 30.52 11.57
CA GLU A 732 -22.34 31.74 11.49
C GLU A 732 -23.76 31.34 11.08
N GLY A 733 -23.89 30.54 10.03
CA GLY A 733 -25.19 30.06 9.53
C GLY A 733 -25.85 29.09 10.49
N LEU A 734 -25.04 28.34 11.25
CA LEU A 734 -25.53 27.42 12.29
C LEU A 734 -26.13 28.25 13.45
N GLN A 735 -25.37 29.21 13.97
CA GLN A 735 -25.81 30.17 15.04
C GLN A 735 -27.06 30.95 14.54
N TYR A 736 -27.11 31.36 13.27
CA TYR A 736 -28.32 32.02 12.71
C TYR A 736 -29.51 31.07 12.80
N LEU A 737 -29.39 29.86 12.28
CA LEU A 737 -30.50 28.87 12.29
C LEU A 737 -30.97 28.62 13.73
N ALA A 738 -30.04 28.62 14.70
CA ALA A 738 -30.30 28.11 16.07
C ALA A 738 -31.14 29.14 16.84
N SER A 739 -30.85 30.42 16.63
CA SER A 739 -31.52 31.58 17.27
C SER A 739 -32.89 31.86 16.63
N ARG A 740 -33.17 31.25 15.47
CA ARG A 740 -34.49 31.29 14.78
C ARG A 740 -35.32 30.05 15.14
N TYR A 741 -34.66 28.96 15.55
CA TYR A 741 -35.30 27.64 15.74
C TYR A 741 -34.80 27.01 17.05
N ASP A 742 -35.62 27.05 18.09
CA ASP A 742 -35.28 26.48 19.43
C ASP A 742 -35.02 24.96 19.30
N PHE A 743 -35.40 24.35 18.16
CA PHE A 743 -35.37 22.87 17.99
C PHE A 743 -33.96 22.37 17.58
N ILE A 744 -32.97 23.26 17.42
CA ILE A 744 -31.55 22.90 17.14
C ILE A 744 -30.76 22.76 18.45
N ASP A 745 -30.32 21.55 18.79
CA ASP A 745 -29.49 21.36 20.00
C ASP A 745 -28.02 21.67 19.65
N LEU A 746 -27.57 22.90 19.92
CA LEU A 746 -26.16 23.36 19.70
C LEU A 746 -25.11 22.57 20.49
N ASP A 747 -25.48 21.77 21.48
CA ASP A 747 -24.50 20.97 22.28
C ASP A 747 -24.27 19.60 21.63
N ARG A 748 -24.98 19.31 20.54
CA ARG A 748 -24.89 18.00 19.86
C ARG A 748 -24.83 18.23 18.34
N VAL A 749 -23.81 18.93 17.88
CA VAL A 749 -23.54 19.14 16.44
C VAL A 749 -22.39 18.25 15.97
N GLY A 750 -22.63 17.49 14.88
CA GLY A 750 -21.60 16.74 14.13
C GLY A 750 -21.32 17.37 12.76
N ILE A 751 -20.15 17.10 12.19
CA ILE A 751 -19.87 17.55 10.79
C ILE A 751 -19.30 16.40 9.95
N HIS A 752 -19.67 16.37 8.69
CA HIS A 752 -19.34 15.25 7.78
C HIS A 752 -19.21 15.75 6.37
N GLY A 753 -18.15 15.32 5.69
CA GLY A 753 -17.92 15.64 4.28
C GLY A 753 -16.89 14.71 3.65
N TRP A 754 -16.77 14.79 2.33
CA TRP A 754 -15.78 14.04 1.54
C TRP A 754 -14.89 15.04 0.83
N SER A 755 -13.64 14.68 0.69
CA SER A 755 -12.67 15.43 -0.13
C SER A 755 -12.44 16.77 0.52
N TYR A 756 -12.67 17.89 -0.16
CA TYR A 756 -12.56 19.20 0.50
C TYR A 756 -13.49 19.17 1.72
N GLY A 757 -14.61 18.46 1.64
CA GLY A 757 -15.53 18.35 2.79
C GLY A 757 -14.92 17.57 3.95
N GLY A 758 -14.12 16.56 3.65
CA GLY A 758 -13.40 15.81 4.68
C GLY A 758 -12.37 16.73 5.30
N TYR A 759 -11.69 17.52 4.48
CA TYR A 759 -10.71 18.53 4.93
C TYR A 759 -11.42 19.46 5.95
N LEU A 760 -12.52 20.11 5.55
CA LEU A 760 -13.20 21.09 6.42
C LEU A 760 -13.79 20.39 7.65
N SER A 761 -14.22 19.13 7.53
CA SER A 761 -14.67 18.35 8.72
C SER A 761 -13.52 18.27 9.74
N LEU A 762 -12.27 18.09 9.29
CA LEU A 762 -11.12 18.02 10.21
C LEU A 762 -10.84 19.41 10.78
N MET A 763 -10.73 20.43 9.93
CA MET A 763 -10.53 21.84 10.35
C MET A 763 -11.56 22.22 11.41
N ALA A 764 -12.82 21.80 11.26
CA ALA A 764 -13.94 22.15 12.17
C ALA A 764 -13.62 21.65 13.58
N LEU A 765 -13.22 20.39 13.69
CA LEU A 765 -12.99 19.76 15.00
C LEU A 765 -11.79 20.41 15.67
N MET A 766 -10.86 20.89 14.86
CA MET A 766 -9.51 21.37 15.27
C MET A 766 -9.62 22.83 15.75
N GLN A 767 -10.25 23.69 14.96
CA GLN A 767 -10.51 25.13 15.27
C GLN A 767 -11.70 25.32 16.23
N ARG A 768 -12.74 24.47 16.18
CA ARG A 768 -14.02 24.69 16.87
C ARG A 768 -14.55 23.43 17.57
N SER A 769 -13.73 22.77 18.40
CA SER A 769 -14.17 21.69 19.33
C SER A 769 -15.30 22.20 20.22
N ASP A 770 -15.42 23.51 20.44
CA ASP A 770 -16.55 24.05 21.24
C ASP A 770 -17.87 23.87 20.49
N ILE A 771 -17.85 23.93 19.17
CA ILE A 771 -19.11 23.84 18.36
C ILE A 771 -19.39 22.38 18.00
N PHE A 772 -18.35 21.60 17.65
CA PHE A 772 -18.53 20.30 16.96
C PHE A 772 -18.10 19.15 17.86
N ARG A 773 -19.05 18.31 18.24
CA ARG A 773 -18.81 17.07 19.02
C ARG A 773 -18.02 16.08 18.16
N VAL A 774 -18.49 15.82 16.95
CA VAL A 774 -17.90 14.77 16.08
C VAL A 774 -17.69 15.32 14.67
N ALA A 775 -16.59 14.87 14.09
CA ALA A 775 -16.17 15.19 12.73
C ALA A 775 -15.95 13.84 12.08
N ILE A 776 -16.64 13.57 10.98
CA ILE A 776 -16.38 12.36 10.13
C ILE A 776 -15.81 12.82 8.79
N ALA A 777 -14.54 12.53 8.55
CA ALA A 777 -13.80 13.04 7.37
C ALA A 777 -13.55 11.90 6.39
N GLY A 778 -14.16 12.01 5.23
CA GLY A 778 -14.00 11.08 4.10
C GLY A 778 -12.99 11.60 3.10
N ALA A 779 -11.97 10.80 2.82
CA ALA A 779 -10.92 11.10 1.83
C ALA A 779 -10.45 12.54 1.98
N PRO A 780 -10.05 12.99 3.19
CA PRO A 780 -9.61 14.35 3.40
C PRO A 780 -8.24 14.63 2.76
N VAL A 781 -8.09 15.82 2.19
CA VAL A 781 -6.74 16.46 2.04
C VAL A 781 -6.26 16.87 3.43
N THR A 782 -5.02 16.51 3.80
CA THR A 782 -4.43 16.79 5.12
C THR A 782 -3.12 17.55 4.98
N LEU A 783 -2.59 17.65 3.78
CA LEU A 783 -1.25 18.22 3.56
C LEU A 783 -1.22 18.79 2.14
N TRP A 784 -1.30 20.12 2.04
CA TRP A 784 -1.44 20.76 0.72
C TRP A 784 -0.25 20.42 -0.17
N ILE A 785 0.94 20.12 0.37
CA ILE A 785 2.14 19.83 -0.49
C ILE A 785 2.04 18.42 -1.09
N PHE A 786 1.12 17.55 -0.61
CA PHE A 786 0.82 16.22 -1.22
C PHE A 786 -0.27 16.26 -2.29
N TYR A 787 -0.88 17.42 -2.51
CA TYR A 787 -1.89 17.56 -3.60
C TYR A 787 -1.19 18.14 -4.83
N ASP A 788 -1.89 18.33 -5.94
CA ASP A 788 -1.22 18.55 -7.25
C ASP A 788 -0.98 20.04 -7.53
N THR A 789 -0.17 20.32 -8.54
CA THR A 789 0.15 21.69 -8.98
C THR A 789 -1.08 22.45 -9.45
N GLY A 790 -1.83 21.90 -10.41
CA GLY A 790 -2.90 22.64 -11.11
C GLY A 790 -3.95 23.19 -10.13
N TYR A 791 -4.30 22.40 -9.13
CA TYR A 791 -5.35 22.80 -8.15
C TYR A 791 -4.72 23.71 -7.09
N THR A 792 -3.78 23.17 -6.33
CA THR A 792 -3.21 23.81 -5.12
C THR A 792 -2.63 25.18 -5.47
N GLU A 793 -1.84 25.29 -6.53
CA GLU A 793 -1.13 26.57 -6.77
C GLU A 793 -2.15 27.62 -7.25
N ARG A 794 -3.22 27.18 -7.87
CA ARG A 794 -4.26 28.12 -8.35
C ARG A 794 -4.73 28.94 -7.14
N TYR A 795 -5.09 28.28 -6.05
CA TYR A 795 -5.80 28.90 -4.91
C TYR A 795 -4.80 29.32 -3.82
N MET A 796 -3.60 28.71 -3.74
CA MET A 796 -2.70 28.89 -2.58
C MET A 796 -1.34 29.43 -3.00
N GLY A 797 -1.09 29.64 -4.29
CA GLY A 797 0.25 29.96 -4.80
C GLY A 797 1.30 28.88 -4.54
N HIS A 798 2.54 29.19 -4.92
CA HIS A 798 3.75 28.37 -4.70
C HIS A 798 3.99 28.34 -3.20
N PRO A 799 4.28 27.15 -2.62
CA PRO A 799 4.54 27.05 -1.18
C PRO A 799 5.63 27.99 -0.60
N ASP A 800 6.57 28.46 -1.43
CA ASP A 800 7.66 29.41 -1.04
C ASP A 800 7.07 30.80 -0.76
N GLN A 801 5.99 31.15 -1.45
CA GLN A 801 5.33 32.47 -1.35
C GLN A 801 4.25 32.43 -0.28
N ASN A 802 4.06 31.29 0.38
CA ASN A 802 2.89 31.12 1.30
C ASN A 802 3.20 30.04 2.36
N GLU A 803 4.33 30.17 3.05
CA GLU A 803 4.72 29.28 4.18
C GLU A 803 3.56 29.19 5.18
N GLN A 804 2.94 30.32 5.52
CA GLN A 804 1.98 30.39 6.64
C GLN A 804 0.62 29.80 6.19
N GLY A 805 0.16 30.14 4.99
CA GLY A 805 -1.08 29.55 4.47
C GLY A 805 -1.00 28.02 4.40
N TYR A 806 0.12 27.49 3.87
CA TYR A 806 0.37 26.04 3.71
C TYR A 806 0.42 25.38 5.07
N TYR A 807 1.02 26.02 6.06
CA TYR A 807 1.11 25.42 7.42
C TYR A 807 -0.31 25.40 8.02
N LEU A 808 -0.94 26.57 8.10
CA LEU A 808 -2.26 26.74 8.76
C LEU A 808 -3.32 25.91 8.01
N GLY A 809 -3.21 25.81 6.69
CA GLY A 809 -4.21 25.11 5.85
C GLY A 809 -4.03 23.59 5.87
N SER A 810 -2.91 23.08 6.41
CA SER A 810 -2.55 21.64 6.39
C SER A 810 -2.82 21.01 7.75
N VAL A 811 -3.95 20.32 7.87
CA VAL A 811 -4.42 19.61 9.09
C VAL A 811 -3.27 18.77 9.69
N ALA A 812 -2.55 18.01 8.88
CA ALA A 812 -1.53 17.02 9.34
C ALA A 812 -0.42 17.73 10.12
N MET A 813 -0.09 18.97 9.75
CA MET A 813 0.95 19.79 10.43
C MET A 813 0.47 20.24 11.82
N GLN A 814 -0.81 20.07 12.18
CA GLN A 814 -1.42 20.62 13.42
C GLN A 814 -2.11 19.51 14.23
N ALA A 815 -1.65 18.28 14.14
CA ALA A 815 -2.25 17.14 14.87
C ALA A 815 -2.39 17.42 16.37
N GLU A 816 -1.49 18.22 16.97
CA GLU A 816 -1.54 18.51 18.45
C GLU A 816 -2.84 19.28 18.80
N LYS A 817 -3.52 19.94 17.86
CA LYS A 817 -4.76 20.75 18.10
C LYS A 817 -6.01 19.88 18.09
N PHE A 818 -5.90 18.56 17.98
CA PHE A 818 -7.08 17.66 17.94
C PHE A 818 -7.51 17.31 19.37
N PRO A 819 -8.77 16.90 19.59
CA PRO A 819 -9.26 16.53 20.92
C PRO A 819 -8.46 15.36 21.50
N SER A 820 -8.28 15.35 22.82
CA SER A 820 -7.70 14.21 23.57
C SER A 820 -8.82 13.27 24.01
N GLU A 821 -10.07 13.63 23.74
CA GLU A 821 -11.25 12.77 24.02
C GLU A 821 -11.51 11.87 22.81
N PRO A 822 -11.62 10.53 22.97
CA PRO A 822 -11.92 9.66 21.84
C PRO A 822 -13.40 9.69 21.44
N ASN A 823 -13.74 9.03 20.33
CA ASN A 823 -15.10 8.99 19.69
C ASN A 823 -15.56 10.39 19.20
N ARG A 824 -14.64 11.27 18.81
CA ARG A 824 -15.02 12.56 18.18
C ARG A 824 -14.52 12.65 16.74
N LEU A 825 -13.53 11.84 16.36
CA LEU A 825 -12.80 11.94 15.08
C LEU A 825 -12.86 10.59 14.40
N LEU A 826 -13.50 10.51 13.24
CA LEU A 826 -13.56 9.27 12.43
C LEU A 826 -13.04 9.62 11.04
N LEU A 827 -12.05 8.85 10.55
CA LEU A 827 -11.48 8.98 9.18
C LEU A 827 -11.99 7.82 8.30
N LEU A 828 -12.35 8.13 7.07
CA LEU A 828 -12.81 7.15 6.05
C LEU A 828 -11.96 7.40 4.83
N HIS A 829 -11.38 6.36 4.24
CA HIS A 829 -10.56 6.50 3.02
C HIS A 829 -10.63 5.19 2.25
N GLY A 830 -10.71 5.28 0.92
CA GLY A 830 -10.20 4.23 0.01
C GLY A 830 -8.67 4.22 -0.01
N PHE A 831 -8.11 3.02 -0.11
CA PHE A 831 -6.66 2.71 -0.04
C PHE A 831 -5.95 3.01 -1.37
N LEU A 832 -6.71 3.04 -2.48
CA LEU A 832 -6.17 3.15 -3.86
C LEU A 832 -6.73 4.40 -4.52
N ASP A 833 -7.23 5.35 -3.71
CA ASP A 833 -7.77 6.63 -4.21
C ASP A 833 -6.69 7.30 -5.07
N GLU A 834 -7.03 7.67 -6.32
CA GLU A 834 -6.07 8.15 -7.35
C GLU A 834 -6.09 9.70 -7.36
N ASN A 835 -7.03 10.28 -6.62
CA ASN A 835 -7.28 11.75 -6.56
C ASN A 835 -6.76 12.33 -5.23
N VAL A 836 -7.36 11.94 -4.10
CA VAL A 836 -6.86 12.22 -2.73
C VAL A 836 -6.20 10.95 -2.21
N HIS A 837 -4.89 10.85 -2.34
CA HIS A 837 -4.15 9.63 -2.00
C HIS A 837 -4.38 9.26 -0.52
N PHE A 838 -4.31 7.96 -0.25
CA PHE A 838 -4.38 7.39 1.11
C PHE A 838 -3.28 8.01 1.97
N ALA A 839 -2.16 8.34 1.33
CA ALA A 839 -1.00 9.09 1.88
C ALA A 839 -1.49 10.23 2.80
N HIS A 840 -2.47 11.04 2.36
CA HIS A 840 -3.08 12.11 3.18
C HIS A 840 -3.54 11.52 4.52
N THR A 841 -4.26 10.42 4.50
CA THR A 841 -4.78 9.83 5.76
C THR A 841 -3.62 9.21 6.54
N SER A 842 -2.66 8.57 5.89
CA SER A 842 -1.61 7.86 6.66
C SER A 842 -0.66 8.87 7.31
N ILE A 843 -0.37 9.99 6.64
CA ILE A 843 0.51 11.03 7.23
C ILE A 843 -0.21 11.62 8.46
N LEU A 844 -1.51 11.85 8.35
CA LEU A 844 -2.29 12.38 9.49
C LEU A 844 -2.18 11.40 10.65
N LEU A 845 -2.42 10.13 10.38
CA LEU A 845 -2.38 9.11 11.46
C LEU A 845 -0.99 9.10 12.10
N SER A 846 0.07 9.17 11.31
CA SER A 846 1.47 9.28 11.84
C SER A 846 1.56 10.41 12.87
N PHE A 847 1.05 11.59 12.55
CA PHE A 847 1.13 12.79 13.45
C PHE A 847 0.11 12.70 14.60
N LEU A 848 -1.09 12.13 14.39
CA LEU A 848 -2.01 11.89 15.54
C LEU A 848 -1.33 10.95 16.54
N VAL A 849 -0.69 9.91 16.04
CA VAL A 849 -0.06 8.88 16.91
C VAL A 849 1.08 9.56 17.67
N ARG A 850 1.91 10.30 16.96
CA ARG A 850 3.03 11.03 17.59
C ARG A 850 2.50 12.00 18.65
N ALA A 851 1.38 12.65 18.42
CA ALA A 851 0.81 13.62 19.37
C ALA A 851 -0.05 12.91 20.43
N GLY A 852 -0.08 11.59 20.47
CA GLY A 852 -0.93 10.90 21.47
C GLY A 852 -2.43 11.18 21.34
N LYS A 853 -2.96 11.37 20.12
CA LYS A 853 -4.40 11.70 19.88
C LYS A 853 -5.20 10.47 19.49
N PRO A 854 -6.46 10.32 19.97
CA PRO A 854 -7.34 9.24 19.54
C PRO A 854 -7.95 9.49 18.14
N TYR A 855 -8.29 8.40 17.45
CA TYR A 855 -9.04 8.44 16.16
C TYR A 855 -9.69 7.08 15.92
N ASP A 856 -10.78 7.10 15.16
CA ASP A 856 -11.40 5.91 14.54
C ASP A 856 -11.14 5.94 13.02
N LEU A 857 -11.11 4.75 12.42
CA LEU A 857 -10.75 4.58 10.99
C LEU A 857 -11.65 3.51 10.36
N GLN A 858 -12.14 3.78 9.15
CA GLN A 858 -12.69 2.74 8.24
C GLN A 858 -11.94 2.81 6.92
N ILE A 859 -11.54 1.65 6.41
CA ILE A 859 -10.95 1.52 5.07
C ILE A 859 -11.89 0.67 4.23
N TYR A 860 -12.01 1.05 2.96
CA TYR A 860 -12.76 0.35 1.88
C TYR A 860 -11.71 -0.14 0.89
N PRO A 861 -11.05 -1.30 1.12
CA PRO A 861 -9.78 -1.65 0.44
C PRO A 861 -9.74 -1.75 -1.09
N GLN A 862 -10.90 -1.82 -1.78
CA GLN A 862 -10.99 -1.72 -3.26
C GLN A 862 -12.36 -1.15 -3.66
N VAL A 869 -18.29 0.56 -5.57
CA VAL A 869 -18.87 -0.81 -5.37
C VAL A 869 -20.11 -0.66 -4.48
N PRO A 870 -21.21 -1.41 -4.73
CA PRO A 870 -22.41 -1.32 -3.88
C PRO A 870 -22.05 -1.68 -2.42
N GLU A 871 -21.18 -2.69 -2.26
CA GLU A 871 -20.77 -3.34 -0.98
C GLU A 871 -20.28 -2.23 -0.03
N SER A 872 -19.30 -1.46 -0.50
CA SER A 872 -18.61 -0.37 0.23
C SER A 872 -19.62 0.71 0.65
N GLY A 873 -20.46 1.17 -0.28
CA GLY A 873 -21.48 2.21 -0.04
C GLY A 873 -22.39 1.82 1.11
N GLU A 874 -22.92 0.59 1.08
CA GLU A 874 -23.89 0.13 2.11
C GLU A 874 -23.18 0.11 3.47
N HIS A 875 -21.96 -0.37 3.53
CA HIS A 875 -21.20 -0.46 4.81
C HIS A 875 -20.96 0.94 5.40
N TYR A 876 -20.62 1.90 4.54
CA TYR A 876 -20.30 3.29 4.93
C TYR A 876 -21.58 3.91 5.51
N GLU A 877 -22.69 3.79 4.80
CA GLU A 877 -23.98 4.39 5.25
C GLU A 877 -24.30 3.79 6.62
N LEU A 878 -24.09 2.48 6.72
CA LEU A 878 -24.41 1.69 7.93
C LEU A 878 -23.52 2.16 9.09
N HIS A 879 -22.20 2.15 8.91
CA HIS A 879 -21.24 2.60 9.95
C HIS A 879 -21.52 4.05 10.33
N LEU A 880 -21.82 4.92 9.36
CA LEU A 880 -22.02 6.36 9.64
C LEU A 880 -23.28 6.56 10.49
N LEU A 881 -24.39 5.92 10.12
CA LEU A 881 -25.64 6.01 10.92
C LEU A 881 -25.33 5.52 12.33
N HIS A 882 -24.67 4.38 12.45
CA HIS A 882 -24.36 3.78 13.77
C HIS A 882 -23.42 4.69 14.55
N TYR A 883 -22.42 5.28 13.90
CA TYR A 883 -21.43 6.13 14.60
C TYR A 883 -22.16 7.35 15.19
N LEU A 884 -23.06 7.94 14.42
CA LEU A 884 -23.78 9.17 14.85
C LEU A 884 -24.72 8.83 16.02
N GLN A 885 -25.41 7.70 15.91
CA GLN A 885 -26.25 7.13 16.98
C GLN A 885 -25.43 7.01 18.26
N GLU A 886 -24.30 6.29 18.24
CA GLU A 886 -23.55 5.90 19.47
C GLU A 886 -22.77 7.08 20.03
N ASN A 887 -22.47 8.11 19.23
CA ASN A 887 -21.48 9.15 19.65
C ASN A 887 -22.05 10.55 19.48
N LEU A 888 -23.29 10.72 19.01
CA LEU A 888 -23.89 12.08 18.94
C LEU A 888 -25.36 12.11 19.38
N GLY A 889 -26.20 11.24 18.83
CA GLY A 889 -27.68 11.40 18.85
C GLY A 889 -28.36 10.75 20.05
N SER A 890 -27.97 9.52 20.39
CA SER A 890 -28.74 8.59 21.27
C SER A 890 -28.59 8.95 22.76
N ARG A 891 -29.46 8.32 23.57
CA ARG A 891 -29.40 8.27 25.04
C ARG A 891 -27.97 7.92 25.47
N ILE A 892 -27.45 6.78 25.00
CA ILE A 892 -26.11 6.25 25.42
C ILE A 892 -25.03 7.29 25.14
N ALA A 893 -25.16 8.04 24.04
CA ALA A 893 -24.11 8.98 23.57
C ALA A 893 -23.92 10.09 24.61
N ALA A 894 -25.02 10.64 25.14
CA ALA A 894 -25.04 11.64 26.23
C ALA A 894 -24.36 11.06 27.50
N LEU A 895 -24.76 9.86 27.92
CA LEU A 895 -24.21 9.12 29.08
C LEU A 895 -22.69 8.93 28.96
N LYS A 896 -22.20 8.60 27.76
CA LYS A 896 -20.79 8.22 27.43
C LYS A 896 -19.78 9.29 27.92
N VAL A 897 -19.89 10.57 27.51
CA VAL A 897 -18.92 11.68 27.82
C VAL A 897 -18.14 11.43 29.12
N LEU B 48 -22.73 -12.25 43.94
CA LEU B 48 -21.43 -11.73 43.37
C LEU B 48 -21.64 -10.45 42.52
N GLU B 49 -21.20 -9.29 43.02
CA GLU B 49 -21.25 -7.99 42.31
C GLU B 49 -20.14 -7.93 41.24
N PRO B 50 -20.46 -7.62 39.97
CA PRO B 50 -19.42 -7.19 39.02
C PRO B 50 -18.48 -6.14 39.61
N PHE B 51 -17.16 -6.35 39.54
CA PHE B 51 -16.17 -5.25 39.70
C PHE B 51 -16.17 -4.44 38.40
N TYR B 52 -16.06 -3.12 38.51
CA TYR B 52 -16.04 -2.19 37.34
C TYR B 52 -14.77 -1.35 37.43
N VAL B 53 -13.96 -1.42 36.39
CA VAL B 53 -12.60 -0.82 36.40
C VAL B 53 -12.81 0.70 36.42
N GLU B 54 -11.89 1.43 37.04
CA GLU B 54 -11.95 2.91 37.09
C GLU B 54 -11.97 3.39 35.64
N ARG B 55 -12.93 4.25 35.32
CA ARG B 55 -13.10 4.87 33.97
C ARG B 55 -12.17 6.08 33.89
N TYR B 56 -10.99 5.93 33.31
CA TYR B 56 -10.00 7.02 33.16
C TYR B 56 -10.20 7.73 31.81
N SER B 57 -9.97 9.04 31.81
CA SER B 57 -9.90 9.83 30.56
C SER B 57 -8.77 9.24 29.71
N TRP B 58 -8.75 9.60 28.44
CA TRP B 58 -7.60 9.34 27.56
C TRP B 58 -6.34 9.92 28.22
N SER B 59 -6.34 11.21 28.57
CA SER B 59 -5.15 11.93 29.12
C SER B 59 -4.63 11.23 30.40
N GLN B 60 -5.54 10.70 31.21
CA GLN B 60 -5.23 10.03 32.50
C GLN B 60 -4.60 8.66 32.24
N LEU B 61 -5.19 7.85 31.34
CA LEU B 61 -4.53 6.59 30.93
C LEU B 61 -3.14 6.91 30.40
N LYS B 62 -2.98 7.96 29.59
CA LYS B 62 -1.64 8.27 29.03
C LYS B 62 -0.67 8.45 30.21
N LYS B 63 -1.09 9.17 31.26
CA LYS B 63 -0.20 9.50 32.40
C LYS B 63 0.08 8.23 33.21
N LEU B 64 -0.94 7.46 33.57
CA LEU B 64 -0.77 6.19 34.32
C LEU B 64 0.26 5.28 33.60
N LEU B 65 0.21 5.24 32.27
CA LEU B 65 1.13 4.41 31.45
C LEU B 65 2.55 4.98 31.43
N ALA B 66 2.71 6.28 31.27
CA ALA B 66 4.06 6.91 31.23
C ALA B 66 4.72 6.83 32.62
N ASP B 67 3.94 6.89 33.71
CA ASP B 67 4.48 6.91 35.10
C ASP B 67 5.00 5.51 35.46
N THR B 68 4.35 4.46 34.95
CA THR B 68 4.69 3.04 35.22
C THR B 68 5.62 2.46 34.15
N ARG B 69 5.84 3.17 33.05
CA ARG B 69 6.62 2.67 31.88
C ARG B 69 8.04 2.37 32.34
N LYS B 70 8.51 1.16 32.06
CA LYS B 70 9.82 0.64 32.54
C LYS B 70 10.79 0.39 31.37
N TYR B 71 10.30 -0.15 30.25
CA TYR B 71 11.13 -0.53 29.07
C TYR B 71 10.45 -0.14 27.76
N HIS B 72 11.23 0.36 26.79
CA HIS B 72 10.77 0.71 25.42
C HIS B 72 10.97 -0.51 24.50
N GLY B 73 9.94 -0.87 23.74
CA GLY B 73 9.97 -1.95 22.73
C GLY B 73 9.94 -3.36 23.31
N TYR B 74 9.71 -3.50 24.63
CA TYR B 74 9.50 -4.80 25.33
C TYR B 74 10.82 -5.60 25.39
N MET B 75 11.95 -4.89 25.51
CA MET B 75 13.32 -5.44 25.59
C MET B 75 14.16 -4.49 26.41
N MET B 76 15.20 -5.02 27.06
CA MET B 76 16.18 -4.22 27.86
C MET B 76 17.59 -4.44 27.30
N ALA B 77 18.63 -4.05 28.05
CA ALA B 77 20.03 -4.31 27.65
C ALA B 77 20.21 -5.80 27.34
N LYS B 78 20.79 -6.11 26.18
CA LYS B 78 21.07 -7.51 25.75
C LYS B 78 22.10 -8.07 26.75
N ALA B 79 21.72 -9.09 27.51
CA ALA B 79 22.61 -9.75 28.49
C ALA B 79 23.81 -10.33 27.76
N PRO B 80 24.93 -10.48 28.46
CA PRO B 80 26.12 -11.06 27.86
C PRO B 80 25.76 -12.39 27.18
N HIS B 81 26.42 -12.70 26.06
CA HIS B 81 26.12 -13.82 25.15
C HIS B 81 27.28 -14.02 24.17
N ASP B 82 27.23 -15.13 23.41
CA ASP B 82 28.25 -15.56 22.43
C ASP B 82 29.59 -15.60 23.12
N PHE B 83 29.62 -16.31 24.24
CA PHE B 83 30.81 -16.52 25.09
C PHE B 83 31.80 -17.39 24.37
N MET B 84 33.07 -17.16 24.69
CA MET B 84 34.18 -18.02 24.22
C MET B 84 35.24 -18.03 25.31
N PHE B 85 35.81 -19.20 25.58
CA PHE B 85 36.82 -19.39 26.65
C PHE B 85 38.15 -19.58 25.97
N VAL B 86 39.17 -18.85 26.40
CA VAL B 86 40.56 -19.05 25.91
C VAL B 86 41.45 -19.17 27.14
N LYS B 87 42.27 -20.21 27.14
CA LYS B 87 43.20 -20.55 28.24
C LYS B 87 44.34 -19.55 28.22
N ARG B 88 44.81 -19.13 29.40
CA ARG B 88 45.91 -18.15 29.56
C ARG B 88 47.27 -18.84 29.41
N ASN B 89 47.31 -20.13 29.74
CA ASN B 89 48.53 -20.99 29.63
C ASN B 89 49.71 -20.23 30.23
N ASP B 90 49.58 -19.77 31.48
CA ASP B 90 50.57 -18.91 32.18
C ASP B 90 50.70 -19.40 33.62
N PRO B 91 51.57 -20.43 33.88
CA PRO B 91 51.72 -21.03 35.20
C PRO B 91 51.94 -20.07 36.38
N ASP B 92 52.58 -18.93 36.13
CA ASP B 92 52.93 -17.92 37.17
C ASP B 92 51.72 -17.04 37.52
N GLY B 93 50.70 -16.97 36.65
CA GLY B 93 49.65 -15.93 36.74
C GLY B 93 48.41 -16.39 37.50
N PRO B 94 47.54 -15.45 37.90
CA PRO B 94 46.36 -15.81 38.69
C PRO B 94 45.14 -16.35 37.90
N HIS B 95 45.17 -16.32 36.57
CA HIS B 95 43.97 -16.58 35.72
C HIS B 95 44.13 -17.88 34.89
N SER B 96 43.09 -18.72 34.83
CA SER B 96 43.08 -19.95 33.99
C SER B 96 42.63 -19.61 32.57
N ASP B 97 41.67 -18.69 32.45
CA ASP B 97 40.92 -18.40 31.20
C ASP B 97 40.63 -16.90 31.11
N ARG B 98 40.56 -16.41 29.88
CA ARG B 98 39.81 -15.18 29.52
C ARG B 98 38.52 -15.58 28.80
N ILE B 99 37.37 -15.06 29.24
CA ILE B 99 36.11 -15.18 28.47
C ILE B 99 35.91 -13.90 27.67
N TYR B 100 35.57 -14.06 26.39
CA TYR B 100 35.08 -12.99 25.49
C TYR B 100 33.58 -13.18 25.26
N TYR B 101 32.84 -12.07 25.14
CA TYR B 101 31.38 -12.09 24.93
C TYR B 101 30.92 -10.74 24.36
N LEU B 102 29.70 -10.74 23.81
CA LEU B 102 28.97 -9.53 23.40
C LEU B 102 28.03 -9.15 24.52
N ALA B 103 27.79 -7.85 24.69
CA ALA B 103 26.81 -7.32 25.67
C ALA B 103 26.60 -5.83 25.39
N MET B 104 25.53 -5.30 25.96
CA MET B 104 25.24 -3.85 26.10
C MET B 104 25.52 -3.53 27.57
N SER B 105 26.47 -2.63 27.87
CA SER B 105 26.78 -2.22 29.28
C SER B 105 25.60 -1.41 29.88
N GLY B 106 24.79 -0.75 29.05
CA GLY B 106 23.66 0.07 29.51
C GLY B 106 22.45 -0.03 28.60
N GLU B 107 21.37 0.67 28.95
CA GLU B 107 20.06 0.69 28.22
C GLU B 107 20.22 1.36 26.85
N ASN B 108 20.89 2.52 26.76
CA ASN B 108 21.04 3.24 25.46
C ASN B 108 22.48 3.07 24.96
N ARG B 109 22.90 1.82 24.81
CA ARG B 109 24.29 1.47 24.41
C ARG B 109 24.25 0.49 23.25
N GLU B 110 25.35 0.47 22.53
CA GLU B 110 25.61 -0.47 21.42
C GLU B 110 26.10 -1.80 22.03
N ASN B 111 25.67 -2.91 21.43
CA ASN B 111 26.22 -4.27 21.60
C ASN B 111 27.68 -4.29 21.13
N THR B 112 28.60 -4.67 22.00
CA THR B 112 30.05 -4.60 21.71
C THR B 112 30.73 -5.76 22.42
N LEU B 113 32.04 -5.91 22.22
CA LEU B 113 32.86 -7.04 22.70
C LEU B 113 33.49 -6.68 24.07
N PHE B 114 33.32 -7.55 25.05
CA PHE B 114 33.94 -7.46 26.39
C PHE B 114 34.74 -8.73 26.63
N TYR B 115 35.68 -8.67 27.55
CA TYR B 115 36.34 -9.84 28.17
C TYR B 115 36.31 -9.69 29.70
N SER B 116 36.40 -10.84 30.38
CA SER B 116 36.51 -10.95 31.86
C SER B 116 37.55 -12.02 32.18
N GLU B 117 38.22 -11.88 33.32
CA GLU B 117 39.32 -12.77 33.74
C GLU B 117 38.76 -13.84 34.69
N ILE B 118 39.05 -15.11 34.41
CA ILE B 118 38.62 -16.27 35.26
C ILE B 118 39.77 -16.67 36.17
N PRO B 119 39.68 -16.38 37.48
CA PRO B 119 40.78 -16.71 38.39
C PRO B 119 40.87 -18.24 38.62
N LYS B 120 42.09 -18.71 38.84
CA LYS B 120 42.45 -20.13 39.14
C LYS B 120 41.84 -20.55 40.48
N THR B 121 41.69 -19.59 41.41
CA THR B 121 41.04 -19.84 42.71
C THR B 121 40.12 -18.67 43.05
N ILE B 122 39.13 -18.94 43.89
CA ILE B 122 38.22 -17.88 44.40
C ILE B 122 38.21 -17.96 45.92
N ASN B 123 37.77 -16.90 46.58
CA ASN B 123 37.43 -16.96 48.02
C ASN B 123 36.00 -17.50 48.15
N ARG B 124 35.84 -18.72 48.66
CA ARG B 124 34.52 -19.40 48.71
C ARG B 124 33.61 -18.78 49.77
N ALA B 125 34.13 -17.91 50.63
CA ALA B 125 33.32 -17.15 51.61
C ALA B 125 32.52 -16.07 50.88
N ALA B 126 33.09 -15.51 49.81
CA ALA B 126 32.56 -14.32 49.10
C ALA B 126 31.98 -14.72 47.74
N VAL B 127 31.33 -13.75 47.10
CA VAL B 127 30.82 -13.82 45.70
C VAL B 127 31.70 -12.92 44.82
N LEU B 128 32.46 -13.51 43.90
CA LEU B 128 33.22 -12.78 42.86
C LEU B 128 32.26 -12.27 41.76
N MET B 129 32.23 -10.95 41.56
CA MET B 129 31.55 -10.29 40.42
C MET B 129 32.64 -10.04 39.38
N LEU B 130 32.56 -10.64 38.21
CA LEU B 130 33.57 -10.38 37.16
C LEU B 130 33.35 -8.95 36.65
N SER B 131 34.42 -8.20 36.43
CA SER B 131 34.35 -6.85 35.81
C SER B 131 34.50 -7.00 34.30
N TRP B 132 33.66 -6.27 33.57
CA TRP B 132 33.62 -6.25 32.08
C TRP B 132 34.68 -5.27 31.57
N LYS B 133 35.74 -5.79 30.96
CA LYS B 133 36.80 -4.96 30.35
C LYS B 133 36.48 -4.86 28.86
N PRO B 134 36.30 -3.66 28.28
CA PRO B 134 35.99 -3.53 26.86
C PRO B 134 37.15 -4.05 26.00
N LEU B 135 36.84 -4.75 24.92
CA LEU B 135 37.89 -5.31 24.03
C LEU B 135 38.31 -4.24 23.01
N LEU B 136 37.41 -3.32 22.65
CA LEU B 136 37.63 -2.41 21.50
C LEU B 136 37.69 -0.96 22.03
N ASP B 137 38.60 -0.14 21.48
CA ASP B 137 38.78 1.30 21.84
C ASP B 137 37.78 2.13 21.02
N LEU B 138 36.56 2.34 21.52
CA LEU B 138 35.49 3.08 20.80
C LEU B 138 35.25 4.42 21.49
N PHE B 139 34.89 5.48 20.72
CA PHE B 139 34.84 6.89 21.22
C PHE B 139 33.73 7.04 22.30
N VAL B 164 25.73 1.63 16.67
CA VAL B 164 25.28 0.67 15.61
C VAL B 164 25.22 -0.75 16.21
N GLY B 165 26.37 -1.34 16.54
CA GLY B 165 26.49 -2.59 17.32
C GLY B 165 27.17 -3.72 16.57
N ILE B 166 27.63 -4.73 17.31
CA ILE B 166 28.13 -6.02 16.78
C ILE B 166 27.10 -7.10 17.16
N ALA B 167 26.54 -7.76 16.16
CA ALA B 167 25.49 -8.78 16.32
C ALA B 167 26.16 -10.15 16.49
N SER B 168 27.35 -10.36 15.93
CA SER B 168 28.09 -11.64 16.01
C SER B 168 29.56 -11.45 15.71
N TYR B 169 30.38 -12.46 15.96
CA TYR B 169 31.82 -12.36 15.67
C TYR B 169 32.35 -13.75 15.38
N ASP B 170 33.51 -13.80 14.74
CA ASP B 170 34.25 -15.00 14.32
C ASP B 170 35.58 -14.92 15.04
N TYR B 171 36.19 -16.07 15.31
CA TYR B 171 37.52 -16.12 15.96
C TYR B 171 38.27 -17.33 15.42
N HIS B 172 39.58 -17.19 15.27
CA HIS B 172 40.51 -18.26 14.84
C HIS B 172 41.47 -18.48 16.01
N GLN B 173 41.40 -19.65 16.66
CA GLN B 173 42.14 -19.92 17.92
C GLN B 173 43.65 -19.68 17.69
N GLY B 174 44.19 -20.24 16.61
CA GLY B 174 45.65 -20.35 16.42
C GLY B 174 46.31 -18.97 16.29
N SER B 175 45.62 -17.99 15.75
CA SER B 175 46.18 -16.64 15.48
C SER B 175 45.68 -15.62 16.51
N GLY B 176 44.54 -15.90 17.14
CA GLY B 176 43.84 -14.97 18.05
C GLY B 176 43.12 -13.88 17.30
N THR B 177 42.75 -14.13 16.04
CA THR B 177 42.09 -13.12 15.17
C THR B 177 40.58 -13.15 15.44
N PHE B 178 40.03 -11.99 15.80
CA PHE B 178 38.60 -11.67 15.81
C PHE B 178 38.26 -11.01 14.47
N LEU B 179 37.08 -11.33 13.94
CA LEU B 179 36.49 -10.72 12.72
C LEU B 179 35.04 -10.45 13.02
N PHE B 180 34.57 -9.22 12.84
CA PHE B 180 33.14 -8.87 12.98
C PHE B 180 32.76 -7.74 12.03
N GLN B 181 31.47 -7.70 11.73
CA GLN B 181 30.76 -6.55 11.14
C GLN B 181 30.31 -5.61 12.28
N ALA B 182 30.45 -4.31 12.06
CA ALA B 182 29.90 -3.21 12.88
C ALA B 182 29.42 -2.11 11.92
N GLY B 183 28.11 -2.05 11.65
CA GLY B 183 27.52 -1.14 10.66
C GLY B 183 28.01 -1.46 9.27
N SER B 184 28.66 -0.49 8.61
CA SER B 184 29.05 -0.57 7.17
C SER B 184 30.38 -1.32 7.04
N GLY B 185 31.15 -1.39 8.13
CA GLY B 185 32.54 -1.87 8.13
C GLY B 185 32.68 -3.29 8.66
N ILE B 186 33.63 -4.01 8.08
CA ILE B 186 34.18 -5.29 8.59
C ILE B 186 35.50 -4.94 9.26
N TYR B 187 35.69 -5.41 10.48
CA TYR B 187 36.87 -5.07 11.31
C TYR B 187 37.51 -6.35 11.82
N HIS B 188 38.76 -6.22 12.27
CA HIS B 188 39.51 -7.28 12.97
C HIS B 188 40.43 -6.69 14.04
N VAL B 189 40.71 -7.53 15.05
CA VAL B 189 41.71 -7.30 16.13
C VAL B 189 42.28 -8.67 16.50
N LYS B 190 43.34 -8.70 17.27
CA LYS B 190 44.00 -9.93 17.75
C LYS B 190 44.01 -9.89 19.28
N ASP B 191 43.65 -10.99 19.92
CA ASP B 191 43.83 -11.22 21.39
C ASP B 191 43.79 -12.72 21.66
N GLY B 192 44.66 -13.17 22.58
CA GLY B 192 44.65 -14.54 23.14
C GLY B 192 45.33 -15.57 22.24
N GLY B 193 46.04 -15.11 21.22
CA GLY B 193 46.80 -16.01 20.33
C GLY B 193 48.26 -16.11 20.77
N PRO B 194 49.20 -16.36 19.84
CA PRO B 194 50.62 -16.34 20.18
C PRO B 194 51.12 -14.93 20.52
N GLN B 195 50.42 -13.87 20.12
CA GLN B 195 50.87 -12.48 20.39
C GLN B 195 50.42 -12.06 21.81
N GLY B 196 49.67 -12.89 22.55
CA GLY B 196 49.39 -12.71 23.99
C GLY B 196 48.10 -11.94 24.30
N PHE B 197 47.97 -11.44 25.53
CA PHE B 197 46.71 -10.89 26.07
C PHE B 197 46.85 -9.41 26.43
N THR B 198 45.98 -8.59 25.86
CA THR B 198 45.95 -7.13 26.02
C THR B 198 45.49 -6.82 27.45
N GLN B 199 45.90 -5.67 27.98
CA GLN B 199 45.38 -5.12 29.26
C GLN B 199 44.64 -3.83 28.94
N GLN B 200 44.45 -3.52 27.65
CA GLN B 200 43.79 -2.24 27.25
C GLN B 200 42.96 -2.47 25.98
N PRO B 201 41.89 -1.66 25.79
CA PRO B 201 41.06 -1.73 24.59
C PRO B 201 41.86 -1.64 23.27
N LEU B 202 41.49 -2.44 22.28
CA LEU B 202 42.21 -2.53 20.99
C LEU B 202 41.50 -1.68 19.96
N ARG B 203 42.27 -1.06 19.09
CA ARG B 203 41.70 -0.31 17.96
C ARG B 203 41.28 -1.32 16.88
N PRO B 204 40.02 -1.24 16.45
CA PRO B 204 39.55 -2.04 15.33
C PRO B 204 40.18 -1.64 13.98
N ASN B 205 40.70 -2.62 13.26
CA ASN B 205 41.34 -2.49 11.93
C ASN B 205 40.27 -2.75 10.87
N LEU B 206 39.80 -1.68 10.21
CA LEU B 206 38.90 -1.77 9.03
C LEU B 206 39.57 -2.61 7.94
N VAL B 207 38.85 -3.59 7.40
CA VAL B 207 39.28 -4.31 6.17
C VAL B 207 38.94 -3.39 5.00
N GLU B 208 39.95 -2.90 4.28
CA GLU B 208 39.78 -2.00 3.10
C GLU B 208 39.11 -2.79 1.97
N THR B 209 38.19 -2.12 1.28
CA THR B 209 37.42 -2.64 0.13
C THR B 209 37.29 -1.57 -0.98
N SER B 210 37.07 -2.01 -2.21
CA SER B 210 36.65 -1.13 -3.35
C SER B 210 35.13 -1.24 -3.60
N CYS B 211 34.42 -2.12 -2.87
CA CYS B 211 33.01 -2.50 -3.14
C CYS B 211 32.13 -1.29 -2.83
N PRO B 212 31.27 -0.84 -3.77
CA PRO B 212 30.43 0.33 -3.51
C PRO B 212 29.48 0.17 -2.32
N ASN B 213 28.93 -1.04 -2.15
CA ASN B 213 27.78 -1.32 -1.25
C ASN B 213 28.27 -2.00 0.04
N ILE B 214 27.37 -2.10 1.02
CA ILE B 214 27.63 -2.72 2.35
C ILE B 214 28.02 -4.20 2.16
N ARG B 215 29.09 -4.63 2.81
CA ARG B 215 29.51 -6.05 2.85
C ARG B 215 28.80 -6.80 4.00
N MET B 216 28.30 -8.01 3.75
CA MET B 216 27.48 -8.79 4.73
C MET B 216 28.20 -10.12 5.07
N ASP B 217 27.93 -10.65 6.27
CA ASP B 217 28.21 -12.07 6.62
C ASP B 217 29.69 -12.37 6.43
N PRO B 218 30.60 -11.63 7.10
CA PRO B 218 32.02 -11.93 6.99
C PRO B 218 32.42 -13.17 7.78
N LYS B 219 33.39 -13.93 7.28
CA LYS B 219 33.87 -15.17 7.95
C LYS B 219 35.35 -15.39 7.68
N LEU B 220 36.10 -15.72 8.72
CA LEU B 220 37.53 -16.09 8.63
C LEU B 220 37.64 -17.48 8.03
N CYS B 221 38.56 -17.64 7.08
CA CYS B 221 38.98 -18.96 6.57
C CYS B 221 39.65 -19.69 7.73
N PRO B 222 39.06 -20.79 8.23
CA PRO B 222 39.64 -21.51 9.37
C PRO B 222 41.05 -22.06 9.11
N ALA B 223 41.43 -22.22 7.85
CA ALA B 223 42.71 -22.83 7.42
C ALA B 223 43.79 -21.75 7.21
N ASP B 224 43.39 -20.47 7.13
CA ASP B 224 44.30 -19.31 6.90
C ASP B 224 43.62 -18.00 7.29
N PRO B 225 43.87 -17.49 8.51
CA PRO B 225 43.21 -16.30 9.00
C PRO B 225 43.63 -14.97 8.36
N ASP B 226 44.51 -14.99 7.38
CA ASP B 226 44.76 -13.77 6.54
C ASP B 226 43.59 -13.61 5.58
N TRP B 227 42.84 -14.70 5.31
CA TRP B 227 41.71 -14.71 4.33
C TRP B 227 40.36 -14.60 5.02
N ILE B 228 39.55 -13.64 4.58
CA ILE B 228 38.11 -13.59 4.93
C ILE B 228 37.29 -13.76 3.64
N ALA B 229 36.01 -14.07 3.81
CA ALA B 229 34.97 -13.98 2.76
C ALA B 229 33.88 -13.02 3.25
N PHE B 230 32.97 -12.69 2.36
CA PHE B 230 31.80 -11.84 2.68
C PHE B 230 30.92 -11.76 1.44
N ILE B 231 29.73 -11.19 1.60
CA ILE B 231 28.73 -11.05 0.52
C ILE B 231 28.70 -9.56 0.18
N HIS B 232 28.64 -9.26 -1.12
CA HIS B 232 28.43 -7.91 -1.68
C HIS B 232 27.48 -8.04 -2.86
N SER B 233 26.35 -7.35 -2.85
CA SER B 233 25.32 -7.40 -3.92
C SER B 233 25.12 -8.85 -4.35
N ASN B 234 24.80 -9.72 -3.39
CA ASN B 234 24.43 -11.13 -3.61
C ASN B 234 25.51 -11.94 -4.33
N ASP B 235 26.78 -11.53 -4.30
CA ASP B 235 27.89 -12.43 -4.74
C ASP B 235 28.90 -12.57 -3.61
N ILE B 236 29.66 -13.64 -3.68
CA ILE B 236 30.74 -13.94 -2.71
C ILE B 236 32.01 -13.23 -3.18
N TRP B 237 32.66 -12.49 -2.28
CA TRP B 237 34.05 -12.01 -2.41
C TRP B 237 34.95 -12.59 -1.32
N ILE B 238 36.25 -12.57 -1.57
CA ILE B 238 37.31 -12.87 -0.56
C ILE B 238 38.26 -11.68 -0.49
N SER B 239 39.00 -11.58 0.60
CA SER B 239 39.84 -10.41 0.89
C SER B 239 40.90 -10.84 1.91
N ASN B 240 42.13 -10.35 1.73
CA ASN B 240 43.31 -10.73 2.53
C ASN B 240 43.65 -9.51 3.41
N ILE B 241 43.65 -9.67 4.75
CA ILE B 241 43.75 -8.53 5.72
C ILE B 241 45.22 -8.14 5.94
N VAL B 242 46.15 -8.93 5.42
CA VAL B 242 47.62 -8.63 5.43
C VAL B 242 48.01 -7.96 4.10
N THR B 243 47.79 -8.62 2.97
CA THR B 243 48.24 -8.21 1.60
C THR B 243 47.33 -7.15 0.97
N ARG B 244 46.10 -6.97 1.44
CA ARG B 244 45.13 -5.97 0.89
C ARG B 244 44.48 -6.47 -0.41
N GLU B 245 44.80 -7.68 -0.89
CA GLU B 245 44.18 -8.29 -2.10
C GLU B 245 42.69 -8.61 -1.84
N GLU B 246 41.83 -8.15 -2.74
CA GLU B 246 40.35 -8.26 -2.70
C GLU B 246 39.91 -8.87 -4.03
N ARG B 247 39.12 -9.93 -4.03
CA ARG B 247 38.73 -10.66 -5.25
C ARG B 247 37.25 -11.08 -5.17
N ARG B 248 36.44 -10.65 -6.14
CA ARG B 248 35.08 -11.22 -6.41
C ARG B 248 35.26 -12.66 -6.89
N LEU B 249 34.45 -13.60 -6.38
CA LEU B 249 34.49 -15.05 -6.71
C LEU B 249 33.27 -15.48 -7.54
N THR B 250 32.15 -14.73 -7.54
CA THR B 250 30.88 -15.19 -8.20
C THR B 250 30.29 -14.02 -9.00
N TYR B 251 29.66 -14.30 -10.16
CA TYR B 251 29.30 -13.27 -11.16
C TYR B 251 27.83 -13.43 -11.56
N VAL B 252 27.00 -13.64 -10.55
CA VAL B 252 25.66 -14.27 -10.67
C VAL B 252 24.57 -13.19 -10.63
N HIS B 253 24.91 -12.00 -10.13
CA HIS B 253 23.98 -10.85 -9.95
C HIS B 253 24.65 -9.58 -10.46
N ASN B 254 23.85 -8.71 -11.09
CA ASN B 254 24.27 -7.39 -11.61
C ASN B 254 23.58 -6.30 -10.78
N GLU B 255 24.33 -5.62 -9.91
CA GLU B 255 23.82 -4.54 -9.01
C GLU B 255 23.14 -3.44 -9.85
N LEU B 256 23.76 -2.99 -10.95
CA LEU B 256 23.19 -1.96 -11.85
C LEU B 256 22.17 -2.62 -12.78
N ALA B 257 21.04 -3.09 -12.24
CA ALA B 257 19.96 -3.78 -13.00
C ALA B 257 18.69 -3.80 -12.15
N ASN B 258 17.63 -4.44 -12.66
CA ASN B 258 16.29 -4.50 -12.00
C ASN B 258 16.22 -5.75 -11.09
N MET B 259 15.30 -5.73 -10.12
CA MET B 259 15.04 -6.86 -9.16
C MET B 259 14.20 -7.93 -9.85
N GLU B 260 13.33 -7.56 -10.81
CA GLU B 260 12.46 -8.49 -11.59
C GLU B 260 13.23 -9.17 -12.73
N GLU B 261 14.39 -8.60 -13.11
CA GLU B 261 15.31 -9.15 -14.15
C GLU B 261 16.35 -10.08 -13.50
N ASP B 262 16.92 -9.70 -12.35
CA ASP B 262 18.06 -10.41 -11.70
C ASP B 262 17.64 -10.98 -10.33
N ALA B 263 17.31 -12.27 -10.30
CA ALA B 263 16.82 -12.98 -9.10
C ALA B 263 17.79 -14.14 -8.77
N ARG B 264 19.04 -14.00 -9.16
CA ARG B 264 20.10 -14.99 -8.85
C ARG B 264 21.00 -14.41 -7.75
N SER B 265 21.47 -15.29 -6.87
CA SER B 265 22.25 -14.93 -5.65
C SER B 265 23.16 -16.10 -5.31
N ALA B 266 24.39 -15.83 -4.87
CA ALA B 266 25.32 -16.86 -4.40
C ALA B 266 25.74 -16.55 -2.96
N GLY B 267 25.77 -17.59 -2.12
CA GLY B 267 26.23 -17.50 -0.71
C GLY B 267 25.23 -16.86 0.26
N VAL B 268 24.02 -16.55 -0.18
CA VAL B 268 22.97 -15.84 0.62
C VAL B 268 21.79 -16.77 0.83
N ALA B 269 21.41 -16.98 2.08
CA ALA B 269 20.17 -17.67 2.45
C ALA B 269 18.99 -16.77 2.06
N THR B 270 17.99 -17.36 1.38
CA THR B 270 16.80 -16.65 0.85
C THR B 270 15.80 -16.45 1.98
N PHE B 271 14.75 -15.71 1.70
CA PHE B 271 13.77 -15.27 2.71
C PHE B 271 13.29 -16.45 3.55
N VAL B 272 12.81 -17.53 2.92
CA VAL B 272 12.12 -18.63 3.68
C VAL B 272 13.14 -19.33 4.59
N LEU B 273 14.36 -19.48 4.15
CA LEU B 273 15.35 -20.14 5.01
C LEU B 273 15.71 -19.29 6.22
N GLN B 274 15.74 -17.97 6.05
CA GLN B 274 16.07 -17.05 7.18
C GLN B 274 14.88 -17.02 8.14
N GLU B 275 13.68 -16.76 7.62
CA GLU B 275 12.47 -16.55 8.46
C GLU B 275 11.96 -17.87 9.04
N GLU B 276 12.03 -18.99 8.32
CA GLU B 276 11.30 -20.22 8.72
C GLU B 276 12.24 -21.34 9.13
N PHE B 277 13.54 -21.26 8.83
CA PHE B 277 14.48 -22.33 9.20
C PHE B 277 15.68 -21.81 9.99
N ASP B 278 15.72 -20.49 10.26
CA ASP B 278 16.84 -19.80 10.96
C ASP B 278 18.19 -20.27 10.41
N ARG B 279 18.32 -20.36 9.09
CA ARG B 279 19.64 -20.43 8.40
C ARG B 279 19.89 -19.04 7.82
N TYR B 280 21.00 -18.40 8.18
CA TYR B 280 21.34 -16.98 7.81
C TYR B 280 22.50 -16.92 6.80
N SER B 281 23.38 -17.92 6.85
CA SER B 281 24.60 -18.00 6.01
C SER B 281 24.37 -18.97 4.84
N GLY B 282 24.90 -18.63 3.66
CA GLY B 282 24.80 -19.46 2.45
C GLY B 282 26.13 -19.92 1.89
N TYR B 283 27.23 -19.82 2.64
CA TYR B 283 28.57 -20.27 2.18
C TYR B 283 29.34 -20.82 3.37
N TRP B 284 30.25 -21.77 3.14
CA TRP B 284 30.98 -22.46 4.23
C TRP B 284 32.43 -22.69 3.83
N TRP B 285 33.36 -22.01 4.49
CA TRP B 285 34.80 -22.27 4.29
C TRP B 285 35.03 -23.75 4.58
N CYS B 286 35.82 -24.39 3.75
CA CYS B 286 36.39 -25.73 4.02
C CYS B 286 37.42 -25.49 5.12
N PRO B 287 37.42 -26.25 6.23
CA PRO B 287 38.27 -25.93 7.37
C PRO B 287 39.76 -26.25 7.13
N LYS B 288 40.11 -27.00 6.07
CA LYS B 288 41.50 -27.39 5.72
C LYS B 288 41.88 -26.90 4.32
N ALA B 289 43.13 -26.46 4.23
CA ALA B 289 43.92 -26.21 3.00
C ALA B 289 44.34 -27.55 2.37
N GLU B 290 44.41 -27.59 1.05
CA GLU B 290 45.11 -28.67 0.31
C GLU B 290 46.44 -28.07 -0.17
N THR B 291 47.57 -28.54 0.35
CA THR B 291 48.94 -28.17 -0.12
C THR B 291 49.10 -28.58 -1.58
N THR B 292 49.55 -27.68 -2.46
CA THR B 292 49.86 -27.99 -3.89
C THR B 292 51.35 -28.34 -4.04
N PRO B 293 51.75 -29.08 -5.10
CA PRO B 293 53.16 -29.42 -5.32
C PRO B 293 54.10 -28.20 -5.50
N SER B 294 53.59 -27.03 -5.93
CA SER B 294 54.39 -25.78 -6.11
C SER B 294 54.90 -25.23 -4.77
N GLY B 295 54.26 -25.57 -3.65
CA GLY B 295 54.47 -24.89 -2.34
C GLY B 295 53.37 -23.88 -2.03
N GLY B 296 52.34 -23.81 -2.88
CA GLY B 296 51.12 -23.02 -2.64
C GLY B 296 50.05 -23.84 -1.94
N LYS B 297 48.78 -23.47 -2.11
CA LYS B 297 47.64 -24.22 -1.52
C LYS B 297 46.30 -23.88 -2.19
N ILE B 298 45.32 -24.75 -1.95
CA ILE B 298 43.91 -24.58 -2.38
C ILE B 298 43.03 -24.36 -1.12
N LEU B 299 42.31 -23.24 -1.10
CA LEU B 299 41.16 -22.98 -0.20
C LEU B 299 39.85 -23.28 -0.95
N ARG B 300 38.81 -23.64 -0.21
CA ARG B 300 37.50 -24.02 -0.81
C ARG B 300 36.37 -23.33 -0.05
N ILE B 301 35.38 -22.88 -0.81
CA ILE B 301 34.10 -22.38 -0.29
C ILE B 301 32.99 -23.19 -0.97
N LEU B 302 32.29 -24.02 -0.20
CA LEU B 302 30.99 -24.60 -0.60
C LEU B 302 29.99 -23.46 -0.44
N TYR B 303 29.08 -23.32 -1.40
CA TYR B 303 28.04 -22.26 -1.35
C TYR B 303 26.77 -22.76 -2.03
N GLU B 304 25.64 -22.25 -1.54
CA GLU B 304 24.33 -22.46 -2.18
C GLU B 304 24.20 -21.35 -3.22
N GLU B 305 23.73 -21.69 -4.43
CA GLU B 305 23.35 -20.73 -5.49
C GLU B 305 21.86 -20.89 -5.70
N ASN B 306 21.17 -19.77 -5.79
CA ASN B 306 19.68 -19.68 -5.76
C ASN B 306 19.23 -18.89 -6.98
N ASP B 307 18.19 -19.38 -7.65
CA ASP B 307 17.51 -18.66 -8.77
C ASP B 307 16.07 -18.44 -8.31
N GLU B 308 15.70 -17.20 -8.05
CA GLU B 308 14.36 -16.81 -7.51
C GLU B 308 13.46 -16.29 -8.64
N SER B 309 13.79 -16.54 -9.91
CA SER B 309 13.09 -15.99 -11.10
C SER B 309 11.60 -16.35 -11.07
N GLU B 310 11.28 -17.61 -10.76
CA GLU B 310 9.90 -18.15 -10.79
C GLU B 310 9.16 -17.82 -9.48
N VAL B 311 9.79 -17.07 -8.56
CA VAL B 311 9.22 -16.90 -7.19
C VAL B 311 8.34 -15.65 -7.20
N GLU B 312 7.18 -15.74 -6.55
CA GLU B 312 6.22 -14.62 -6.42
C GLU B 312 6.99 -13.39 -5.92
N ILE B 313 6.62 -12.21 -6.44
CA ILE B 313 7.15 -10.89 -6.02
C ILE B 313 6.01 -10.18 -5.31
N ILE B 314 6.27 -9.54 -4.17
CA ILE B 314 5.27 -8.68 -3.48
C ILE B 314 5.94 -7.34 -3.18
N HIS B 315 5.17 -6.25 -3.24
CA HIS B 315 5.63 -4.86 -2.98
C HIS B 315 4.96 -4.37 -1.69
N VAL B 316 5.69 -3.64 -0.85
CA VAL B 316 5.14 -2.84 0.29
C VAL B 316 5.66 -1.40 0.14
N THR B 317 4.76 -0.42 -0.04
CA THR B 317 5.06 1.04 -0.28
C THR B 317 6.30 1.20 -1.17
N ASP B 327 10.42 -1.14 -1.00
CA ASP B 327 10.44 -1.63 -2.40
C ASP B 327 9.66 -2.96 -2.50
N SER B 328 10.34 -4.06 -2.77
CA SER B 328 9.73 -5.39 -3.07
C SER B 328 10.76 -6.52 -3.02
N PHE B 329 10.27 -7.75 -2.89
CA PHE B 329 11.11 -8.95 -2.66
C PHE B 329 10.36 -10.22 -3.05
N ARG B 330 11.13 -11.31 -3.07
CA ARG B 330 10.74 -12.67 -3.50
C ARG B 330 10.21 -13.45 -2.30
N TYR B 331 8.89 -13.58 -2.23
CA TYR B 331 8.14 -14.24 -1.14
C TYR B 331 7.44 -15.46 -1.72
N PRO B 332 7.93 -16.68 -1.45
CA PRO B 332 7.23 -17.87 -1.88
C PRO B 332 5.90 -18.04 -1.12
N LYS B 333 4.79 -17.51 -1.65
CA LYS B 333 3.46 -17.85 -1.09
C LYS B 333 3.26 -19.37 -1.13
N THR B 334 2.58 -19.91 -0.13
CA THR B 334 2.29 -21.35 0.01
C THR B 334 1.68 -21.91 -1.29
N GLY B 335 2.15 -23.08 -1.69
CA GLY B 335 1.67 -23.78 -2.89
C GLY B 335 2.25 -23.21 -4.17
N THR B 336 3.15 -22.23 -4.07
CA THR B 336 3.87 -21.62 -5.23
C THR B 336 5.33 -22.03 -5.17
N ALA B 337 6.11 -21.54 -6.11
CA ALA B 337 7.47 -22.07 -6.33
C ALA B 337 8.40 -21.50 -5.25
N ASN B 338 9.19 -22.39 -4.65
CA ASN B 338 10.38 -22.02 -3.86
C ASN B 338 11.47 -21.74 -4.87
N PRO B 339 12.59 -21.09 -4.47
CA PRO B 339 13.72 -20.94 -5.34
C PRO B 339 14.21 -22.27 -5.93
N LYS B 340 15.01 -22.15 -6.99
CA LYS B 340 15.77 -23.24 -7.63
C LYS B 340 17.17 -23.17 -7.05
N VAL B 341 17.62 -24.24 -6.43
CA VAL B 341 18.82 -24.17 -5.54
C VAL B 341 19.83 -25.10 -6.14
N THR B 342 21.09 -24.92 -5.83
CA THR B 342 22.11 -25.95 -6.12
C THR B 342 23.28 -25.70 -5.18
N PHE B 343 24.18 -26.66 -5.11
CA PHE B 343 25.53 -26.51 -4.49
C PHE B 343 26.53 -26.19 -5.60
N LYS B 344 27.38 -25.24 -5.29
CA LYS B 344 28.57 -24.84 -6.07
C LYS B 344 29.74 -25.00 -5.13
N MET B 345 30.95 -24.81 -5.63
CA MET B 345 32.22 -24.94 -4.86
C MET B 345 33.24 -24.02 -5.52
N SER B 346 33.71 -22.98 -4.82
CA SER B 346 34.77 -22.09 -5.33
C SER B 346 36.09 -22.68 -4.91
N GLU B 347 36.98 -22.89 -5.86
CA GLU B 347 38.32 -23.46 -5.60
C GLU B 347 39.35 -22.36 -5.88
N ILE B 348 40.11 -21.99 -4.85
CA ILE B 348 40.95 -20.76 -4.81
C ILE B 348 42.42 -21.19 -4.66
N MET B 349 43.24 -20.98 -5.70
CA MET B 349 44.68 -21.36 -5.73
C MET B 349 45.47 -20.15 -5.24
N ILE B 350 46.26 -20.34 -4.17
CA ILE B 350 47.15 -19.29 -3.58
C ILE B 350 48.58 -19.81 -3.67
N ASP B 351 49.53 -18.92 -3.98
CA ASP B 351 50.97 -19.30 -4.14
C ASP B 351 51.63 -19.20 -2.76
N ALA B 352 52.94 -19.45 -2.69
CA ALA B 352 53.72 -19.47 -1.44
C ALA B 352 53.67 -18.09 -0.75
N GLU B 353 53.38 -17.01 -1.49
CA GLU B 353 53.45 -15.61 -0.96
C GLU B 353 52.07 -15.14 -0.46
N GLY B 354 51.05 -16.01 -0.54
CA GLY B 354 49.65 -15.67 -0.16
C GLY B 354 48.93 -14.80 -1.19
N ARG B 355 49.37 -14.79 -2.46
CA ARG B 355 48.67 -14.07 -3.56
C ARG B 355 47.91 -15.09 -4.41
N ILE B 356 46.73 -14.70 -4.91
CA ILE B 356 45.86 -15.59 -5.71
C ILE B 356 46.57 -15.89 -7.03
N ILE B 357 46.69 -17.16 -7.39
CA ILE B 357 47.08 -17.59 -8.76
C ILE B 357 45.81 -17.51 -9.60
N ASP B 358 44.84 -18.37 -9.32
CA ASP B 358 43.59 -18.46 -10.11
C ASP B 358 42.40 -18.76 -9.18
N VAL B 359 41.18 -18.61 -9.71
CA VAL B 359 39.91 -19.00 -9.03
C VAL B 359 39.09 -19.85 -10.01
N ILE B 360 38.87 -21.13 -9.72
CA ILE B 360 38.02 -22.01 -10.57
C ILE B 360 36.67 -22.21 -9.87
N ASP B 361 35.60 -21.59 -10.40
CA ASP B 361 34.20 -21.89 -10.00
C ASP B 361 33.87 -23.32 -10.45
N LYS B 362 33.36 -24.16 -9.55
CA LYS B 362 32.93 -25.54 -9.92
C LYS B 362 31.43 -25.73 -9.66
N GLU B 363 30.80 -26.67 -10.37
CA GLU B 363 29.34 -26.97 -10.27
C GLU B 363 29.20 -28.48 -10.07
N LEU B 364 28.01 -28.95 -9.74
CA LEU B 364 27.77 -30.41 -9.50
C LEU B 364 27.94 -31.16 -10.82
N ILE B 365 28.43 -32.40 -10.74
CA ILE B 365 28.75 -33.23 -11.93
C ILE B 365 27.47 -33.62 -12.67
N GLN B 366 26.35 -33.80 -11.97
CA GLN B 366 24.97 -33.92 -12.52
C GLN B 366 24.11 -32.97 -11.72
N PRO B 367 23.03 -32.38 -12.28
CA PRO B 367 22.31 -31.32 -11.56
C PRO B 367 21.66 -31.79 -10.25
N PHE B 368 21.39 -30.80 -9.39
CA PHE B 368 20.91 -30.98 -8.01
C PHE B 368 19.74 -31.97 -7.98
N GLU B 369 18.75 -31.75 -8.85
CA GLU B 369 17.45 -32.50 -8.88
C GLU B 369 17.71 -33.98 -9.14
N ILE B 370 18.81 -34.32 -9.82
CA ILE B 370 19.19 -35.72 -10.19
C ILE B 370 19.82 -36.37 -8.96
N LEU B 371 20.86 -35.74 -8.41
CA LEU B 371 21.64 -36.27 -7.26
C LEU B 371 20.81 -36.35 -5.97
N PHE B 372 19.78 -35.50 -5.80
CA PHE B 372 19.03 -35.40 -4.50
C PHE B 372 17.54 -35.33 -4.78
N GLU B 373 17.01 -36.36 -5.43
CA GLU B 373 15.62 -36.35 -5.92
C GLU B 373 14.73 -35.98 -4.73
N GLY B 374 13.71 -35.16 -4.94
CA GLY B 374 12.63 -34.92 -3.95
C GLY B 374 12.96 -33.82 -2.96
N VAL B 375 14.16 -33.22 -3.02
CA VAL B 375 14.67 -32.25 -2.02
C VAL B 375 14.31 -30.82 -2.43
N GLU B 376 13.42 -30.16 -1.67
CA GLU B 376 13.06 -28.71 -1.78
C GLU B 376 14.12 -27.82 -1.10
N TYR B 377 14.49 -28.10 0.15
CA TYR B 377 15.20 -27.12 1.02
C TYR B 377 16.55 -27.66 1.51
N ILE B 378 17.60 -26.84 1.37
CA ILE B 378 18.93 -27.04 2.00
C ILE B 378 18.87 -26.46 3.41
N ALA B 379 18.60 -27.30 4.42
CA ALA B 379 18.21 -26.80 5.76
C ALA B 379 19.47 -26.32 6.50
N ARG B 380 20.55 -27.09 6.40
CA ARG B 380 21.85 -26.87 7.07
C ARG B 380 22.91 -27.42 6.15
N ALA B 381 24.11 -26.87 6.22
CA ALA B 381 25.30 -27.43 5.55
C ALA B 381 26.55 -26.95 6.29
N GLY B 382 27.62 -27.70 6.08
CA GLY B 382 28.97 -27.41 6.63
C GLY B 382 29.99 -28.40 6.08
N TRP B 383 31.08 -28.60 6.79
CA TRP B 383 32.15 -29.57 6.44
C TRP B 383 32.38 -30.51 7.62
N THR B 384 32.88 -31.72 7.34
CA THR B 384 33.41 -32.63 8.38
C THR B 384 34.62 -31.94 8.97
N PRO B 385 35.09 -32.32 10.19
CA PRO B 385 36.12 -31.53 10.88
C PRO B 385 37.47 -31.48 10.15
N GLU B 386 37.84 -32.50 9.35
CA GLU B 386 39.10 -32.50 8.55
C GLU B 386 38.81 -31.95 7.16
N GLY B 387 37.56 -31.66 6.82
CA GLY B 387 37.22 -31.02 5.53
C GLY B 387 37.28 -32.00 4.35
N LYS B 388 37.27 -33.31 4.63
CA LYS B 388 37.24 -34.39 3.60
C LYS B 388 35.94 -34.27 2.80
N TYR B 389 34.83 -34.05 3.49
CA TYR B 389 33.47 -33.96 2.89
C TYR B 389 32.78 -32.68 3.36
N ALA B 390 32.01 -32.10 2.46
CA ALA B 390 30.88 -31.23 2.81
C ALA B 390 29.73 -32.11 3.33
N TRP B 391 28.87 -31.54 4.16
CA TRP B 391 27.61 -32.19 4.60
C TRP B 391 26.47 -31.24 4.35
N SER B 392 25.28 -31.80 4.23
CA SER B 392 24.05 -31.00 4.18
C SER B 392 22.91 -31.82 4.80
N ILE B 393 21.98 -31.14 5.46
CA ILE B 393 20.72 -31.70 5.94
C ILE B 393 19.62 -31.17 4.99
N LEU B 394 18.91 -32.08 4.32
CA LEU B 394 18.06 -31.81 3.14
C LEU B 394 16.63 -32.23 3.45
N LEU B 395 15.65 -31.44 3.03
CA LEU B 395 14.23 -31.67 3.37
C LEU B 395 13.45 -31.82 2.07
N ASP B 396 12.46 -32.69 2.08
CA ASP B 396 11.48 -32.80 0.98
C ASP B 396 10.48 -31.66 1.15
N ARG B 397 9.80 -31.27 0.08
CA ARG B 397 8.84 -30.17 0.12
C ARG B 397 7.91 -30.35 1.32
N SER B 398 7.51 -31.56 1.68
CA SER B 398 6.45 -31.74 2.70
C SER B 398 7.07 -31.70 4.12
N GLN B 399 8.40 -31.67 4.19
CA GLN B 399 9.18 -31.53 5.45
C GLN B 399 8.80 -32.69 6.38
N THR B 400 8.67 -33.88 5.82
CA THR B 400 8.32 -35.16 6.53
C THR B 400 9.43 -36.19 6.30
N ARG B 401 10.37 -35.87 5.41
CA ARG B 401 11.60 -36.65 5.10
C ARG B 401 12.84 -35.77 5.26
N LEU B 402 13.83 -36.26 6.00
CA LEU B 402 15.12 -35.55 6.24
C LEU B 402 16.25 -36.47 5.83
N GLN B 403 17.26 -35.93 5.14
CA GLN B 403 18.47 -36.69 4.74
C GLN B 403 19.71 -35.92 5.19
N ILE B 404 20.70 -36.60 5.79
CA ILE B 404 22.05 -36.05 6.01
C ILE B 404 22.94 -36.63 4.90
N VAL B 405 23.60 -35.77 4.13
CA VAL B 405 24.34 -36.20 2.93
C VAL B 405 25.77 -35.71 3.06
N LEU B 406 26.73 -36.59 2.82
CA LEU B 406 28.14 -36.21 2.52
C LEU B 406 28.28 -35.95 1.02
N ILE B 407 29.02 -34.90 0.68
CA ILE B 407 29.20 -34.38 -0.69
C ILE B 407 30.69 -34.12 -0.86
N SER B 408 31.41 -35.09 -1.42
CA SER B 408 32.87 -34.95 -1.72
C SER B 408 33.11 -33.76 -2.64
N PRO B 409 34.20 -32.99 -2.46
CA PRO B 409 34.59 -31.96 -3.43
C PRO B 409 34.78 -32.56 -4.83
N GLU B 410 34.96 -33.88 -4.91
CA GLU B 410 35.23 -34.57 -6.19
C GLU B 410 33.96 -34.62 -7.04
N LEU B 411 32.78 -34.42 -6.44
CA LEU B 411 31.51 -34.33 -7.19
C LEU B 411 31.42 -32.99 -7.92
N PHE B 412 32.43 -32.13 -7.78
CA PHE B 412 32.42 -30.80 -8.43
C PHE B 412 33.48 -30.80 -9.54
N ILE B 413 33.19 -30.10 -10.65
CA ILE B 413 34.04 -29.99 -11.87
C ILE B 413 33.93 -28.58 -12.41
N PRO B 414 34.96 -28.03 -13.09
CA PRO B 414 34.90 -26.65 -13.61
C PRO B 414 33.61 -26.38 -14.41
N VAL B 415 33.11 -25.15 -14.29
CA VAL B 415 32.01 -24.66 -15.16
C VAL B 415 32.66 -24.48 -16.54
N GLU B 416 32.27 -25.30 -17.51
CA GLU B 416 32.92 -25.30 -18.83
C GLU B 416 31.92 -24.93 -19.93
N ASP B 417 32.16 -23.81 -20.62
CA ASP B 417 31.47 -23.36 -21.86
C ASP B 417 31.58 -24.42 -22.95
N ASP B 418 32.80 -24.92 -23.20
CA ASP B 418 33.10 -25.93 -24.27
C ASP B 418 32.48 -27.28 -23.88
N VAL B 419 31.39 -27.69 -24.54
CA VAL B 419 30.70 -29.00 -24.31
C VAL B 419 31.67 -30.16 -24.51
N MET B 420 32.57 -30.02 -25.48
CA MET B 420 33.64 -31.01 -25.79
C MET B 420 34.50 -31.16 -24.53
N GLU B 421 35.20 -30.08 -24.16
CA GLU B 421 36.01 -30.00 -22.91
C GLU B 421 35.15 -30.50 -21.74
N ARG B 422 33.96 -29.92 -21.56
CA ARG B 422 33.01 -30.26 -20.46
C ARG B 422 32.77 -31.78 -20.43
N GLN B 423 32.53 -32.38 -21.59
CA GLN B 423 32.30 -33.85 -21.68
C GLN B 423 33.46 -34.65 -21.07
N ARG B 424 34.71 -34.23 -21.35
CA ARG B 424 35.94 -34.90 -20.86
C ARG B 424 35.93 -34.92 -19.31
N LEU B 425 35.75 -33.74 -18.69
CA LEU B 425 35.74 -33.56 -17.21
C LEU B 425 34.73 -34.50 -16.56
N ILE B 426 33.54 -34.63 -17.14
CA ILE B 426 32.47 -35.52 -16.59
C ILE B 426 32.98 -36.97 -16.51
N GLU B 427 33.71 -37.45 -17.52
CA GLU B 427 34.18 -38.87 -17.52
C GLU B 427 35.45 -38.99 -16.69
N SER B 428 36.19 -37.89 -16.51
CA SER B 428 37.43 -37.85 -15.70
C SER B 428 37.10 -38.04 -14.22
N VAL B 429 35.81 -38.20 -13.89
CA VAL B 429 35.34 -38.37 -12.49
C VAL B 429 34.86 -39.81 -12.32
N PRO B 430 35.47 -40.57 -11.38
CA PRO B 430 35.12 -41.98 -11.18
C PRO B 430 33.65 -42.19 -10.80
N ASP B 431 33.13 -43.35 -11.11
CA ASP B 431 31.73 -43.75 -10.78
C ASP B 431 31.60 -44.01 -9.28
N SER B 432 32.70 -44.35 -8.61
CA SER B 432 32.75 -44.58 -7.14
C SER B 432 32.39 -43.29 -6.38
N VAL B 433 32.89 -42.15 -6.88
CA VAL B 433 32.61 -40.78 -6.33
C VAL B 433 31.19 -40.38 -6.74
N THR B 434 30.23 -40.65 -5.85
CA THR B 434 28.80 -40.23 -5.88
C THR B 434 28.39 -39.72 -4.48
N PRO B 435 27.24 -39.00 -4.27
CA PRO B 435 26.74 -38.63 -2.94
C PRO B 435 26.52 -39.80 -1.98
N LEU B 436 26.60 -39.53 -0.66
CA LEU B 436 26.53 -40.52 0.45
C LEU B 436 25.46 -40.10 1.44
N ILE B 437 24.24 -40.65 1.34
CA ILE B 437 23.17 -40.40 2.35
C ILE B 437 23.50 -41.21 3.61
N ILE B 438 24.22 -40.60 4.55
CA ILE B 438 24.63 -41.28 5.81
C ILE B 438 23.42 -41.42 6.74
N TYR B 439 22.31 -40.74 6.50
CA TYR B 439 21.16 -40.83 7.44
C TYR B 439 19.90 -40.33 6.75
N GLU B 440 18.78 -41.02 7.02
CA GLU B 440 17.45 -40.71 6.44
C GLU B 440 16.38 -41.10 7.45
N GLU B 441 15.29 -40.33 7.51
CA GLU B 441 14.19 -40.54 8.47
C GLU B 441 12.92 -39.89 7.91
N THR B 442 11.77 -40.27 8.46
CA THR B 442 10.43 -39.81 7.96
C THR B 442 9.47 -39.74 9.14
N THR B 443 8.41 -38.96 8.99
CA THR B 443 7.39 -38.79 10.07
C THR B 443 6.09 -38.45 9.38
N ASP B 444 4.97 -38.69 10.06
CA ASP B 444 3.61 -38.38 9.56
C ASP B 444 3.19 -37.02 10.10
N ILE B 445 4.01 -36.45 10.98
CA ILE B 445 3.81 -35.07 11.51
C ILE B 445 4.73 -34.10 10.72
N TRP B 446 5.91 -33.76 11.21
CA TRP B 446 6.81 -32.87 10.44
C TRP B 446 8.20 -32.97 11.05
N ILE B 447 9.20 -32.66 10.25
CA ILE B 447 10.59 -32.47 10.73
C ILE B 447 10.75 -31.04 11.28
N ASN B 448 11.13 -30.99 12.56
CA ASN B 448 11.63 -29.79 13.29
C ASN B 448 13.15 -29.75 13.12
N ILE B 449 13.66 -28.89 12.21
CA ILE B 449 15.12 -28.65 11.97
C ILE B 449 15.76 -28.02 13.23
N HIS B 450 17.02 -28.38 13.52
CA HIS B 450 17.73 -27.99 14.75
C HIS B 450 19.22 -27.89 14.43
N ASP B 451 20.04 -27.52 15.39
CA ASP B 451 21.44 -27.14 15.09
C ASP B 451 22.38 -28.24 15.60
N ILE B 452 21.83 -29.33 16.15
CA ILE B 452 22.63 -30.45 16.69
C ILE B 452 23.08 -31.33 15.52
N PHE B 453 24.38 -31.43 15.31
CA PHE B 453 25.01 -32.37 14.37
C PHE B 453 26.51 -32.34 14.64
N HIS B 454 27.04 -33.38 15.29
CA HIS B 454 28.48 -33.46 15.65
C HIS B 454 29.07 -34.65 14.92
N VAL B 455 30.16 -34.40 14.21
CA VAL B 455 30.93 -35.42 13.44
C VAL B 455 32.24 -35.74 14.19
N PHE B 456 32.50 -37.01 14.42
CA PHE B 456 33.74 -37.49 15.08
C PHE B 456 34.85 -37.54 14.04
N PRO B 457 36.13 -37.43 14.48
CA PRO B 457 37.28 -37.66 13.60
C PRO B 457 37.11 -39.02 12.90
N GLN B 458 37.43 -39.12 11.61
CA GLN B 458 37.28 -40.40 10.87
C GLN B 458 38.33 -41.38 11.40
N SER B 459 37.91 -42.56 11.87
CA SER B 459 38.82 -43.63 12.36
C SER B 459 39.08 -44.67 11.25
N HIS B 460 38.24 -44.68 10.21
CA HIS B 460 38.26 -45.68 9.10
C HIS B 460 37.71 -45.02 7.83
N GLU B 461 38.37 -45.26 6.68
CA GLU B 461 38.07 -44.70 5.33
C GLU B 461 36.59 -44.85 4.97
N GLU B 462 35.95 -45.95 5.38
CA GLU B 462 34.56 -46.28 4.95
C GLU B 462 33.62 -46.36 6.16
N GLU B 463 33.80 -45.45 7.14
CA GLU B 463 32.87 -45.25 8.28
C GLU B 463 32.79 -43.76 8.66
N ILE B 464 31.59 -43.31 9.01
CA ILE B 464 31.43 -41.98 9.67
C ILE B 464 30.60 -42.18 10.93
N GLU B 465 31.11 -41.61 12.03
CA GLU B 465 30.49 -41.70 13.38
C GLU B 465 30.04 -40.29 13.75
N PHE B 466 28.79 -40.08 14.15
CA PHE B 466 28.26 -38.72 14.41
C PHE B 466 27.16 -38.76 15.46
N ILE B 467 26.83 -37.61 16.07
CA ILE B 467 25.65 -37.45 16.97
C ILE B 467 24.64 -36.56 16.24
N PHE B 468 23.38 -36.97 16.26
CA PHE B 468 22.25 -36.21 15.66
C PHE B 468 21.11 -36.35 16.65
N ALA B 469 20.10 -35.49 16.50
CA ALA B 469 18.94 -35.45 17.41
C ALA B 469 17.70 -35.69 16.56
N SER B 470 16.69 -36.35 17.11
CA SER B 470 15.47 -36.71 16.33
C SER B 470 14.27 -36.95 17.23
N GLU B 471 13.12 -36.59 16.71
CA GLU B 471 11.78 -36.90 17.29
C GLU B 471 11.19 -38.12 16.56
N CYS B 472 11.83 -38.60 15.49
CA CYS B 472 11.16 -39.57 14.56
C CYS B 472 10.96 -40.95 15.22
N LYS B 473 11.85 -41.38 16.12
CA LYS B 473 11.84 -42.73 16.74
C LYS B 473 10.79 -42.78 17.86
N THR B 474 10.72 -41.78 18.75
CA THR B 474 9.85 -41.86 19.95
C THR B 474 8.86 -40.70 20.04
N GLY B 475 9.00 -39.64 19.23
CA GLY B 475 8.14 -38.43 19.33
C GLY B 475 8.60 -37.43 20.38
N PHE B 476 9.83 -37.60 20.92
CA PHE B 476 10.57 -36.60 21.71
C PHE B 476 12.00 -36.52 21.15
N ARG B 477 12.54 -35.31 21.09
CA ARG B 477 13.89 -35.10 20.50
C ARG B 477 14.89 -35.75 21.45
N HIS B 478 15.68 -36.69 20.97
CA HIS B 478 16.73 -37.33 21.79
C HIS B 478 18.01 -37.40 20.98
N LEU B 479 19.14 -37.62 21.65
CA LEU B 479 20.45 -37.74 20.99
C LEU B 479 20.66 -39.20 20.57
N TYR B 480 21.18 -39.40 19.37
CA TYR B 480 21.55 -40.72 18.83
C TYR B 480 22.98 -40.63 18.34
N LYS B 481 23.83 -41.58 18.76
CA LYS B 481 25.16 -41.82 18.17
C LYS B 481 25.01 -42.86 17.07
N ILE B 482 25.37 -42.48 15.86
CA ILE B 482 25.16 -43.27 14.62
C ILE B 482 26.51 -43.48 13.96
N THR B 483 26.71 -44.67 13.40
CA THR B 483 27.87 -45.05 12.55
C THR B 483 27.27 -45.55 11.23
N SER B 484 27.66 -44.90 10.14
CA SER B 484 27.16 -45.20 8.77
C SER B 484 28.33 -45.68 7.92
N ILE B 485 28.11 -46.76 7.17
CA ILE B 485 29.13 -47.40 6.30
C ILE B 485 29.16 -46.61 4.98
N LEU B 486 30.35 -46.18 4.55
CA LEU B 486 30.57 -45.42 3.28
C LEU B 486 30.81 -46.41 2.13
N LYS B 487 29.72 -47.09 1.75
CA LYS B 487 29.60 -48.10 0.66
C LYS B 487 29.89 -47.42 -0.67
N GLU B 488 30.53 -48.13 -1.61
CA GLU B 488 30.45 -47.81 -3.06
C GLU B 488 29.00 -48.05 -3.51
N SER B 489 28.45 -47.14 -4.31
CA SER B 489 27.05 -47.20 -4.77
C SER B 489 26.84 -48.31 -5.82
N LYS B 490 25.65 -48.89 -5.87
CA LYS B 490 25.15 -49.65 -7.06
C LYS B 490 25.33 -48.75 -8.30
N TYR B 491 24.83 -47.51 -8.24
CA TYR B 491 24.68 -46.61 -9.41
C TYR B 491 26.05 -46.24 -9.98
N LYS B 492 26.14 -46.27 -11.31
CA LYS B 492 27.36 -45.97 -12.11
C LYS B 492 26.99 -44.89 -13.14
N ARG B 493 27.70 -43.76 -13.11
CA ARG B 493 27.48 -42.61 -14.02
C ARG B 493 27.78 -42.97 -15.47
N SER B 494 28.84 -43.77 -15.70
CA SER B 494 29.33 -44.24 -17.02
C SER B 494 28.18 -44.82 -17.86
N SER B 495 27.37 -45.72 -17.29
CA SER B 495 26.19 -46.36 -17.93
C SER B 495 25.16 -45.36 -18.47
N GLY B 496 25.31 -44.05 -18.22
CA GLY B 496 24.43 -43.00 -18.78
C GLY B 496 22.97 -43.13 -18.33
N GLY B 497 22.67 -43.88 -17.25
CA GLY B 497 21.32 -43.93 -16.63
C GLY B 497 21.15 -42.86 -15.56
N LEU B 498 19.98 -42.82 -14.90
CA LEU B 498 19.65 -41.93 -13.76
C LEU B 498 19.59 -42.75 -12.47
N PRO B 499 20.02 -42.20 -11.31
CA PRO B 499 20.00 -42.92 -10.02
C PRO B 499 18.58 -43.26 -9.53
N ALA B 500 18.45 -44.35 -8.77
CA ALA B 500 17.18 -44.74 -8.10
C ALA B 500 17.14 -44.12 -6.69
N PRO B 501 15.94 -43.95 -6.08
CA PRO B 501 15.83 -43.25 -4.80
C PRO B 501 16.76 -43.77 -3.69
N SER B 502 16.94 -45.09 -3.56
CA SER B 502 17.78 -45.67 -2.47
C SER B 502 19.20 -45.99 -2.97
N ASP B 503 19.61 -45.48 -4.13
CA ASP B 503 20.92 -45.87 -4.75
C ASP B 503 22.08 -45.25 -3.96
N PHE B 504 21.88 -44.05 -3.38
CA PHE B 504 22.92 -43.36 -2.59
C PHE B 504 22.78 -43.63 -1.10
N LYS B 505 21.80 -44.44 -0.68
CA LYS B 505 21.59 -44.72 0.77
C LYS B 505 22.77 -45.53 1.32
N CYS B 506 23.18 -45.22 2.56
CA CYS B 506 24.34 -45.81 3.24
C CYS B 506 23.81 -46.74 4.31
N PRO B 507 24.41 -47.93 4.48
CA PRO B 507 23.95 -48.86 5.51
C PRO B 507 24.27 -48.29 6.89
N ILE B 508 23.37 -48.52 7.86
CA ILE B 508 23.53 -48.10 9.28
C ILE B 508 24.11 -49.28 10.06
N LYS B 509 25.41 -49.22 10.34
CA LYS B 509 26.13 -50.15 11.25
C LYS B 509 25.58 -50.11 12.68
N GLU B 510 25.22 -48.95 13.22
CA GLU B 510 25.01 -48.76 14.69
C GLU B 510 24.16 -47.49 14.91
N GLU B 511 23.15 -47.55 15.77
CA GLU B 511 22.22 -46.42 16.07
C GLU B 511 21.76 -46.50 17.53
N ILE B 512 22.62 -46.02 18.43
CA ILE B 512 22.47 -46.08 19.92
C ILE B 512 21.73 -44.83 20.43
N ALA B 513 20.66 -45.01 21.16
CA ALA B 513 19.97 -43.94 21.91
C ALA B 513 20.88 -43.51 23.05
N ILE B 514 21.38 -42.26 23.01
CA ILE B 514 22.15 -41.66 24.15
C ILE B 514 21.18 -41.22 25.25
N THR B 515 19.98 -40.77 24.88
CA THR B 515 18.91 -40.28 25.79
C THR B 515 17.55 -40.85 25.35
N SER B 516 16.57 -40.83 26.24
CA SER B 516 15.20 -41.38 26.01
C SER B 516 14.31 -40.84 27.13
N GLY B 517 13.00 -40.94 27.01
CA GLY B 517 12.07 -40.45 28.04
C GLY B 517 11.01 -39.55 27.44
N GLU B 518 10.07 -39.13 28.31
CA GLU B 518 8.90 -38.28 28.05
C GLU B 518 9.30 -36.82 28.28
N TRP B 519 10.36 -36.38 27.60
CA TRP B 519 10.92 -35.01 27.68
C TRP B 519 11.85 -34.85 26.48
N GLU B 520 12.22 -33.62 26.10
CA GLU B 520 13.07 -33.35 24.89
C GLU B 520 14.40 -32.69 25.22
N VAL B 521 15.39 -33.06 24.42
CA VAL B 521 16.65 -32.32 24.18
C VAL B 521 16.34 -31.08 23.34
N LEU B 522 16.93 -29.92 23.69
CA LEU B 522 16.75 -28.63 22.96
C LEU B 522 17.85 -28.46 21.92
N GLY B 523 17.48 -28.07 20.70
CA GLY B 523 18.44 -27.90 19.59
C GLY B 523 18.25 -26.61 18.77
N ARG B 524 17.42 -25.68 19.25
CA ARG B 524 16.99 -24.44 18.53
C ARG B 524 17.28 -23.16 19.34
N HIS B 525 17.43 -22.02 18.65
CA HIS B 525 17.55 -20.65 19.25
C HIS B 525 18.76 -20.56 20.19
N GLY B 526 19.87 -21.25 19.93
CA GLY B 526 21.07 -21.23 20.79
C GLY B 526 21.31 -22.55 21.55
N SER B 527 20.26 -23.29 21.88
CA SER B 527 20.39 -24.64 22.50
C SER B 527 21.17 -25.56 21.57
N ASN B 528 22.22 -26.18 22.08
CA ASN B 528 23.08 -27.09 21.29
C ASN B 528 23.72 -28.07 22.28
N ILE B 529 24.65 -28.88 21.79
CA ILE B 529 25.41 -29.85 22.62
C ILE B 529 26.87 -29.41 22.65
N GLN B 530 27.61 -29.85 23.66
CA GLN B 530 29.08 -29.79 23.63
C GLN B 530 29.58 -31.21 23.86
N VAL B 531 30.46 -31.68 22.99
CA VAL B 531 31.04 -33.02 23.12
C VAL B 531 32.46 -32.91 23.69
N ASP B 532 32.67 -33.56 24.83
CA ASP B 532 33.99 -33.90 25.41
C ASP B 532 34.44 -35.25 24.85
N GLU B 533 35.42 -35.24 23.93
CA GLU B 533 35.93 -36.47 23.25
C GLU B 533 36.94 -37.21 24.16
N VAL B 534 37.51 -36.53 25.16
CA VAL B 534 38.48 -37.16 26.10
C VAL B 534 37.69 -38.05 27.09
N ARG B 535 36.69 -37.48 27.76
CA ARG B 535 35.87 -38.16 28.79
C ARG B 535 34.67 -38.88 28.15
N ARG B 536 34.46 -38.71 26.85
CA ARG B 536 33.35 -39.33 26.07
C ARG B 536 32.00 -38.95 26.69
N LEU B 537 31.85 -37.65 26.99
CA LEU B 537 30.60 -37.04 27.48
C LEU B 537 30.00 -36.10 26.42
N VAL B 538 28.70 -35.86 26.55
CA VAL B 538 27.97 -34.85 25.75
C VAL B 538 27.10 -34.06 26.72
N TYR B 539 27.31 -32.73 26.75
CA TYR B 539 26.45 -31.76 27.48
C TYR B 539 25.32 -31.34 26.55
N PHE B 540 24.11 -31.23 27.07
CA PHE B 540 22.90 -30.88 26.30
C PHE B 540 21.92 -30.22 27.25
N GLU B 541 20.94 -29.48 26.72
CA GLU B 541 19.86 -28.82 27.51
C GLU B 541 18.57 -29.62 27.26
N GLY B 542 17.66 -29.68 28.24
CA GLY B 542 16.43 -30.46 28.06
C GLY B 542 15.35 -30.17 29.08
N THR B 543 14.18 -30.79 28.85
CA THR B 543 12.90 -30.61 29.59
C THR B 543 12.69 -31.70 30.64
N LYS B 544 13.71 -32.54 30.88
CA LYS B 544 13.62 -33.77 31.70
C LYS B 544 12.99 -33.51 33.07
N ASP B 545 13.38 -32.44 33.74
CA ASP B 545 12.90 -32.13 35.10
C ASP B 545 11.49 -31.54 35.08
N SER B 546 11.11 -30.87 34.01
CA SER B 546 9.82 -30.12 33.94
C SER B 546 9.70 -29.51 32.57
N PRO B 547 8.50 -29.52 31.95
CA PRO B 547 8.32 -28.87 30.67
C PRO B 547 8.36 -27.35 30.82
N LEU B 548 8.46 -26.85 32.07
CA LEU B 548 8.44 -25.40 32.42
C LEU B 548 9.84 -24.81 32.68
N GLU B 549 10.87 -25.64 32.65
CA GLU B 549 12.27 -25.19 32.93
C GLU B 549 13.21 -25.93 31.97
N HIS B 550 14.12 -25.19 31.38
CA HIS B 550 15.27 -25.74 30.64
C HIS B 550 16.39 -25.99 31.65
N HIS B 551 17.06 -27.13 31.55
CA HIS B 551 18.21 -27.43 32.44
C HIS B 551 19.34 -27.98 31.58
N LEU B 552 20.55 -27.92 32.12
CA LEU B 552 21.76 -28.44 31.49
C LEU B 552 22.01 -29.80 32.11
N TYR B 553 22.38 -30.76 31.28
CA TYR B 553 22.55 -32.19 31.60
C TYR B 553 23.88 -32.64 30.99
N VAL B 554 24.47 -33.69 31.57
CA VAL B 554 25.63 -34.39 30.95
C VAL B 554 25.36 -35.89 31.05
N VAL B 555 25.87 -36.63 30.09
CA VAL B 555 25.64 -38.08 29.92
C VAL B 555 26.76 -38.61 29.05
N SER B 556 27.16 -39.86 29.23
CA SER B 556 28.17 -40.55 28.41
C SER B 556 27.51 -40.90 27.07
N TYR B 557 28.24 -40.79 25.95
CA TYR B 557 27.74 -41.22 24.63
C TYR B 557 28.27 -42.61 24.30
N VAL B 558 29.15 -43.14 25.15
CA VAL B 558 29.75 -44.50 24.92
C VAL B 558 28.91 -45.53 25.67
N ASN B 559 28.57 -45.31 26.94
CA ASN B 559 27.72 -46.31 27.63
C ASN B 559 26.56 -45.63 28.31
N PRO B 560 25.67 -44.98 27.53
CA PRO B 560 24.66 -44.10 28.10
C PRO B 560 23.91 -44.73 29.28
N GLY B 561 23.80 -43.96 30.37
CA GLY B 561 23.03 -44.34 31.55
C GLY B 561 22.49 -43.13 32.27
N GLU B 562 22.96 -42.95 33.49
CA GLU B 562 22.63 -41.79 34.36
C GLU B 562 22.80 -40.55 33.48
N VAL B 563 21.78 -39.71 33.48
CA VAL B 563 21.82 -38.32 32.95
C VAL B 563 21.97 -37.45 34.19
N THR B 564 23.03 -36.66 34.30
CA THR B 564 23.24 -35.78 35.48
C THR B 564 22.77 -34.36 35.16
N ARG B 565 21.82 -33.82 35.93
CA ARG B 565 21.43 -32.40 35.85
C ARG B 565 22.51 -31.54 36.49
N LEU B 566 22.97 -30.49 35.80
CA LEU B 566 24.08 -29.65 36.30
C LEU B 566 23.56 -28.31 36.82
N THR B 567 22.38 -27.86 36.41
CA THR B 567 21.82 -26.58 36.85
C THR B 567 20.84 -26.84 38.00
N ASP B 568 20.49 -25.84 38.79
CA ASP B 568 19.60 -26.01 39.95
C ASP B 568 18.12 -25.81 39.61
N ARG B 569 17.26 -26.57 40.29
CA ARG B 569 15.78 -26.56 40.15
C ARG B 569 15.27 -25.20 40.62
N GLY B 570 14.08 -24.78 40.14
CA GLY B 570 13.41 -23.53 40.56
C GLY B 570 13.83 -22.32 39.73
N TYR B 571 14.57 -22.56 38.64
CA TYR B 571 14.95 -21.59 37.60
C TYR B 571 14.85 -22.27 36.23
N SER B 572 14.61 -21.49 35.17
CA SER B 572 14.86 -21.93 33.78
C SER B 572 16.22 -21.39 33.36
N HIS B 573 17.02 -22.24 32.77
CA HIS B 573 18.42 -21.94 32.40
C HIS B 573 18.59 -21.95 30.86
N SER B 574 19.62 -21.26 30.45
CA SER B 574 20.04 -21.11 29.04
C SER B 574 21.57 -21.04 29.08
N CYS B 575 22.24 -22.08 28.62
CA CYS B 575 23.66 -22.30 28.95
C CYS B 575 24.52 -22.38 27.69
N CYS B 576 25.81 -22.17 27.88
CA CYS B 576 26.81 -22.73 26.97
C CYS B 576 27.95 -23.24 27.84
N ILE B 577 28.77 -24.06 27.22
CA ILE B 577 29.85 -24.83 27.85
C ILE B 577 31.15 -24.37 27.21
N SER B 578 32.19 -24.15 28.00
CA SER B 578 33.54 -23.90 27.45
C SER B 578 33.84 -24.98 26.41
N GLN B 579 34.56 -24.62 25.37
CA GLN B 579 35.15 -25.56 24.41
C GLN B 579 36.03 -26.57 25.15
N HIS B 580 36.52 -26.21 26.34
CA HIS B 580 37.55 -27.00 27.07
C HIS B 580 36.81 -27.93 28.06
N CYS B 581 35.49 -27.76 28.19
CA CYS B 581 34.57 -28.70 28.90
C CYS B 581 34.81 -28.71 30.43
N ASP B 582 35.25 -27.60 30.99
CA ASP B 582 35.63 -27.49 32.43
C ASP B 582 34.95 -26.29 33.08
N PHE B 583 33.97 -25.67 32.41
CA PHE B 583 33.21 -24.48 32.87
C PHE B 583 31.91 -24.44 32.09
N PHE B 584 30.87 -23.82 32.63
CA PHE B 584 29.63 -23.48 31.89
C PHE B 584 29.10 -22.18 32.43
N ILE B 585 28.37 -21.46 31.59
CA ILE B 585 27.67 -20.20 31.97
C ILE B 585 26.20 -20.51 31.87
N SER B 586 25.42 -20.02 32.82
CA SER B 586 23.94 -20.05 32.73
C SER B 586 23.38 -18.62 32.80
N LYS B 587 22.44 -18.32 31.91
CA LYS B 587 21.51 -17.20 32.03
C LYS B 587 20.20 -17.80 32.52
N TYR B 588 19.72 -17.36 33.67
CA TYR B 588 18.61 -18.05 34.38
C TYR B 588 17.73 -17.01 35.03
N SER B 589 16.47 -17.39 35.22
CA SER B 589 15.44 -16.54 35.83
C SER B 589 14.31 -17.45 36.30
N ASN B 590 13.38 -16.91 37.08
CA ASN B 590 12.10 -17.58 37.36
C ASN B 590 11.04 -16.50 37.48
N GLN B 591 9.79 -16.89 37.70
CA GLN B 591 8.64 -15.96 37.71
C GLN B 591 8.98 -14.75 38.60
N LYS B 592 9.64 -14.93 39.76
CA LYS B 592 9.81 -13.85 40.78
C LYS B 592 11.10 -13.06 40.52
N ASN B 593 12.10 -13.66 39.86
CA ASN B 593 13.49 -13.13 39.84
C ASN B 593 13.93 -12.81 38.42
N PRO B 594 14.29 -11.54 38.14
CA PRO B 594 14.87 -11.17 36.85
C PRO B 594 16.15 -11.95 36.55
N HIS B 595 16.50 -11.97 35.27
CA HIS B 595 17.59 -12.74 34.61
C HIS B 595 18.91 -12.43 35.29
N CYS B 596 19.75 -13.44 35.47
CA CYS B 596 21.13 -13.33 35.99
C CYS B 596 22.03 -14.19 35.10
N VAL B 597 23.32 -13.93 35.09
CA VAL B 597 24.32 -14.76 34.39
C VAL B 597 25.45 -15.08 35.36
N SER B 598 25.70 -16.37 35.59
CA SER B 598 26.73 -16.89 36.52
C SER B 598 27.57 -17.92 35.78
N LEU B 599 28.82 -18.02 36.17
CA LEU B 599 29.82 -18.99 35.68
C LEU B 599 29.99 -20.09 36.74
N TYR B 600 30.02 -21.35 36.30
CA TYR B 600 30.15 -22.55 37.16
C TYR B 600 31.35 -23.38 36.71
N LYS B 601 32.23 -23.72 37.66
CA LYS B 601 33.40 -24.58 37.35
C LYS B 601 32.91 -26.03 37.35
N LEU B 602 33.38 -26.82 36.40
CA LEU B 602 33.06 -28.25 36.25
C LEU B 602 34.26 -29.05 36.75
N SER B 603 34.02 -30.09 37.56
CA SER B 603 35.08 -31.07 37.93
C SER B 603 34.54 -32.49 37.86
N SER B 604 35.48 -33.40 38.02
CA SER B 604 35.26 -34.86 38.18
C SER B 604 35.97 -35.30 39.45
N PRO B 605 35.39 -36.23 40.25
CA PRO B 605 36.15 -36.88 41.30
C PRO B 605 37.33 -37.64 40.67
N GLU B 606 38.45 -37.67 41.37
CA GLU B 606 39.71 -38.34 40.95
C GLU B 606 39.42 -39.77 40.45
N ASP B 607 38.47 -40.49 41.05
CA ASP B 607 38.27 -41.95 40.79
C ASP B 607 37.48 -42.21 39.50
N ASP B 608 36.68 -41.26 39.03
CA ASP B 608 35.76 -41.51 37.89
C ASP B 608 35.67 -40.25 37.01
N PRO B 609 36.46 -40.18 35.91
CA PRO B 609 36.46 -39.00 35.03
C PRO B 609 35.10 -38.75 34.35
N THR B 610 34.31 -39.82 34.21
CA THR B 610 32.91 -39.90 33.69
C THR B 610 31.90 -39.09 34.50
N CYS B 611 32.18 -38.85 35.78
N CYS B 611 32.18 -38.84 35.78
CA CYS B 611 31.24 -38.20 36.73
CA CYS B 611 31.21 -38.21 36.72
C CYS B 611 31.49 -36.69 36.77
C CYS B 611 31.48 -36.70 36.82
N LYS B 612 30.44 -35.89 36.78
CA LYS B 612 30.59 -34.42 36.68
C LYS B 612 29.92 -33.79 37.88
N THR B 613 30.66 -32.89 38.53
CA THR B 613 30.15 -32.00 39.61
C THR B 613 30.34 -30.54 39.18
N LYS B 614 29.56 -29.65 39.78
CA LYS B 614 29.67 -28.22 39.44
C LYS B 614 29.82 -27.42 40.73
N GLU B 615 30.59 -26.34 40.65
CA GLU B 615 30.70 -25.34 41.73
C GLU B 615 30.52 -23.94 41.15
N PHE B 616 29.73 -23.09 41.82
CA PHE B 616 29.61 -21.63 41.55
C PHE B 616 30.98 -20.96 41.58
N TRP B 617 31.33 -20.18 40.55
CA TRP B 617 32.67 -19.53 40.44
C TRP B 617 32.55 -18.03 40.56
N ALA B 618 31.60 -17.43 39.83
CA ALA B 618 31.46 -15.95 39.72
C ALA B 618 30.17 -15.54 39.01
N THR B 619 29.72 -14.33 39.35
CA THR B 619 28.58 -13.66 38.71
C THR B 619 29.15 -12.78 37.60
N ILE B 620 28.55 -12.86 36.41
CA ILE B 620 28.85 -12.03 35.20
C ILE B 620 27.82 -10.90 35.14
N LEU B 621 26.55 -11.19 35.40
CA LEU B 621 25.48 -10.17 35.45
C LEU B 621 24.58 -10.47 36.63
N ASP B 622 24.53 -9.54 37.58
CA ASP B 622 23.56 -9.56 38.70
C ASP B 622 22.24 -8.99 38.19
N SER B 623 21.10 -9.50 38.66
CA SER B 623 19.79 -8.82 38.47
C SER B 623 19.66 -7.73 39.52
N ALA B 624 18.64 -6.88 39.43
CA ALA B 624 18.40 -5.82 40.44
C ALA B 624 17.50 -6.40 41.54
N GLY B 625 17.25 -7.72 41.50
CA GLY B 625 16.34 -8.40 42.44
C GLY B 625 14.90 -8.09 42.05
N PRO B 626 13.89 -8.62 42.78
CA PRO B 626 12.49 -8.42 42.41
C PRO B 626 12.10 -6.94 42.30
N LEU B 627 11.51 -6.57 41.16
CA LEU B 627 10.98 -5.21 40.87
C LEU B 627 9.87 -4.94 41.89
N PRO B 628 9.83 -3.76 42.53
CA PRO B 628 8.89 -3.53 43.64
C PRO B 628 7.45 -3.26 43.19
N ASP B 629 7.28 -3.03 41.89
CA ASP B 629 6.06 -2.53 41.19
C ASP B 629 5.50 -3.61 40.27
N TYR B 630 6.06 -4.82 40.31
CA TYR B 630 5.63 -5.96 39.47
C TYR B 630 5.26 -7.15 40.36
N THR B 631 4.03 -7.62 40.18
CA THR B 631 3.50 -8.83 40.86
C THR B 631 3.46 -9.96 39.84
N PRO B 632 4.26 -11.04 40.02
CA PRO B 632 4.29 -12.15 39.07
C PRO B 632 2.93 -12.81 39.02
N PRO B 633 2.62 -13.53 37.93
CA PRO B 633 1.47 -14.43 37.91
C PRO B 633 1.85 -15.73 38.62
N GLU B 634 0.88 -16.63 38.79
CA GLU B 634 1.08 -18.01 39.30
C GLU B 634 0.93 -18.97 38.12
N ILE B 635 1.79 -19.98 38.04
CA ILE B 635 1.58 -21.09 37.08
C ILE B 635 0.49 -22.01 37.64
N PHE B 636 -0.50 -22.37 36.82
CA PHE B 636 -1.54 -23.42 37.08
C PHE B 636 -1.44 -24.49 35.97
N SER B 637 -1.98 -25.68 36.24
CA SER B 637 -2.15 -26.80 35.27
C SER B 637 -3.57 -27.34 35.42
N PHE B 638 -3.98 -28.18 34.47
CA PHE B 638 -5.29 -28.87 34.48
C PHE B 638 -5.21 -30.06 33.52
N GLU B 639 -5.72 -31.20 33.97
CA GLU B 639 -5.85 -32.41 33.11
C GLU B 639 -7.00 -32.11 32.15
N SER B 640 -6.85 -32.44 30.88
CA SER B 640 -7.75 -31.95 29.81
C SER B 640 -8.40 -33.17 29.14
N THR B 641 -9.64 -33.00 28.70
CA THR B 641 -10.45 -34.04 28.02
C THR B 641 -9.66 -34.58 26.81
N THR B 642 -8.61 -33.87 26.40
CA THR B 642 -7.77 -34.18 25.21
C THR B 642 -6.69 -35.22 25.56
N GLY B 643 -6.41 -35.36 26.85
CA GLY B 643 -5.51 -36.41 27.39
C GLY B 643 -4.18 -35.88 27.85
N PHE B 644 -3.98 -34.55 27.85
CA PHE B 644 -2.71 -33.87 28.17
C PHE B 644 -2.94 -32.98 29.38
N THR B 645 -1.91 -32.82 30.21
CA THR B 645 -1.79 -31.66 31.12
C THR B 645 -1.57 -30.41 30.26
N LEU B 646 -2.33 -29.34 30.48
CA LEU B 646 -2.13 -28.02 29.82
C LEU B 646 -1.75 -27.04 30.92
N TYR B 647 -0.67 -26.28 30.72
CA TYR B 647 -0.21 -25.27 31.71
C TYR B 647 -0.70 -23.89 31.29
N GLY B 648 -0.88 -23.02 32.28
CA GLY B 648 -1.34 -21.64 32.12
C GLY B 648 -0.70 -20.71 33.13
N MET B 649 -0.89 -19.40 32.97
CA MET B 649 -0.43 -18.38 33.93
C MET B 649 -1.68 -17.60 34.30
N LEU B 650 -1.85 -17.29 35.58
CA LEU B 650 -3.01 -16.54 36.08
C LEU B 650 -2.49 -15.31 36.81
N TYR B 651 -2.94 -14.14 36.36
CA TYR B 651 -2.63 -12.84 36.99
C TYR B 651 -3.87 -12.43 37.79
N LYS B 652 -3.81 -12.58 39.10
CA LYS B 652 -4.94 -12.23 39.99
C LYS B 652 -5.02 -10.70 40.02
N PRO B 653 -6.24 -10.14 39.91
CA PRO B 653 -6.45 -8.70 40.11
C PRO B 653 -5.82 -8.25 41.42
N HIS B 654 -5.09 -7.15 41.37
CA HIS B 654 -4.51 -6.47 42.56
C HIS B 654 -5.64 -6.04 43.50
N ASP B 655 -5.33 -5.85 44.79
CA ASP B 655 -6.26 -5.36 45.84
C ASP B 655 -7.61 -6.08 45.73
N LEU B 656 -7.59 -7.39 45.44
CA LEU B 656 -8.77 -8.28 45.21
C LEU B 656 -9.81 -8.09 46.32
N GLN B 657 -11.07 -7.83 45.95
CA GLN B 657 -12.21 -7.67 46.90
C GLN B 657 -12.99 -8.98 46.99
N PRO B 658 -13.60 -9.33 48.15
CA PRO B 658 -14.35 -10.57 48.29
C PRO B 658 -15.80 -10.36 47.83
N GLY B 659 -16.41 -11.40 47.26
CA GLY B 659 -17.78 -11.37 46.70
C GLY B 659 -17.91 -10.49 45.45
N LYS B 660 -16.79 -10.16 44.79
CA LYS B 660 -16.80 -9.37 43.54
C LYS B 660 -16.17 -10.19 42.41
N LYS B 661 -16.89 -10.35 41.29
CA LYS B 661 -16.37 -11.01 40.05
C LYS B 661 -15.84 -9.93 39.09
N TYR B 662 -14.69 -10.19 38.46
CA TYR B 662 -13.85 -9.20 37.74
C TYR B 662 -13.74 -9.54 36.25
N PRO B 663 -13.61 -8.54 35.35
CA PRO B 663 -13.48 -8.80 33.92
C PRO B 663 -12.12 -9.47 33.63
N THR B 664 -12.10 -10.38 32.66
CA THR B 664 -10.97 -11.27 32.35
C THR B 664 -10.41 -10.99 30.95
N VAL B 665 -9.09 -10.92 30.83
CA VAL B 665 -8.36 -10.79 29.53
C VAL B 665 -7.47 -12.03 29.34
N LEU B 666 -7.82 -12.81 28.34
CA LEU B 666 -6.98 -13.91 27.81
C LEU B 666 -5.94 -13.31 26.87
N PHE B 667 -4.66 -13.39 27.24
CA PHE B 667 -3.56 -13.06 26.31
C PHE B 667 -3.15 -14.37 25.64
N ILE B 668 -3.01 -14.36 24.31
CA ILE B 668 -2.75 -15.61 23.54
C ILE B 668 -1.69 -15.43 22.46
N TYR B 669 -0.86 -16.45 22.31
CA TYR B 669 -0.13 -16.71 21.06
C TYR B 669 -0.73 -17.98 20.42
N GLY B 670 -0.43 -19.15 20.97
CA GLY B 670 -1.12 -20.41 20.61
C GLY B 670 -0.64 -21.10 19.34
N GLY B 671 0.45 -20.65 18.73
CA GLY B 671 0.93 -21.19 17.44
C GLY B 671 2.14 -22.08 17.68
N PRO B 672 2.59 -22.80 16.65
CA PRO B 672 3.72 -23.70 16.76
C PRO B 672 5.01 -22.92 17.10
N GLN B 673 5.99 -23.63 17.67
CA GLN B 673 7.39 -23.20 17.94
C GLN B 673 7.49 -22.20 19.11
N VAL B 674 6.42 -22.01 19.87
CA VAL B 674 6.45 -21.02 20.98
C VAL B 674 5.78 -21.63 22.21
N GLN B 675 6.34 -21.33 23.38
CA GLN B 675 5.69 -21.61 24.68
C GLN B 675 5.72 -20.34 25.52
N LEU B 676 4.55 -19.83 25.92
CA LEU B 676 4.40 -18.63 26.80
C LEU B 676 4.48 -18.99 28.28
N VAL B 677 4.07 -20.22 28.64
CA VAL B 677 3.92 -20.66 30.06
C VAL B 677 5.13 -21.52 30.44
N ASN B 678 5.99 -20.92 31.27
CA ASN B 678 7.16 -21.60 31.86
C ASN B 678 7.67 -20.77 33.03
N ASN B 679 8.65 -21.33 33.75
CA ASN B 679 9.19 -20.70 34.97
C ASN B 679 10.34 -19.75 34.58
N ARG B 680 9.99 -18.64 33.95
CA ARG B 680 10.91 -17.55 33.57
C ARG B 680 10.36 -16.20 34.01
N PHE B 681 11.23 -15.20 34.10
CA PHE B 681 10.79 -13.84 34.49
C PHE B 681 9.98 -13.28 33.32
N LYS B 682 8.75 -12.84 33.60
CA LYS B 682 7.80 -12.29 32.59
C LYS B 682 7.67 -10.77 32.76
N GLY B 683 8.45 -10.18 33.66
CA GLY B 683 8.30 -8.76 34.05
C GLY B 683 8.89 -7.76 33.07
N VAL B 684 9.57 -8.22 32.02
CA VAL B 684 10.14 -7.31 30.99
C VAL B 684 9.16 -7.29 29.80
N LYS B 685 9.19 -8.32 28.97
CA LYS B 685 8.27 -8.40 27.80
C LYS B 685 6.81 -8.25 28.23
N TYR B 686 6.34 -8.94 29.29
CA TYR B 686 4.88 -9.05 29.60
C TYR B 686 4.50 -8.21 30.84
N PHE B 687 5.28 -7.16 31.09
CA PHE B 687 5.08 -6.20 32.20
C PHE B 687 3.63 -5.70 32.25
N ARG B 688 3.05 -5.42 31.08
CA ARG B 688 1.69 -4.82 30.96
C ARG B 688 0.58 -5.82 31.29
N LEU B 689 0.86 -7.13 31.36
CA LEU B 689 -0.14 -8.10 31.89
C LEU B 689 -0.37 -7.77 33.37
N ASN B 690 0.69 -7.32 34.03
CA ASN B 690 0.70 -6.83 35.43
C ASN B 690 -0.08 -5.51 35.49
N THR B 691 0.25 -4.53 34.65
CA THR B 691 -0.54 -3.26 34.55
C THR B 691 -2.05 -3.59 34.44
N LEU B 692 -2.44 -4.54 33.62
CA LEU B 692 -3.88 -4.89 33.45
C LEU B 692 -4.45 -5.38 34.78
N ALA B 693 -3.85 -6.41 35.38
CA ALA B 693 -4.22 -6.95 36.71
C ALA B 693 -4.38 -5.78 37.70
N SER B 694 -3.44 -4.82 37.65
CA SER B 694 -3.40 -3.63 38.53
C SER B 694 -4.63 -2.74 38.31
N LEU B 695 -5.32 -2.82 37.17
CA LEU B 695 -6.52 -1.98 36.87
C LEU B 695 -7.80 -2.72 37.24
N GLY B 696 -7.71 -4.05 37.46
CA GLY B 696 -8.88 -4.87 37.81
C GLY B 696 -9.23 -5.93 36.78
N TYR B 697 -8.32 -6.28 35.88
CA TYR B 697 -8.59 -7.40 34.93
C TYR B 697 -7.94 -8.64 35.50
N VAL B 698 -8.65 -9.76 35.48
CA VAL B 698 -8.02 -11.11 35.58
C VAL B 698 -7.26 -11.30 34.27
N VAL B 699 -5.95 -11.55 34.31
CA VAL B 699 -5.23 -11.91 33.06
C VAL B 699 -4.94 -13.40 33.09
N VAL B 700 -5.12 -14.06 31.96
CA VAL B 700 -4.95 -15.52 31.80
C VAL B 700 -4.13 -15.77 30.53
N VAL B 701 -3.16 -16.67 30.62
CA VAL B 701 -2.41 -17.20 29.45
C VAL B 701 -2.46 -18.73 29.52
N ILE B 702 -2.62 -19.40 28.38
CA ILE B 702 -2.69 -20.87 28.28
C ILE B 702 -1.95 -21.35 27.03
N ASP B 703 -1.04 -22.31 27.19
CA ASP B 703 -0.37 -23.00 26.05
C ASP B 703 -1.26 -24.17 25.57
N ASN B 704 -2.09 -23.92 24.56
CA ASN B 704 -2.95 -24.96 23.90
C ASN B 704 -2.10 -25.99 23.16
N ARG B 705 -2.71 -27.10 22.77
CA ARG B 705 -2.02 -28.09 21.90
C ARG B 705 -1.49 -27.32 20.68
N GLY B 706 -0.33 -27.74 20.18
CA GLY B 706 0.38 -27.06 19.09
C GLY B 706 1.60 -26.30 19.60
N SER B 707 1.56 -25.78 20.83
CA SER B 707 2.70 -25.12 21.52
C SER B 707 3.83 -26.14 21.72
N CYS B 708 5.06 -25.68 22.02
CA CYS B 708 6.31 -26.51 21.99
C CYS B 708 6.76 -26.88 23.42
N HIS B 709 7.88 -27.61 23.50
CA HIS B 709 8.54 -28.15 24.71
C HIS B 709 7.70 -29.29 25.31
N ARG B 710 6.78 -29.88 24.55
CA ARG B 710 5.88 -30.95 25.02
C ARG B 710 5.93 -32.19 24.10
N GLY B 711 6.85 -32.24 23.15
CA GLY B 711 7.04 -33.39 22.24
C GLY B 711 6.23 -33.25 20.97
N LEU B 712 6.54 -34.09 19.97
CA LEU B 712 5.89 -34.06 18.62
C LEU B 712 4.39 -34.36 18.62
N LYS B 713 3.89 -35.26 19.46
CA LYS B 713 2.45 -35.67 19.36
C LYS B 713 1.62 -34.48 19.85
N PHE B 714 2.07 -33.83 20.92
CA PHE B 714 1.40 -32.60 21.46
C PHE B 714 1.40 -31.49 20.38
N GLU B 715 2.57 -31.25 19.79
CA GLU B 715 2.75 -30.30 18.65
C GLU B 715 1.86 -30.71 17.47
N GLY B 716 1.74 -32.01 17.17
CA GLY B 716 1.08 -32.53 15.95
C GLY B 716 -0.44 -32.46 16.00
N ALA B 717 -1.05 -32.10 17.12
CA ALA B 717 -2.52 -32.12 17.24
C ALA B 717 -3.18 -31.30 16.12
N PHE B 718 -2.60 -30.20 15.60
CA PHE B 718 -3.35 -29.31 14.65
C PHE B 718 -2.85 -29.49 13.23
N LYS B 719 -2.06 -30.52 12.95
CA LYS B 719 -1.64 -30.73 11.56
C LYS B 719 -2.90 -30.81 10.66
N TYR B 720 -2.96 -29.95 9.65
CA TYR B 720 -4.06 -29.80 8.66
C TYR B 720 -5.29 -29.06 9.26
N LYS B 721 -5.31 -28.83 10.59
CA LYS B 721 -6.52 -28.31 11.30
C LYS B 721 -6.23 -27.01 12.05
N MET B 722 -5.18 -26.26 11.68
CA MET B 722 -4.89 -24.94 12.29
C MET B 722 -6.16 -24.10 12.44
N GLY B 723 -6.37 -23.50 13.61
CA GLY B 723 -7.58 -22.72 13.94
C GLY B 723 -8.73 -23.56 14.49
N GLN B 724 -8.73 -24.88 14.26
CA GLN B 724 -9.92 -25.72 14.61
C GLN B 724 -9.85 -26.19 16.09
N ILE B 725 -8.69 -26.31 16.72
CA ILE B 725 -8.58 -26.95 18.06
C ILE B 725 -8.11 -25.99 19.15
N GLU B 726 -7.57 -24.81 18.81
CA GLU B 726 -6.80 -23.99 19.79
C GLU B 726 -7.78 -23.36 20.77
N ILE B 727 -8.90 -22.85 20.27
CA ILE B 727 -9.90 -22.17 21.14
C ILE B 727 -10.59 -23.18 22.10
N ASP B 728 -10.79 -24.45 21.75
CA ASP B 728 -11.30 -25.46 22.74
C ASP B 728 -10.44 -25.44 24.01
N ASP B 729 -9.11 -25.59 23.83
CA ASP B 729 -8.11 -25.69 24.93
C ASP B 729 -8.16 -24.40 25.76
N GLN B 730 -8.31 -23.25 25.12
CA GLN B 730 -8.32 -21.94 25.84
C GLN B 730 -9.60 -21.84 26.68
N VAL B 731 -10.72 -22.25 26.09
CA VAL B 731 -12.05 -22.19 26.77
C VAL B 731 -12.05 -23.23 27.91
N GLU B 732 -11.63 -24.49 27.64
CA GLU B 732 -11.45 -25.54 28.67
C GLU B 732 -10.69 -24.95 29.87
N GLY B 733 -9.53 -24.33 29.63
CA GLY B 733 -8.69 -23.74 30.69
C GLY B 733 -9.40 -22.64 31.44
N LEU B 734 -10.24 -21.90 30.74
CA LEU B 734 -10.94 -20.73 31.32
C LEU B 734 -12.07 -21.22 32.22
N GLN B 735 -12.78 -22.27 31.78
CA GLN B 735 -13.83 -22.92 32.58
C GLN B 735 -13.16 -23.57 33.81
N TYR B 736 -12.02 -24.27 33.65
CA TYR B 736 -11.23 -24.75 34.80
C TYR B 736 -11.05 -23.60 35.81
N LEU B 737 -10.59 -22.45 35.36
CA LEU B 737 -10.23 -21.37 36.33
C LEU B 737 -11.52 -20.88 37.01
N ALA B 738 -12.66 -20.83 36.30
CA ALA B 738 -13.84 -20.07 36.74
C ALA B 738 -14.64 -20.87 37.77
N SER B 739 -14.62 -22.20 37.67
CA SER B 739 -15.21 -23.14 38.67
C SER B 739 -14.34 -23.15 39.93
N ARG B 740 -13.02 -23.03 39.77
CA ARG B 740 -12.05 -23.01 40.89
C ARG B 740 -11.99 -21.63 41.54
N TYR B 741 -12.19 -20.54 40.78
CA TYR B 741 -12.13 -19.15 41.31
C TYR B 741 -13.40 -18.44 40.90
N ASP B 742 -14.08 -17.79 41.85
CA ASP B 742 -15.41 -17.20 41.59
C ASP B 742 -15.22 -15.70 41.34
N PHE B 743 -13.99 -15.19 41.47
CA PHE B 743 -13.67 -13.77 41.12
C PHE B 743 -13.63 -13.61 39.59
N ILE B 744 -13.63 -14.71 38.82
CA ILE B 744 -13.63 -14.67 37.33
C ILE B 744 -15.07 -14.52 36.81
N ASP B 745 -15.35 -13.35 36.23
CA ASP B 745 -16.66 -12.99 35.60
C ASP B 745 -16.63 -13.43 34.13
N LEU B 746 -17.07 -14.66 33.84
CA LEU B 746 -17.17 -15.26 32.48
C LEU B 746 -18.11 -14.47 31.55
N ASP B 747 -18.89 -13.52 32.07
CA ASP B 747 -19.79 -12.68 31.24
C ASP B 747 -18.95 -11.58 30.55
N ARG B 748 -17.72 -11.34 31.02
CA ARG B 748 -16.87 -10.20 30.60
C ARG B 748 -15.44 -10.70 30.27
N VAL B 749 -15.31 -11.52 29.22
CA VAL B 749 -14.00 -12.05 28.75
C VAL B 749 -13.56 -11.37 27.45
N GLY B 750 -12.37 -10.76 27.46
CA GLY B 750 -11.63 -10.27 26.28
C GLY B 750 -10.48 -11.21 25.90
N ILE B 751 -10.18 -11.31 24.61
CA ILE B 751 -8.97 -12.04 24.11
C ILE B 751 -8.14 -11.08 23.26
N HIS B 752 -6.82 -11.15 23.40
CA HIS B 752 -5.87 -10.28 22.66
C HIS B 752 -4.59 -11.06 22.38
N GLY B 753 -4.09 -10.94 21.17
CA GLY B 753 -2.80 -11.52 20.74
C GLY B 753 -2.28 -10.87 19.48
N TRP B 754 -1.04 -11.17 19.13
CA TRP B 754 -0.32 -10.65 17.94
C TRP B 754 0.05 -11.82 17.05
N SER B 755 -0.06 -11.67 15.75
CA SER B 755 0.44 -12.69 14.80
C SER B 755 -0.44 -13.92 14.95
N TYR B 756 0.11 -15.11 15.19
CA TYR B 756 -0.77 -16.29 15.41
C TYR B 756 -1.78 -15.92 16.52
N GLY B 757 -1.36 -15.16 17.51
CA GLY B 757 -2.26 -14.68 18.58
C GLY B 757 -3.36 -13.80 18.03
N GLY B 758 -3.03 -12.97 17.04
CA GLY B 758 -4.04 -12.14 16.37
C GLY B 758 -5.04 -13.05 15.66
N TYR B 759 -4.52 -14.03 14.92
CA TYR B 759 -5.32 -15.10 14.28
C TYR B 759 -6.27 -15.70 15.32
N LEU B 760 -5.72 -16.22 16.42
CA LEU B 760 -6.56 -17.00 17.36
C LEU B 760 -7.54 -16.03 18.04
N SER B 761 -7.18 -14.75 18.18
CA SER B 761 -8.16 -13.79 18.75
C SER B 761 -9.38 -13.73 17.83
N LEU B 762 -9.17 -13.68 16.53
CA LEU B 762 -10.27 -13.55 15.55
C LEU B 762 -11.09 -14.84 15.55
N MET B 763 -10.44 -16.00 15.38
CA MET B 763 -11.07 -17.35 15.48
C MET B 763 -11.95 -17.43 16.73
N ALA B 764 -11.49 -16.87 17.86
CA ALA B 764 -12.19 -16.93 19.15
C ALA B 764 -13.52 -16.22 18.98
N LEU B 765 -13.52 -14.97 18.50
CA LEU B 765 -14.77 -14.19 18.38
C LEU B 765 -15.69 -14.86 17.34
N MET B 766 -15.09 -15.48 16.33
CA MET B 766 -15.82 -16.11 15.23
C MET B 766 -16.49 -17.39 15.75
N GLN B 767 -15.74 -18.24 16.43
CA GLN B 767 -16.20 -19.58 16.85
C GLN B 767 -16.94 -19.52 18.19
N ARG B 768 -16.47 -18.73 19.16
CA ARG B 768 -16.97 -18.75 20.57
C ARG B 768 -17.37 -17.35 21.05
N SER B 769 -18.30 -16.77 20.31
CA SER B 769 -18.93 -15.45 20.56
C SER B 769 -19.64 -15.42 21.92
N ASP B 770 -20.09 -16.59 22.40
CA ASP B 770 -20.77 -16.76 23.73
C ASP B 770 -19.76 -16.54 24.86
N ILE B 771 -18.52 -17.01 24.67
CA ILE B 771 -17.39 -16.85 25.65
C ILE B 771 -16.77 -15.45 25.53
N PHE B 772 -16.45 -15.00 24.31
CA PHE B 772 -15.61 -13.76 24.16
C PHE B 772 -16.45 -12.55 23.74
N ARG B 773 -16.54 -11.56 24.64
CA ARG B 773 -17.19 -10.26 24.37
C ARG B 773 -16.42 -9.48 23.30
N VAL B 774 -15.08 -9.38 23.47
CA VAL B 774 -14.15 -8.57 22.62
C VAL B 774 -12.91 -9.41 22.25
N ALA B 775 -12.41 -9.15 21.05
CA ALA B 775 -11.16 -9.72 20.49
C ALA B 775 -10.37 -8.54 19.90
N ILE B 776 -9.12 -8.38 20.32
CA ILE B 776 -8.18 -7.38 19.75
C ILE B 776 -7.08 -8.16 19.05
N ALA B 777 -7.05 -8.10 17.71
CA ALA B 777 -6.12 -8.91 16.86
C ALA B 777 -5.01 -8.01 16.30
N GLY B 778 -3.77 -8.25 16.72
CA GLY B 778 -2.56 -7.60 16.22
C GLY B 778 -1.92 -8.40 15.11
N ALA B 779 -1.76 -7.80 13.93
CA ALA B 779 -1.03 -8.37 12.79
C ALA B 779 -1.48 -9.81 12.58
N PRO B 780 -2.80 -10.04 12.44
CA PRO B 780 -3.29 -11.41 12.31
C PRO B 780 -3.01 -12.01 10.94
N VAL B 781 -2.75 -13.32 10.92
CA VAL B 781 -2.92 -14.17 9.70
C VAL B 781 -4.42 -14.36 9.47
N THR B 782 -4.94 -14.00 8.31
CA THR B 782 -6.39 -14.07 7.96
C THR B 782 -6.63 -14.99 6.74
N LEU B 783 -5.59 -15.39 6.04
CA LEU B 783 -5.73 -16.17 4.80
C LEU B 783 -4.41 -16.92 4.60
N TRP B 784 -4.39 -18.22 4.88
CA TRP B 784 -3.14 -19.01 4.83
C TRP B 784 -2.55 -19.05 3.43
N ILE B 785 -3.32 -18.85 2.36
CA ILE B 785 -2.70 -18.84 0.99
C ILE B 785 -1.81 -17.59 0.82
N PHE B 786 -1.94 -16.59 1.69
CA PHE B 786 -1.12 -15.34 1.62
C PHE B 786 0.18 -15.46 2.43
N TYR B 787 0.40 -16.61 3.10
CA TYR B 787 1.61 -16.87 3.93
C TYR B 787 2.56 -17.80 3.17
N ASP B 788 3.78 -17.97 3.69
CA ASP B 788 4.93 -18.51 2.92
C ASP B 788 4.87 -20.04 2.93
N THR B 789 5.68 -20.65 2.09
CA THR B 789 5.78 -22.11 1.88
C THR B 789 6.36 -22.81 3.13
N GLY B 790 7.54 -22.36 3.56
CA GLY B 790 8.29 -23.05 4.61
C GLY B 790 7.44 -23.30 5.84
N TYR B 791 6.68 -22.30 6.30
CA TYR B 791 5.82 -22.39 7.50
C TYR B 791 4.50 -23.07 7.16
N THR B 792 3.69 -22.51 6.24
CA THR B 792 2.29 -22.99 6.05
C THR B 792 2.29 -24.47 5.64
N GLU B 793 3.15 -24.87 4.71
CA GLU B 793 3.08 -26.25 4.16
C GLU B 793 3.44 -27.24 5.27
N ARG B 794 4.33 -26.85 6.19
CA ARG B 794 4.82 -27.72 7.27
C ARG B 794 3.61 -28.17 8.08
N TYR B 795 2.73 -27.23 8.42
CA TYR B 795 1.62 -27.47 9.39
C TYR B 795 0.30 -27.75 8.67
N MET B 796 0.10 -27.28 7.44
CA MET B 796 -1.21 -27.37 6.77
C MET B 796 -1.10 -28.14 5.44
N GLY B 797 0.10 -28.54 5.04
CA GLY B 797 0.30 -29.22 3.74
C GLY B 797 0.16 -28.27 2.56
N HIS B 798 0.52 -28.74 1.36
CA HIS B 798 0.20 -28.08 0.07
C HIS B 798 -1.29 -27.76 0.06
N PRO B 799 -1.68 -26.52 -0.32
CA PRO B 799 -3.09 -26.13 -0.35
C PRO B 799 -3.97 -27.00 -1.26
N ASP B 800 -3.43 -27.53 -2.37
CA ASP B 800 -4.18 -28.41 -3.31
C ASP B 800 -4.78 -29.61 -2.53
N GLN B 801 -4.04 -30.18 -1.57
CA GLN B 801 -4.51 -31.36 -0.79
C GLN B 801 -5.18 -30.94 0.51
N ASN B 802 -5.47 -29.66 0.75
CA ASN B 802 -6.13 -29.32 2.05
C ASN B 802 -6.97 -28.05 1.87
N GLU B 803 -7.67 -27.95 0.74
CA GLU B 803 -8.67 -26.88 0.49
C GLU B 803 -9.57 -26.70 1.72
N GLN B 804 -9.94 -27.77 2.40
CA GLN B 804 -11.00 -27.67 3.44
C GLN B 804 -10.40 -27.10 4.74
N GLY B 805 -9.19 -27.51 5.10
CA GLY B 805 -8.47 -26.97 6.28
C GLY B 805 -8.01 -25.52 6.07
N TYR B 806 -7.50 -25.21 4.88
CA TYR B 806 -7.15 -23.83 4.46
C TYR B 806 -8.39 -22.96 4.55
N TYR B 807 -9.53 -23.47 4.08
CA TYR B 807 -10.82 -22.75 4.17
C TYR B 807 -11.19 -22.57 5.65
N LEU B 808 -11.24 -23.64 6.44
CA LEU B 808 -11.72 -23.52 7.84
C LEU B 808 -10.68 -22.75 8.68
N GLY B 809 -9.41 -22.75 8.26
CA GLY B 809 -8.31 -22.03 8.93
C GLY B 809 -8.21 -20.54 8.60
N SER B 810 -8.83 -20.08 7.50
CA SER B 810 -8.72 -18.71 7.01
C SER B 810 -9.93 -17.90 7.46
N VAL B 811 -9.72 -17.04 8.44
CA VAL B 811 -10.77 -16.18 9.02
C VAL B 811 -11.38 -15.32 7.89
N ALA B 812 -10.58 -14.86 6.92
CA ALA B 812 -11.03 -13.91 5.87
C ALA B 812 -12.15 -14.56 5.03
N MET B 813 -12.02 -15.86 4.82
CA MET B 813 -12.99 -16.65 4.00
C MET B 813 -14.29 -16.90 4.80
N GLN B 814 -14.37 -16.50 6.08
CA GLN B 814 -15.52 -16.79 6.97
C GLN B 814 -15.99 -15.52 7.68
N ALA B 815 -15.89 -14.37 7.00
CA ALA B 815 -16.31 -13.08 7.55
C ALA B 815 -17.74 -13.13 8.09
N GLU B 816 -18.64 -13.87 7.41
CA GLU B 816 -20.09 -13.95 7.78
C GLU B 816 -20.26 -14.41 9.24
N LYS B 817 -19.30 -15.16 9.80
CA LYS B 817 -19.41 -15.72 11.18
C LYS B 817 -19.08 -14.70 12.26
N PHE B 818 -18.58 -13.50 11.95
CA PHE B 818 -18.20 -12.51 13.00
C PHE B 818 -19.52 -11.96 13.49
N PRO B 819 -19.60 -11.30 14.66
CA PRO B 819 -20.84 -10.67 15.10
C PRO B 819 -21.36 -9.45 14.31
N SER B 820 -22.69 -9.28 14.31
CA SER B 820 -23.41 -8.08 13.77
C SER B 820 -23.70 -7.14 14.92
N GLU B 821 -22.66 -6.84 15.69
CA GLU B 821 -22.71 -5.96 16.86
C GLU B 821 -21.34 -5.30 17.02
N PRO B 822 -21.25 -3.96 16.95
CA PRO B 822 -19.94 -3.30 17.01
C PRO B 822 -19.29 -3.34 18.39
N ASN B 823 -18.10 -2.74 18.51
CA ASN B 823 -17.32 -2.62 19.75
C ASN B 823 -16.85 -4.01 20.21
N ARG B 824 -16.75 -4.98 19.31
CA ARG B 824 -16.34 -6.34 19.74
C ARG B 824 -15.08 -6.80 19.03
N LEU B 825 -14.72 -6.17 17.92
CA LEU B 825 -13.60 -6.60 17.04
C LEU B 825 -12.69 -5.40 16.81
N LEU B 826 -11.48 -5.46 17.35
CA LEU B 826 -10.43 -4.46 17.04
C LEU B 826 -9.29 -5.15 16.29
N LEU B 827 -8.96 -4.60 15.10
CA LEU B 827 -7.76 -4.99 14.30
C LEU B 827 -6.66 -3.93 14.47
N LEU B 828 -5.43 -4.37 14.66
CA LEU B 828 -4.21 -3.53 14.77
C LEU B 828 -3.20 -4.05 13.75
N HIS B 829 -2.64 -3.18 12.91
CA HIS B 829 -1.59 -3.59 11.94
C HIS B 829 -0.64 -2.45 11.60
N GLY B 830 0.66 -2.75 11.57
CA GLY B 830 1.64 -1.96 10.81
C GLY B 830 1.39 -2.09 9.31
N PHE B 831 1.54 -1.00 8.56
CA PHE B 831 1.40 -0.95 7.07
C PHE B 831 2.58 -1.68 6.38
N LEU B 832 3.80 -1.59 6.91
CA LEU B 832 5.06 -2.09 6.28
C LEU B 832 5.53 -3.37 6.98
N ASP B 833 4.59 -4.20 7.44
CA ASP B 833 4.89 -5.53 8.05
C ASP B 833 5.41 -6.47 6.94
N GLU B 834 6.55 -7.12 7.22
CA GLU B 834 7.36 -7.92 6.27
C GLU B 834 7.00 -9.40 6.45
N ASN B 835 6.52 -9.77 7.64
CA ASN B 835 6.23 -11.17 8.02
C ASN B 835 4.74 -11.46 7.72
N VAL B 836 3.84 -10.78 8.46
CA VAL B 836 2.37 -10.79 8.26
C VAL B 836 1.98 -9.51 7.53
N HIS B 837 1.99 -9.53 6.20
CA HIS B 837 1.67 -8.36 5.35
C HIS B 837 0.34 -7.75 5.77
N PHE B 838 0.22 -6.46 5.54
CA PHE B 838 -1.03 -5.69 5.65
C PHE B 838 -2.10 -6.36 4.79
N ALA B 839 -1.68 -7.05 3.72
CA ALA B 839 -2.58 -7.80 2.80
C ALA B 839 -3.57 -8.64 3.64
N HIS B 840 -3.10 -9.32 4.68
CA HIS B 840 -3.99 -10.09 5.58
C HIS B 840 -5.09 -9.20 6.16
N THR B 841 -4.74 -8.03 6.70
CA THR B 841 -5.76 -7.15 7.31
C THR B 841 -6.66 -6.58 6.22
N SER B 842 -6.13 -6.16 5.07
CA SER B 842 -6.99 -5.52 4.03
C SER B 842 -7.91 -6.57 3.41
N ILE B 843 -7.43 -7.78 3.13
CA ILE B 843 -8.35 -8.82 2.60
C ILE B 843 -9.44 -9.10 3.65
N LEU B 844 -9.11 -9.21 4.94
CA LEU B 844 -10.18 -9.39 5.97
C LEU B 844 -11.14 -8.20 5.89
N LEU B 845 -10.63 -6.97 5.84
CA LEU B 845 -11.51 -5.78 5.83
C LEU B 845 -12.48 -5.86 4.64
N SER B 846 -11.95 -6.17 3.47
CA SER B 846 -12.70 -6.37 2.20
C SER B 846 -13.88 -7.34 2.43
N PHE B 847 -13.65 -8.49 3.05
CA PHE B 847 -14.69 -9.52 3.30
C PHE B 847 -15.62 -9.11 4.46
N LEU B 848 -15.12 -8.41 5.48
CA LEU B 848 -16.01 -7.88 6.56
C LEU B 848 -17.03 -6.93 5.94
N VAL B 849 -16.57 -6.07 5.06
CA VAL B 849 -17.43 -5.09 4.34
C VAL B 849 -18.47 -5.83 3.46
N ARG B 850 -18.04 -6.80 2.65
CA ARG B 850 -18.97 -7.65 1.85
C ARG B 850 -20.07 -8.22 2.73
N ALA B 851 -19.71 -8.76 3.89
CA ALA B 851 -20.65 -9.44 4.79
C ALA B 851 -21.42 -8.42 5.63
N GLY B 852 -21.21 -7.12 5.45
CA GLY B 852 -21.91 -6.09 6.24
C GLY B 852 -21.67 -6.24 7.73
N LYS B 853 -20.44 -6.55 8.14
CA LYS B 853 -20.03 -6.69 9.57
C LYS B 853 -19.22 -5.49 10.04
N PRO B 854 -19.37 -5.06 11.31
CA PRO B 854 -18.59 -3.94 11.85
C PRO B 854 -17.21 -4.33 12.38
N TYR B 855 -16.30 -3.37 12.41
CA TYR B 855 -14.90 -3.59 12.86
C TYR B 855 -14.37 -2.23 13.31
N ASP B 856 -13.49 -2.24 14.30
CA ASP B 856 -12.61 -1.10 14.67
C ASP B 856 -11.20 -1.40 14.12
N LEU B 857 -10.48 -0.36 13.73
CA LEU B 857 -9.12 -0.49 13.15
C LEU B 857 -8.19 0.58 13.71
N GLN B 858 -6.93 0.21 13.87
CA GLN B 858 -5.84 1.15 14.19
C GLN B 858 -4.68 0.75 13.27
N ILE B 859 -4.02 1.74 12.72
CA ILE B 859 -2.81 1.58 11.88
C ILE B 859 -1.70 2.39 12.53
N TYR B 860 -0.51 1.78 12.60
CA TYR B 860 0.73 2.35 13.21
C TYR B 860 1.69 2.55 12.03
N PRO B 861 1.58 3.64 11.22
CA PRO B 861 2.16 3.64 9.87
C PRO B 861 3.70 3.69 9.79
N GLN B 862 4.40 3.84 10.92
CA GLN B 862 5.87 3.58 11.00
C GLN B 862 6.14 2.62 12.15
N VAL B 869 9.02 2.74 16.22
CA VAL B 869 9.36 3.94 17.05
C VAL B 869 8.66 3.76 18.41
N PRO B 870 9.19 4.31 19.54
CA PRO B 870 8.54 4.19 20.84
C PRO B 870 7.12 4.79 20.89
N GLU B 871 6.84 5.75 19.99
CA GLU B 871 5.59 6.55 19.92
C GLU B 871 4.41 5.64 19.53
N SER B 872 4.61 4.79 18.52
CA SER B 872 3.63 3.77 18.08
C SER B 872 3.23 2.90 19.28
N GLY B 873 4.20 2.32 19.98
CA GLY B 873 3.99 1.40 21.12
C GLY B 873 3.20 2.05 22.25
N GLU B 874 3.51 3.29 22.60
CA GLU B 874 2.74 4.03 23.64
C GLU B 874 1.29 4.20 23.16
N HIS B 875 1.05 4.50 21.88
CA HIS B 875 -0.31 4.76 21.36
C HIS B 875 -1.14 3.47 21.43
N TYR B 876 -0.51 2.34 21.08
CA TYR B 876 -1.12 0.98 21.13
C TYR B 876 -1.60 0.65 22.55
N GLU B 877 -0.69 0.75 23.52
CA GLU B 877 -0.95 0.46 24.97
C GLU B 877 -2.06 1.38 25.47
N LEU B 878 -1.95 2.68 25.16
CA LEU B 878 -3.00 3.66 25.53
C LEU B 878 -4.34 3.25 24.92
N HIS B 879 -4.34 2.94 23.63
CA HIS B 879 -5.57 2.63 22.85
C HIS B 879 -6.15 1.33 23.40
N LEU B 880 -5.29 0.34 23.66
CA LEU B 880 -5.74 -1.00 24.14
C LEU B 880 -6.38 -0.86 25.52
N LEU B 881 -5.76 -0.12 26.44
CA LEU B 881 -6.35 0.08 27.80
C LEU B 881 -7.69 0.79 27.63
N HIS B 882 -7.70 1.89 26.90
CA HIS B 882 -8.94 2.69 26.73
C HIS B 882 -10.03 1.81 26.11
N TYR B 883 -9.69 0.97 25.13
CA TYR B 883 -10.70 0.10 24.45
C TYR B 883 -11.24 -0.95 25.43
N LEU B 884 -10.37 -1.59 26.23
CA LEU B 884 -10.79 -2.62 27.24
C LEU B 884 -11.73 -1.96 28.28
N GLN B 885 -11.32 -0.81 28.80
CA GLN B 885 -12.13 0.02 29.74
C GLN B 885 -13.53 0.28 29.16
N GLU B 886 -13.60 0.92 27.98
CA GLU B 886 -14.87 1.37 27.34
C GLU B 886 -15.73 0.19 26.86
N ASN B 887 -15.15 -0.96 26.50
CA ASN B 887 -15.91 -2.04 25.79
C ASN B 887 -15.88 -3.36 26.56
N LEU B 888 -15.17 -3.44 27.70
CA LEU B 888 -15.15 -4.69 28.51
C LEU B 888 -15.36 -4.38 30.01
N GLY B 889 -14.49 -3.59 30.62
CA GLY B 889 -14.33 -3.57 32.07
C GLY B 889 -15.20 -2.53 32.74
N SER B 890 -15.36 -1.37 32.13
CA SER B 890 -15.92 -0.17 32.79
C SER B 890 -17.40 -0.41 33.11
N ARG B 891 -17.94 0.50 33.90
CA ARG B 891 -19.39 0.60 34.18
C ARG B 891 -20.12 0.87 32.85
N ILE B 892 -19.71 1.92 32.13
CA ILE B 892 -20.28 2.34 30.80
C ILE B 892 -20.27 1.16 29.81
N ALA B 893 -19.25 0.30 29.83
CA ALA B 893 -19.19 -0.90 28.97
C ALA B 893 -20.43 -1.78 29.15
N ALA B 894 -20.81 -2.05 30.40
CA ALA B 894 -21.98 -2.91 30.74
C ALA B 894 -23.29 -2.27 30.23
N LEU B 895 -23.44 -0.93 30.36
CA LEU B 895 -24.63 -0.14 29.93
C LEU B 895 -24.80 -0.20 28.40
N LYS B 896 -23.68 -0.10 27.66
CA LYS B 896 -23.60 0.02 26.17
C LYS B 896 -24.27 -1.17 25.48
N VAL B 897 -24.22 -2.38 26.03
CA VAL B 897 -24.76 -3.60 25.33
C VAL B 897 -26.14 -3.26 24.75
#